data_1LKL
# 
_entry.id   1LKL 
# 
_audit_conform.dict_name       mmcif_pdbx.dic 
_audit_conform.dict_version    5.398 
_audit_conform.dict_location   http://mmcif.pdb.org/dictionaries/ascii/mmcif_pdbx.dic 
# 
loop_
_database_2.database_id 
_database_2.database_code 
_database_2.pdbx_database_accession 
_database_2.pdbx_DOI 
PDB   1LKL         pdb_00001lkl 10.2210/pdb1lkl/pdb 
WWPDB D_1000174746 ?            ?                   
# 
loop_
_pdbx_audit_revision_history.ordinal 
_pdbx_audit_revision_history.data_content_type 
_pdbx_audit_revision_history.major_revision 
_pdbx_audit_revision_history.minor_revision 
_pdbx_audit_revision_history.revision_date 
1 'Structure model' 1 0 1996-03-08 
2 'Structure model' 1 1 2008-03-03 
3 'Structure model' 1 2 2011-07-13 
4 'Structure model' 1 3 2024-06-05 
5 'Structure model' 1 4 2024-11-06 
# 
_pdbx_audit_revision_details.ordinal             1 
_pdbx_audit_revision_details.revision_ordinal    1 
_pdbx_audit_revision_details.data_content_type   'Structure model' 
_pdbx_audit_revision_details.provider            repository 
_pdbx_audit_revision_details.type                'Initial release' 
_pdbx_audit_revision_details.description         ? 
_pdbx_audit_revision_details.details             ? 
# 
loop_
_pdbx_audit_revision_group.ordinal 
_pdbx_audit_revision_group.revision_ordinal 
_pdbx_audit_revision_group.data_content_type 
_pdbx_audit_revision_group.group 
1 2 'Structure model' 'Version format compliance' 
2 3 'Structure model' 'Version format compliance' 
3 4 'Structure model' 'Data collection'           
4 4 'Structure model' 'Database references'       
5 4 'Structure model' 'Derived calculations'      
6 4 'Structure model' Other                       
7 5 'Structure model' 'Structure summary'         
# 
loop_
_pdbx_audit_revision_category.ordinal 
_pdbx_audit_revision_category.revision_ordinal 
_pdbx_audit_revision_category.data_content_type 
_pdbx_audit_revision_category.category 
1 4 'Structure model' chem_comp_atom            
2 4 'Structure model' chem_comp_bond            
3 4 'Structure model' database_2                
4 4 'Structure model' pdbx_database_status      
5 4 'Structure model' struct_conn               
6 5 'Structure model' pdbx_entry_details        
7 5 'Structure model' pdbx_modification_feature 
# 
loop_
_pdbx_audit_revision_item.ordinal 
_pdbx_audit_revision_item.revision_ordinal 
_pdbx_audit_revision_item.data_content_type 
_pdbx_audit_revision_item.item 
1 4 'Structure model' '_database_2.pdbx_DOI'                
2 4 'Structure model' '_database_2.pdbx_database_accession' 
3 4 'Structure model' '_pdbx_database_status.process_site'  
4 4 'Structure model' '_struct_conn.pdbx_leaving_atom_flag' 
# 
_pdbx_database_status.status_code                     REL 
_pdbx_database_status.entry_id                        1LKL 
_pdbx_database_status.recvd_initial_deposition_date   1995-11-10 
_pdbx_database_status.deposit_site                    ? 
_pdbx_database_status.process_site                    BNL 
_pdbx_database_status.SG_entry                        . 
_pdbx_database_status.status_code_sf                  ? 
_pdbx_database_status.status_code_mr                  ? 
_pdbx_database_status.pdb_format_compatible           Y 
_pdbx_database_status.status_code_cs                  ? 
_pdbx_database_status.status_code_nmr_data            ? 
_pdbx_database_status.methods_development_category    ? 
# 
_audit_author.name           'Tong, L.' 
_audit_author.pdbx_ordinal   1 
# 
_citation.id                        primary 
_citation.title                     
'Crystal structures of the human p56lck SH2 domain in complex with two short phosphotyrosyl peptides at 1.0 A and 1.8 A resolution.' 
_citation.journal_abbrev            J.Mol.Biol. 
_citation.journal_volume            256 
_citation.page_first                601 
_citation.page_last                 610 
_citation.year                      1996 
_citation.journal_id_ASTM           JMOBAK 
_citation.country                   UK 
_citation.journal_id_ISSN           0022-2836 
_citation.journal_id_CSD            0070 
_citation.book_publisher            ? 
_citation.pdbx_database_id_PubMed   8604142 
_citation.pdbx_database_id_DOI      10.1006/jmbi.1996.0112 
# 
loop_
_citation_author.citation_id 
_citation_author.name 
_citation_author.ordinal 
_citation_author.identifier_ORCID 
primary 'Tong, L.'     1 ? 
primary 'Warren, T.C.' 2 ? 
primary 'King, J.'     3 ? 
primary 'Betageri, R.' 4 ? 
primary 'Rose, J.'     5 ? 
primary 'Jakes, S.'    6 ? 
# 
loop_
_entity.id 
_entity.type 
_entity.src_method 
_entity.pdbx_description 
_entity.formula_weight 
_entity.pdbx_number_of_molecules 
_entity.pdbx_ec 
_entity.pdbx_mutation 
_entity.pdbx_fragment 
_entity.details 
1 polymer man 'HUMAN P56 TYROSINE KINASE'                  11872.214 1   ? ? SH2 ? 
2 polymer man 'PHOSPHOTYROSYL PEPTIDE AC-PTYR-GLU-GLU-GLY' 602.485   1   ? ? ?   ? 
3 water   nat water                                        18.015    138 ? ? ?   ? 
# 
loop_
_entity_poly.entity_id 
_entity_poly.type 
_entity_poly.nstd_linkage 
_entity_poly.nstd_monomer 
_entity_poly.pdbx_seq_one_letter_code 
_entity_poly.pdbx_seq_one_letter_code_can 
_entity_poly.pdbx_strand_id 
_entity_poly.pdbx_target_identifier 
1 'polypeptide(L)' no no  
;EPEPWFFKNLSRKDAERQLLAPGNTHGSFLIRESESTAGSFSLSVRDFDQNQGEVVKHYKIRNLDNGGFYISPRITFPGL
HELVRHYTNASDGLCTRLSRPCQT
;
;EPEPWFFKNLSRKDAERQLLAPGNTHGSFLIRESESTAGSFSLSVRDFDQNQGEVVKHYKIRNLDNGGFYISPRITFPGL
HELVRHYTNASDGLCTRLSRPCQT
;
A ? 
2 'polypeptide(L)' no yes '(ACE)(PTR)EEG' XYEEG B ? 
# 
_pdbx_entity_nonpoly.entity_id   3 
_pdbx_entity_nonpoly.name        water 
_pdbx_entity_nonpoly.comp_id     HOH 
# 
loop_
_entity_poly_seq.entity_id 
_entity_poly_seq.num 
_entity_poly_seq.mon_id 
_entity_poly_seq.hetero 
1 1   GLU n 
1 2   PRO n 
1 3   GLU n 
1 4   PRO n 
1 5   TRP n 
1 6   PHE n 
1 7   PHE n 
1 8   LYS n 
1 9   ASN n 
1 10  LEU n 
1 11  SER n 
1 12  ARG n 
1 13  LYS n 
1 14  ASP n 
1 15  ALA n 
1 16  GLU n 
1 17  ARG n 
1 18  GLN n 
1 19  LEU n 
1 20  LEU n 
1 21  ALA n 
1 22  PRO n 
1 23  GLY n 
1 24  ASN n 
1 25  THR n 
1 26  HIS n 
1 27  GLY n 
1 28  SER n 
1 29  PHE n 
1 30  LEU n 
1 31  ILE n 
1 32  ARG n 
1 33  GLU n 
1 34  SER n 
1 35  GLU n 
1 36  SER n 
1 37  THR n 
1 38  ALA n 
1 39  GLY n 
1 40  SER n 
1 41  PHE n 
1 42  SER n 
1 43  LEU n 
1 44  SER n 
1 45  VAL n 
1 46  ARG n 
1 47  ASP n 
1 48  PHE n 
1 49  ASP n 
1 50  GLN n 
1 51  ASN n 
1 52  GLN n 
1 53  GLY n 
1 54  GLU n 
1 55  VAL n 
1 56  VAL n 
1 57  LYS n 
1 58  HIS n 
1 59  TYR n 
1 60  LYS n 
1 61  ILE n 
1 62  ARG n 
1 63  ASN n 
1 64  LEU n 
1 65  ASP n 
1 66  ASN n 
1 67  GLY n 
1 68  GLY n 
1 69  PHE n 
1 70  TYR n 
1 71  ILE n 
1 72  SER n 
1 73  PRO n 
1 74  ARG n 
1 75  ILE n 
1 76  THR n 
1 77  PHE n 
1 78  PRO n 
1 79  GLY n 
1 80  LEU n 
1 81  HIS n 
1 82  GLU n 
1 83  LEU n 
1 84  VAL n 
1 85  ARG n 
1 86  HIS n 
1 87  TYR n 
1 88  THR n 
1 89  ASN n 
1 90  ALA n 
1 91  SER n 
1 92  ASP n 
1 93  GLY n 
1 94  LEU n 
1 95  CYS n 
1 96  THR n 
1 97  ARG n 
1 98  LEU n 
1 99  SER n 
1 100 ARG n 
1 101 PRO n 
1 102 CYS n 
1 103 GLN n 
1 104 THR n 
2 1   ACE n 
2 2   PTR n 
2 3   GLU n 
2 4   GLU n 
2 5   GLY n 
# 
_entity_src_gen.entity_id                          1 
_entity_src_gen.pdbx_src_id                        1 
_entity_src_gen.pdbx_alt_source_flag               sample 
_entity_src_gen.pdbx_seq_type                      ? 
_entity_src_gen.pdbx_beg_seq_num                   ? 
_entity_src_gen.pdbx_end_seq_num                   ? 
_entity_src_gen.gene_src_common_name               human 
_entity_src_gen.gene_src_genus                     Homo 
_entity_src_gen.pdbx_gene_src_gene                 ? 
_entity_src_gen.gene_src_species                   ? 
_entity_src_gen.gene_src_strain                    ? 
_entity_src_gen.gene_src_tissue                    ? 
_entity_src_gen.gene_src_tissue_fraction           ? 
_entity_src_gen.gene_src_details                   ? 
_entity_src_gen.pdbx_gene_src_fragment             ? 
_entity_src_gen.pdbx_gene_src_scientific_name      'Homo sapiens' 
_entity_src_gen.pdbx_gene_src_ncbi_taxonomy_id     9606 
_entity_src_gen.pdbx_gene_src_variant              ? 
_entity_src_gen.pdbx_gene_src_cell_line            ? 
_entity_src_gen.pdbx_gene_src_atcc                 ? 
_entity_src_gen.pdbx_gene_src_organ                ? 
_entity_src_gen.pdbx_gene_src_organelle            ? 
_entity_src_gen.pdbx_gene_src_cell                 ? 
_entity_src_gen.pdbx_gene_src_cellular_location    ? 
_entity_src_gen.host_org_common_name               ? 
_entity_src_gen.pdbx_host_org_scientific_name      'Escherichia coli' 
_entity_src_gen.pdbx_host_org_ncbi_taxonomy_id     562 
_entity_src_gen.host_org_genus                     Escherichia 
_entity_src_gen.pdbx_host_org_gene                 ? 
_entity_src_gen.pdbx_host_org_organ                ? 
_entity_src_gen.host_org_species                   ? 
_entity_src_gen.pdbx_host_org_tissue               ? 
_entity_src_gen.pdbx_host_org_tissue_fraction      ? 
_entity_src_gen.pdbx_host_org_strain               ? 
_entity_src_gen.pdbx_host_org_variant              ? 
_entity_src_gen.pdbx_host_org_cell_line            ? 
_entity_src_gen.pdbx_host_org_atcc                 ? 
_entity_src_gen.pdbx_host_org_culture_collection   ? 
_entity_src_gen.pdbx_host_org_cell                 ? 
_entity_src_gen.pdbx_host_org_organelle            ? 
_entity_src_gen.pdbx_host_org_cellular_location    ? 
_entity_src_gen.pdbx_host_org_vector_type          ? 
_entity_src_gen.pdbx_host_org_vector               ? 
_entity_src_gen.host_org_details                   ? 
_entity_src_gen.expression_system_id               ? 
_entity_src_gen.plasmid_name                       ? 
_entity_src_gen.plasmid_details                    ? 
_entity_src_gen.pdbx_description                   ? 
# 
loop_
_chem_comp.id 
_chem_comp.type 
_chem_comp.mon_nstd_flag 
_chem_comp.name 
_chem_comp.pdbx_synonyms 
_chem_comp.formula 
_chem_comp.formula_weight 
ACE non-polymer         . 'ACETYL GROUP'    ?                 'C2 H4 O'        44.053  
ALA 'L-peptide linking' y ALANINE           ?                 'C3 H7 N O2'     89.093  
ARG 'L-peptide linking' y ARGININE          ?                 'C6 H15 N4 O2 1' 175.209 
ASN 'L-peptide linking' y ASPARAGINE        ?                 'C4 H8 N2 O3'    132.118 
ASP 'L-peptide linking' y 'ASPARTIC ACID'   ?                 'C4 H7 N O4'     133.103 
CYS 'L-peptide linking' y CYSTEINE          ?                 'C3 H7 N O2 S'   121.158 
GLN 'L-peptide linking' y GLUTAMINE         ?                 'C5 H10 N2 O3'   146.144 
GLU 'L-peptide linking' y 'GLUTAMIC ACID'   ?                 'C5 H9 N O4'     147.129 
GLY 'peptide linking'   y GLYCINE           ?                 'C2 H5 N O2'     75.067  
HIS 'L-peptide linking' y HISTIDINE         ?                 'C6 H10 N3 O2 1' 156.162 
HOH non-polymer         . WATER             ?                 'H2 O'           18.015  
ILE 'L-peptide linking' y ISOLEUCINE        ?                 'C6 H13 N O2'    131.173 
LEU 'L-peptide linking' y LEUCINE           ?                 'C6 H13 N O2'    131.173 
LYS 'L-peptide linking' y LYSINE            ?                 'C6 H15 N2 O2 1' 147.195 
PHE 'L-peptide linking' y PHENYLALANINE     ?                 'C9 H11 N O2'    165.189 
PRO 'L-peptide linking' y PROLINE           ?                 'C5 H9 N O2'     115.130 
PTR 'L-peptide linking' n O-PHOSPHOTYROSINE PHOSPHONOTYROSINE 'C9 H12 N O6 P'  261.168 
SER 'L-peptide linking' y SERINE            ?                 'C3 H7 N O3'     105.093 
THR 'L-peptide linking' y THREONINE         ?                 'C4 H9 N O3'     119.119 
TRP 'L-peptide linking' y TRYPTOPHAN        ?                 'C11 H12 N2 O2'  204.225 
TYR 'L-peptide linking' y TYROSINE          ?                 'C9 H11 N O3'    181.189 
VAL 'L-peptide linking' y VALINE            ?                 'C5 H11 N O2'    117.146 
# 
loop_
_pdbx_poly_seq_scheme.asym_id 
_pdbx_poly_seq_scheme.entity_id 
_pdbx_poly_seq_scheme.seq_id 
_pdbx_poly_seq_scheme.mon_id 
_pdbx_poly_seq_scheme.ndb_seq_num 
_pdbx_poly_seq_scheme.pdb_seq_num 
_pdbx_poly_seq_scheme.auth_seq_num 
_pdbx_poly_seq_scheme.pdb_mon_id 
_pdbx_poly_seq_scheme.auth_mon_id 
_pdbx_poly_seq_scheme.pdb_strand_id 
_pdbx_poly_seq_scheme.pdb_ins_code 
_pdbx_poly_seq_scheme.hetero 
A 1 1   GLU 1   123 123 GLU GLU A . n 
A 1 2   PRO 2   124 124 PRO PRO A . n 
A 1 3   GLU 3   125 125 GLU GLU A . n 
A 1 4   PRO 4   126 126 PRO PRO A . n 
A 1 5   TRP 5   127 127 TRP TRP A . n 
A 1 6   PHE 6   128 128 PHE PHE A . n 
A 1 7   PHE 7   129 129 PHE PHE A . n 
A 1 8   LYS 8   130 130 LYS LYS A . n 
A 1 9   ASN 9   131 131 ASN ASN A . n 
A 1 10  LEU 10  132 132 LEU LEU A . n 
A 1 11  SER 11  133 133 SER SER A . n 
A 1 12  ARG 12  134 134 ARG ARG A . n 
A 1 13  LYS 13  135 135 LYS LYS A . n 
A 1 14  ASP 14  136 136 ASP ASP A . n 
A 1 15  ALA 15  137 137 ALA ALA A . n 
A 1 16  GLU 16  138 138 GLU GLU A . n 
A 1 17  ARG 17  139 139 ARG ARG A . n 
A 1 18  GLN 18  140 140 GLN GLN A . n 
A 1 19  LEU 19  141 141 LEU LEU A . n 
A 1 20  LEU 20  142 142 LEU LEU A . n 
A 1 21  ALA 21  143 143 ALA ALA A . n 
A 1 22  PRO 22  144 144 PRO PRO A . n 
A 1 23  GLY 23  145 145 GLY GLY A . n 
A 1 24  ASN 24  146 146 ASN ASN A . n 
A 1 25  THR 25  147 147 THR THR A . n 
A 1 26  HIS 26  148 148 HIS HIS A . n 
A 1 27  GLY 27  149 149 GLY GLY A . n 
A 1 28  SER 28  150 150 SER SER A . n 
A 1 29  PHE 29  151 151 PHE PHE A . n 
A 1 30  LEU 30  152 152 LEU LEU A . n 
A 1 31  ILE 31  153 153 ILE ILE A . n 
A 1 32  ARG 32  154 154 ARG ARG A . n 
A 1 33  GLU 33  155 155 GLU GLU A . n 
A 1 34  SER 34  156 156 SER SER A . n 
A 1 35  GLU 35  157 157 GLU GLU A . n 
A 1 36  SER 36  158 158 SER SER A . n 
A 1 37  THR 37  159 159 THR THR A . n 
A 1 38  ALA 38  160 160 ALA ALA A . n 
A 1 39  GLY 39  161 161 GLY GLY A . n 
A 1 40  SER 40  162 162 SER SER A . n 
A 1 41  PHE 41  163 163 PHE PHE A . n 
A 1 42  SER 42  164 164 SER SER A . n 
A 1 43  LEU 43  165 165 LEU LEU A . n 
A 1 44  SER 44  166 166 SER SER A . n 
A 1 45  VAL 45  167 167 VAL VAL A . n 
A 1 46  ARG 46  168 168 ARG ARG A . n 
A 1 47  ASP 47  169 169 ASP ASP A . n 
A 1 48  PHE 48  170 170 PHE PHE A . n 
A 1 49  ASP 49  171 171 ASP ASP A . n 
A 1 50  GLN 50  172 172 GLN GLN A . n 
A 1 51  ASN 51  173 173 ASN ASN A . n 
A 1 52  GLN 52  174 174 GLN GLN A . n 
A 1 53  GLY 53  175 175 GLY GLY A . n 
A 1 54  GLU 54  176 176 GLU GLU A . n 
A 1 55  VAL 55  177 177 VAL VAL A . n 
A 1 56  VAL 56  178 178 VAL VAL A . n 
A 1 57  LYS 57  179 179 LYS LYS A . n 
A 1 58  HIS 58  180 180 HIS HIS A . n 
A 1 59  TYR 59  181 181 TYR TYR A . n 
A 1 60  LYS 60  182 182 LYS LYS A . n 
A 1 61  ILE 61  183 183 ILE ILE A . n 
A 1 62  ARG 62  184 184 ARG ARG A . n 
A 1 63  ASN 63  185 185 ASN ASN A . n 
A 1 64  LEU 64  186 186 LEU LEU A . n 
A 1 65  ASP 65  187 187 ASP ASP A . n 
A 1 66  ASN 66  188 188 ASN ASN A . n 
A 1 67  GLY 67  189 189 GLY GLY A . n 
A 1 68  GLY 68  190 190 GLY GLY A . n 
A 1 69  PHE 69  191 191 PHE PHE A . n 
A 1 70  TYR 70  192 192 TYR TYR A . n 
A 1 71  ILE 71  193 193 ILE ILE A . n 
A 1 72  SER 72  194 194 SER SER A . n 
A 1 73  PRO 73  195 195 PRO PRO A . n 
A 1 74  ARG 74  196 196 ARG ARG A . n 
A 1 75  ILE 75  197 197 ILE ILE A . n 
A 1 76  THR 76  198 198 THR THR A . n 
A 1 77  PHE 77  199 199 PHE PHE A . n 
A 1 78  PRO 78  200 200 PRO PRO A . n 
A 1 79  GLY 79  201 201 GLY GLY A . n 
A 1 80  LEU 80  202 202 LEU LEU A . n 
A 1 81  HIS 81  203 203 HIS HIS A . n 
A 1 82  GLU 82  204 204 GLU GLU A . n 
A 1 83  LEU 83  205 205 LEU LEU A . n 
A 1 84  VAL 84  206 206 VAL VAL A . n 
A 1 85  ARG 85  207 207 ARG ARG A . n 
A 1 86  HIS 86  208 208 HIS HIS A . n 
A 1 87  TYR 87  209 209 TYR TYR A . n 
A 1 88  THR 88  210 210 THR THR A . n 
A 1 89  ASN 89  211 211 ASN ASN A . n 
A 1 90  ALA 90  212 212 ALA ALA A . n 
A 1 91  SER 91  213 213 SER SER A . n 
A 1 92  ASP 92  214 214 ASP ASP A . n 
A 1 93  GLY 93  215 215 GLY GLY A . n 
A 1 94  LEU 94  216 216 LEU LEU A . n 
A 1 95  CYS 95  217 217 CYS CYS A . n 
A 1 96  THR 96  218 218 THR THR A . n 
A 1 97  ARG 97  219 219 ARG ARG A . n 
A 1 98  LEU 98  220 220 LEU LEU A . n 
A 1 99  SER 99  221 221 SER SER A . n 
A 1 100 ARG 100 222 222 ARG ARG A . n 
A 1 101 PRO 101 223 223 PRO PRO A . n 
A 1 102 CYS 102 224 224 CYS CYS A . n 
A 1 103 GLN 103 225 225 GLN GLN A . n 
A 1 104 THR 104 226 226 THR THR A . n 
B 2 1   ACE 1   251 251 ACE ACE B . n 
B 2 2   PTR 2   252 252 PTR PTR B . n 
B 2 3   GLU 3   253 253 GLU GLU B . n 
B 2 4   GLU 4   254 254 GLU GLU B . n 
B 2 5   GLY 5   255 255 GLY GLY B . n 
# 
loop_
_pdbx_nonpoly_scheme.asym_id 
_pdbx_nonpoly_scheme.entity_id 
_pdbx_nonpoly_scheme.mon_id 
_pdbx_nonpoly_scheme.ndb_seq_num 
_pdbx_nonpoly_scheme.pdb_seq_num 
_pdbx_nonpoly_scheme.auth_seq_num 
_pdbx_nonpoly_scheme.pdb_mon_id 
_pdbx_nonpoly_scheme.auth_mon_id 
_pdbx_nonpoly_scheme.pdb_strand_id 
_pdbx_nonpoly_scheme.pdb_ins_code 
C 3 HOH 1   301 301 HOH HOH A . 
C 3 HOH 2   302 302 HOH HOH A . 
C 3 HOH 3   303 303 HOH HOH A . 
C 3 HOH 4   304 304 HOH HOH A . 
C 3 HOH 5   305 305 HOH HOH A . 
C 3 HOH 6   306 306 HOH HOH A . 
C 3 HOH 7   307 307 HOH HOH A . 
C 3 HOH 8   308 308 HOH HOH A . 
C 3 HOH 9   309 309 HOH HOH A . 
C 3 HOH 10  310 310 HOH HOH A . 
C 3 HOH 11  311 311 HOH HOH A . 
C 3 HOH 12  313 313 HOH HOH A . 
C 3 HOH 13  314 314 HOH HOH A . 
C 3 HOH 14  315 315 HOH HOH A . 
C 3 HOH 15  317 317 HOH HOH A . 
C 3 HOH 16  318 318 HOH HOH A . 
C 3 HOH 17  319 319 HOH HOH A . 
C 3 HOH 18  320 320 HOH HOH A . 
C 3 HOH 19  321 321 HOH HOH A . 
C 3 HOH 20  322 322 HOH HOH A . 
C 3 HOH 21  324 324 HOH HOH A . 
C 3 HOH 22  325 325 HOH HOH A . 
C 3 HOH 23  326 326 HOH HOH A . 
C 3 HOH 24  327 327 HOH HOH A . 
C 3 HOH 25  329 329 HOH HOH A . 
C 3 HOH 26  330 330 HOH HOH A . 
C 3 HOH 27  331 331 HOH HOH A . 
C 3 HOH 28  332 332 HOH HOH A . 
C 3 HOH 29  333 333 HOH HOH A . 
C 3 HOH 30  334 334 HOH HOH A . 
C 3 HOH 31  335 335 HOH HOH A . 
C 3 HOH 32  336 336 HOH HOH A . 
C 3 HOH 33  337 337 HOH HOH A . 
C 3 HOH 34  338 338 HOH HOH A . 
C 3 HOH 35  339 339 HOH HOH A . 
C 3 HOH 36  340 340 HOH HOH A . 
C 3 HOH 37  341 341 HOH HOH A . 
C 3 HOH 38  342 342 HOH HOH A . 
C 3 HOH 39  343 343 HOH HOH A . 
C 3 HOH 40  345 345 HOH HOH A . 
C 3 HOH 41  346 346 HOH HOH A . 
C 3 HOH 42  347 347 HOH HOH A . 
C 3 HOH 43  348 348 HOH HOH A . 
C 3 HOH 44  349 349 HOH HOH A . 
C 3 HOH 45  350 350 HOH HOH A . 
C 3 HOH 46  351 351 HOH HOH A . 
C 3 HOH 47  352 352 HOH HOH A . 
C 3 HOH 48  353 353 HOH HOH A . 
C 3 HOH 49  354 354 HOH HOH A . 
C 3 HOH 50  355 355 HOH HOH A . 
C 3 HOH 51  356 356 HOH HOH A . 
C 3 HOH 52  357 357 HOH HOH A . 
C 3 HOH 53  358 358 HOH HOH A . 
C 3 HOH 54  359 359 HOH HOH A . 
C 3 HOH 55  360 360 HOH HOH A . 
C 3 HOH 56  361 361 HOH HOH A . 
C 3 HOH 57  362 362 HOH HOH A . 
C 3 HOH 58  364 364 HOH HOH A . 
C 3 HOH 59  365 365 HOH HOH A . 
C 3 HOH 60  366 366 HOH HOH A . 
C 3 HOH 61  367 367 HOH HOH A . 
C 3 HOH 62  368 368 HOH HOH A . 
C 3 HOH 63  369 369 HOH HOH A . 
C 3 HOH 64  370 370 HOH HOH A . 
C 3 HOH 65  371 371 HOH HOH A . 
C 3 HOH 66  372 372 HOH HOH A . 
C 3 HOH 67  373 373 HOH HOH A . 
C 3 HOH 68  374 374 HOH HOH A . 
C 3 HOH 69  375 375 HOH HOH A . 
C 3 HOH 70  376 376 HOH HOH A . 
C 3 HOH 71  377 377 HOH HOH A . 
C 3 HOH 72  378 378 HOH HOH A . 
C 3 HOH 73  379 379 HOH HOH A . 
C 3 HOH 74  380 380 HOH HOH A . 
C 3 HOH 75  382 382 HOH HOH A . 
C 3 HOH 76  383 383 HOH HOH A . 
C 3 HOH 77  384 384 HOH HOH A . 
C 3 HOH 78  385 385 HOH HOH A . 
C 3 HOH 79  386 386 HOH HOH A . 
C 3 HOH 80  387 387 HOH HOH A . 
C 3 HOH 81  389 389 HOH HOH A . 
C 3 HOH 82  390 390 HOH HOH A . 
C 3 HOH 83  391 391 HOH HOH A . 
C 3 HOH 84  392 392 HOH HOH A . 
C 3 HOH 85  393 393 HOH HOH A . 
C 3 HOH 86  394 394 HOH HOH A . 
C 3 HOH 87  395 395 HOH HOH A . 
C 3 HOH 88  396 396 HOH HOH A . 
C 3 HOH 89  398 398 HOH HOH A . 
C 3 HOH 90  399 399 HOH HOH A . 
C 3 HOH 91  400 400 HOH HOH A . 
C 3 HOH 92  401 401 HOH HOH A . 
C 3 HOH 93  402 402 HOH HOH A . 
C 3 HOH 94  403 403 HOH HOH A . 
C 3 HOH 95  404 404 HOH HOH A . 
C 3 HOH 96  405 405 HOH HOH A . 
C 3 HOH 97  406 406 HOH HOH A . 
C 3 HOH 98  407 407 HOH HOH A . 
C 3 HOH 99  408 408 HOH HOH A . 
C 3 HOH 100 409 409 HOH HOH A . 
C 3 HOH 101 410 410 HOH HOH A . 
C 3 HOH 102 411 411 HOH HOH A . 
C 3 HOH 103 413 413 HOH HOH A . 
C 3 HOH 104 414 414 HOH HOH A . 
C 3 HOH 105 415 415 HOH HOH A . 
C 3 HOH 106 416 416 HOH HOH A . 
C 3 HOH 107 417 417 HOH HOH A . 
C 3 HOH 108 418 418 HOH HOH A . 
C 3 HOH 109 419 419 HOH HOH A . 
C 3 HOH 110 420 420 HOH HOH A . 
C 3 HOH 111 421 421 HOH HOH A . 
C 3 HOH 112 422 422 HOH HOH A . 
C 3 HOH 113 423 423 HOH HOH A . 
C 3 HOH 114 424 424 HOH HOH A . 
C 3 HOH 115 425 425 HOH HOH A . 
C 3 HOH 116 426 426 HOH HOH A . 
C 3 HOH 117 427 427 HOH HOH A . 
C 3 HOH 118 428 428 HOH HOH A . 
C 3 HOH 119 429 429 HOH HOH A . 
C 3 HOH 120 430 430 HOH HOH A . 
C 3 HOH 121 431 431 HOH HOH A . 
C 3 HOH 122 432 432 HOH HOH A . 
C 3 HOH 123 433 433 HOH HOH A . 
C 3 HOH 124 434 434 HOH HOH A . 
C 3 HOH 125 435 435 HOH HOH A . 
C 3 HOH 126 436 436 HOH HOH A . 
C 3 HOH 127 437 437 HOH HOH A . 
C 3 HOH 128 438 438 HOH HOH A . 
D 3 HOH 1   312 312 HOH HOH B . 
D 3 HOH 2   316 316 HOH HOH B . 
D 3 HOH 3   323 323 HOH HOH B . 
D 3 HOH 4   328 328 HOH HOH B . 
D 3 HOH 5   344 344 HOH HOH B . 
D 3 HOH 6   363 363 HOH HOH B . 
D 3 HOH 7   381 381 HOH HOH B . 
D 3 HOH 8   388 388 HOH HOH B . 
D 3 HOH 9   397 397 HOH HOH B . 
D 3 HOH 10  412 412 HOH HOH B . 
# 
loop_
_software.name 
_software.classification 
_software.version 
_software.citation_id 
_software.pdbx_ordinal 
X-PLOR 'model building' . ? 1 
X-PLOR refinement       . ? 2 
X-PLOR phasing          . ? 3 
# 
_cell.entry_id           1LKL 
_cell.length_a           81.850 
_cell.length_b           45.150 
_cell.length_c           26.690 
_cell.angle_alpha        90.00 
_cell.angle_beta         90.00 
_cell.angle_gamma        90.00 
_cell.Z_PDB              4 
_cell.pdbx_unique_axis   ? 
_cell.length_a_esd       ? 
_cell.length_b_esd       ? 
_cell.length_c_esd       ? 
_cell.angle_alpha_esd    ? 
_cell.angle_beta_esd     ? 
_cell.angle_gamma_esd    ? 
# 
_symmetry.entry_id                         1LKL 
_symmetry.space_group_name_H-M             'P 21 21 21' 
_symmetry.pdbx_full_space_group_name_H-M   ? 
_symmetry.cell_setting                     ? 
_symmetry.Int_Tables_number                19 
_symmetry.space_group_name_Hall            ? 
# 
_exptl.entry_id          1LKL 
_exptl.method            'X-RAY DIFFRACTION' 
_exptl.crystals_number   ? 
# 
_exptl_crystal.id                    1 
_exptl_crystal.density_meas          ? 
_exptl_crystal.density_Matthews      1.99 
_exptl_crystal.density_percent_sol   38.15 
_exptl_crystal.description           ? 
_exptl_crystal.F_000                 ? 
_exptl_crystal.preparation           ? 
# 
_diffrn.id                     1 
_diffrn.ambient_temp           ? 
_diffrn.ambient_temp_details   ? 
_diffrn.crystal_id             1 
# 
_diffrn_radiation.diffrn_id                        1 
_diffrn_radiation.wavelength_id                    1 
_diffrn_radiation.pdbx_monochromatic_or_laue_m_l   ? 
_diffrn_radiation.monochromator                    ? 
_diffrn_radiation.pdbx_diffrn_protocol             ? 
_diffrn_radiation.pdbx_scattering_type             x-ray 
# 
_diffrn_radiation_wavelength.id           1 
_diffrn_radiation_wavelength.wavelength   . 
_diffrn_radiation_wavelength.wt           1.0 
# 
_refine.entry_id                                 1LKL 
_refine.ls_number_reflns_obs                     9173 
_refine.ls_number_reflns_all                     ? 
_refine.pdbx_ls_sigma_I                          ? 
_refine.pdbx_ls_sigma_F                          2.0 
_refine.pdbx_data_cutoff_high_absF               ? 
_refine.pdbx_data_cutoff_low_absF                ? 
_refine.pdbx_data_cutoff_high_rms_absF           ? 
_refine.ls_d_res_low                             6.0 
_refine.ls_d_res_high                            1.8 
_refine.ls_percent_reflns_obs                    ? 
_refine.ls_R_factor_obs                          0.1890000 
_refine.ls_R_factor_all                          ? 
_refine.ls_R_factor_R_work                       0.1890000 
_refine.ls_R_factor_R_free                       ? 
_refine.ls_R_factor_R_free_error                 ? 
_refine.ls_R_factor_R_free_error_details         ? 
_refine.ls_percent_reflns_R_free                 ? 
_refine.ls_number_reflns_R_free                  ? 
_refine.ls_number_parameters                     ? 
_refine.ls_number_restraints                     ? 
_refine.occupancy_min                            ? 
_refine.occupancy_max                            ? 
_refine.B_iso_mean                               ? 
_refine.aniso_B[1][1]                            ? 
_refine.aniso_B[2][2]                            ? 
_refine.aniso_B[3][3]                            ? 
_refine.aniso_B[1][2]                            ? 
_refine.aniso_B[1][3]                            ? 
_refine.aniso_B[2][3]                            ? 
_refine.solvent_model_details                    ? 
_refine.solvent_model_param_ksol                 ? 
_refine.solvent_model_param_bsol                 ? 
_refine.pdbx_ls_cross_valid_method               ? 
_refine.details                                  ? 
_refine.pdbx_starting_model                      ? 
_refine.pdbx_method_to_determine_struct          ? 
_refine.pdbx_isotropic_thermal_model             ? 
_refine.pdbx_stereochemistry_target_values       ? 
_refine.pdbx_stereochem_target_val_spec_case     ? 
_refine.pdbx_R_Free_selection_details            ? 
_refine.pdbx_overall_ESU_R                       ? 
_refine.pdbx_overall_ESU_R_Free                  ? 
_refine.overall_SU_ML                            ? 
_refine.overall_SU_B                             ? 
_refine.pdbx_refine_id                           'X-RAY DIFFRACTION' 
_refine.ls_redundancy_reflns_obs                 ? 
_refine.pdbx_overall_phase_error                 ? 
_refine.B_iso_min                                ? 
_refine.B_iso_max                                ? 
_refine.correlation_coeff_Fo_to_Fc               ? 
_refine.correlation_coeff_Fo_to_Fc_free          ? 
_refine.pdbx_solvent_vdw_probe_radii             ? 
_refine.pdbx_solvent_ion_probe_radii             ? 
_refine.pdbx_solvent_shrinkage_radii             ? 
_refine.overall_SU_R_Cruickshank_DPI             ? 
_refine.overall_SU_R_free                        ? 
_refine.ls_wR_factor_R_free                      ? 
_refine.ls_wR_factor_R_work                      ? 
_refine.overall_FOM_free_R_set                   ? 
_refine.overall_FOM_work_R_set                   ? 
_refine.pdbx_diffrn_id                           1 
_refine.pdbx_TLS_residual_ADP_flag               ? 
_refine.pdbx_overall_SU_R_free_Cruickshank_DPI   ? 
_refine.pdbx_overall_SU_R_Blow_DPI               ? 
_refine.pdbx_overall_SU_R_free_Blow_DPI          ? 
# 
_refine_hist.pdbx_refine_id                   'X-RAY DIFFRACTION' 
_refine_hist.cycle_id                         LAST 
_refine_hist.pdbx_number_atoms_protein        880 
_refine_hist.pdbx_number_atoms_nucleic_acid   0 
_refine_hist.pdbx_number_atoms_ligand         0 
_refine_hist.number_atoms_solvent             138 
_refine_hist.number_atoms_total               1018 
_refine_hist.d_res_high                       1.8 
_refine_hist.d_res_low                        6.0 
# 
loop_
_refine_ls_restr.type 
_refine_ls_restr.dev_ideal 
_refine_ls_restr.dev_ideal_target 
_refine_ls_restr.weight 
_refine_ls_restr.number 
_refine_ls_restr.pdbx_refine_id 
_refine_ls_restr.pdbx_restraint_function 
x_bond_d                0.009 ? ? ? 'X-RAY DIFFRACTION' ? 
x_bond_d_na             ?     ? ? ? 'X-RAY DIFFRACTION' ? 
x_bond_d_prot           ?     ? ? ? 'X-RAY DIFFRACTION' ? 
x_angle_d               ?     ? ? ? 'X-RAY DIFFRACTION' ? 
x_angle_d_na            ?     ? ? ? 'X-RAY DIFFRACTION' ? 
x_angle_d_prot          ?     ? ? ? 'X-RAY DIFFRACTION' ? 
x_angle_deg             1.5   ? ? ? 'X-RAY DIFFRACTION' ? 
x_angle_deg_na          ?     ? ? ? 'X-RAY DIFFRACTION' ? 
x_angle_deg_prot        ?     ? ? ? 'X-RAY DIFFRACTION' ? 
x_dihedral_angle_d      ?     ? ? ? 'X-RAY DIFFRACTION' ? 
x_dihedral_angle_d_na   ?     ? ? ? 'X-RAY DIFFRACTION' ? 
x_dihedral_angle_d_prot ?     ? ? ? 'X-RAY DIFFRACTION' ? 
x_improper_angle_d      ?     ? ? ? 'X-RAY DIFFRACTION' ? 
x_improper_angle_d_na   ?     ? ? ? 'X-RAY DIFFRACTION' ? 
x_improper_angle_d_prot ?     ? ? ? 'X-RAY DIFFRACTION' ? 
x_mcbond_it             ?     ? ? ? 'X-RAY DIFFRACTION' ? 
x_mcangle_it            ?     ? ? ? 'X-RAY DIFFRACTION' ? 
x_scbond_it             ?     ? ? ? 'X-RAY DIFFRACTION' ? 
x_scangle_it            ?     ? ? ? 'X-RAY DIFFRACTION' ? 
# 
_struct.entry_id                  1LKL 
_struct.title                     
'HUMAN P56-LCK TYROSINE KINASE SH2 DOMAIN IN COMPLEX WITH THE PHOSPHOTYROSYL PEPTIDE AC-PTYR-GLU-GLU-GLY (PYEEG PEPTIDE)' 
_struct.pdbx_model_details        ? 
_struct.pdbx_CASP_flag            ? 
_struct.pdbx_model_type_details   ? 
# 
_struct_keywords.entry_id        1LKL 
_struct_keywords.pdbx_keywords   'COMPLEX (TYROSINE KINASE/PEPTIDE)' 
_struct_keywords.text            'COMPLEX (TYROSINE KINASE-PEPTIDE), COMPLEX (TYROSINE KINASE-PEPTIDE) complex' 
# 
loop_
_struct_asym.id 
_struct_asym.pdbx_blank_PDB_chainid_flag 
_struct_asym.pdbx_modified 
_struct_asym.entity_id 
_struct_asym.details 
A N N 1 ? 
B N N 2 ? 
C N N 3 ? 
D N N 3 ? 
# 
loop_
_struct_ref.id 
_struct_ref.db_name 
_struct_ref.db_code 
_struct_ref.entity_id 
_struct_ref.pdbx_db_accession 
_struct_ref.pdbx_align_begin 
_struct_ref.pdbx_seq_one_letter_code 
_struct_ref.pdbx_db_isoform 
1 UNP LCK_HUMAN 1 P06239 1 
;GCGCSSHPEDDWMENIDVCENCHYPIVPLDGKGTLLIRNGSEVRDPLVTYEGSNPPASPLQDNLVIALHSYEPSHDGDLG
FEKGEQLRILEQSGEWWKAQSLTTGQEGFIPFNFVAKANSLEPEPWFFKNLSRKDAERQLLAPGNTHGSFLIRESESTAG
SFSLSVRDFDQNQGEVVKHYKIRNLDNGGFYISPRITFPGLHELVRHYTNASDGLCTRLSRPCQTQKPQKPWWEDEWEVP
RETLKLVERLGAGQFGEVWMGYYNGHTKVAVKSLKQGSMSPDAFLAEANLMKQLQHQRLVRLYAVVTQEPIYIITEYMEN
GSLVDFLKTPSGIKLTINKLLDMAAQIAEGMAFIEERNYIHRDLRAANILVSDTLSCKIADFGLARLIEDNEYTAREGAK
FPIKWTAPEAINYGTFTIKSDVWSFGILLTEIVTHGRIPYPGMTNPEVIQNLERGYRMVRPDNCPEELYQLMRLCWKERP
EDRPTFDYLRSVLEDFFTATEGQYQPQP
;
? 
2 PDB 1LKL      2 1LKL   ? ? ? 
# 
loop_
_struct_ref_seq.align_id 
_struct_ref_seq.ref_id 
_struct_ref_seq.pdbx_PDB_id_code 
_struct_ref_seq.pdbx_strand_id 
_struct_ref_seq.seq_align_beg 
_struct_ref_seq.pdbx_seq_align_beg_ins_code 
_struct_ref_seq.seq_align_end 
_struct_ref_seq.pdbx_seq_align_end_ins_code 
_struct_ref_seq.pdbx_db_accession 
_struct_ref_seq.db_align_beg 
_struct_ref_seq.pdbx_db_align_beg_ins_code 
_struct_ref_seq.db_align_end 
_struct_ref_seq.pdbx_db_align_end_ins_code 
_struct_ref_seq.pdbx_auth_seq_align_beg 
_struct_ref_seq.pdbx_auth_seq_align_end 
1 1 1LKL A 1 ? 104 ? P06239 122 ? 225 ? 123 226 
2 2 1LKL B 1 ? 5   ? 1LKL   251 ? 255 ? 251 255 
# 
_pdbx_struct_assembly.id                   1 
_pdbx_struct_assembly.details              author_and_software_defined_assembly 
_pdbx_struct_assembly.method_details       PISA 
_pdbx_struct_assembly.oligomeric_details   dimeric 
_pdbx_struct_assembly.oligomeric_count     2 
# 
loop_
_pdbx_struct_assembly_prop.biol_id 
_pdbx_struct_assembly_prop.type 
_pdbx_struct_assembly_prop.value 
_pdbx_struct_assembly_prop.details 
1 'ABSA (A^2)' 1080 ? 
1 MORE         -4   ? 
1 'SSA (A^2)'  6140 ? 
# 
_pdbx_struct_assembly_gen.assembly_id       1 
_pdbx_struct_assembly_gen.oper_expression   1 
_pdbx_struct_assembly_gen.asym_id_list      A,B,C,D 
# 
_pdbx_struct_oper_list.id                   1 
_pdbx_struct_oper_list.type                 'identity operation' 
_pdbx_struct_oper_list.name                 1_555 
_pdbx_struct_oper_list.symmetry_operation   x,y,z 
_pdbx_struct_oper_list.matrix[1][1]         1.0000000000 
_pdbx_struct_oper_list.matrix[1][2]         0.0000000000 
_pdbx_struct_oper_list.matrix[1][3]         0.0000000000 
_pdbx_struct_oper_list.vector[1]            0.0000000000 
_pdbx_struct_oper_list.matrix[2][1]         0.0000000000 
_pdbx_struct_oper_list.matrix[2][2]         1.0000000000 
_pdbx_struct_oper_list.matrix[2][3]         0.0000000000 
_pdbx_struct_oper_list.vector[2]            0.0000000000 
_pdbx_struct_oper_list.matrix[3][1]         0.0000000000 
_pdbx_struct_oper_list.matrix[3][2]         0.0000000000 
_pdbx_struct_oper_list.matrix[3][3]         1.0000000000 
_pdbx_struct_oper_list.vector[3]            0.0000000000 
# 
_struct_biol.id        1 
_struct_biol.details   ? 
# 
loop_
_struct_conf.conf_type_id 
_struct_conf.id 
_struct_conf.pdbx_PDB_helix_id 
_struct_conf.beg_label_comp_id 
_struct_conf.beg_label_asym_id 
_struct_conf.beg_label_seq_id 
_struct_conf.pdbx_beg_PDB_ins_code 
_struct_conf.end_label_comp_id 
_struct_conf.end_label_asym_id 
_struct_conf.end_label_seq_id 
_struct_conf.pdbx_end_PDB_ins_code 
_struct_conf.beg_auth_comp_id 
_struct_conf.beg_auth_asym_id 
_struct_conf.beg_auth_seq_id 
_struct_conf.end_auth_comp_id 
_struct_conf.end_auth_asym_id 
_struct_conf.end_auth_seq_id 
_struct_conf.pdbx_PDB_helix_class 
_struct_conf.details 
_struct_conf.pdbx_PDB_helix_length 
HELX_P HELX_P1 1 ARG A 12 ? LEU A 19 ? ARG A 134 LEU A 141 1 ? 8  
HELX_P HELX_P2 2 LEU A 80 ? ASN A 89 ? LEU A 202 ASN A 211 1 ? 10 
# 
_struct_conf_type.id          HELX_P 
_struct_conf_type.criteria    ? 
_struct_conf_type.reference   ? 
# 
loop_
_struct_conn.id 
_struct_conn.conn_type_id 
_struct_conn.pdbx_leaving_atom_flag 
_struct_conn.pdbx_PDB_id 
_struct_conn.ptnr1_label_asym_id 
_struct_conn.ptnr1_label_comp_id 
_struct_conn.ptnr1_label_seq_id 
_struct_conn.ptnr1_label_atom_id 
_struct_conn.pdbx_ptnr1_label_alt_id 
_struct_conn.pdbx_ptnr1_PDB_ins_code 
_struct_conn.pdbx_ptnr1_standard_comp_id 
_struct_conn.ptnr1_symmetry 
_struct_conn.ptnr2_label_asym_id 
_struct_conn.ptnr2_label_comp_id 
_struct_conn.ptnr2_label_seq_id 
_struct_conn.ptnr2_label_atom_id 
_struct_conn.pdbx_ptnr2_label_alt_id 
_struct_conn.pdbx_ptnr2_PDB_ins_code 
_struct_conn.ptnr1_auth_asym_id 
_struct_conn.ptnr1_auth_comp_id 
_struct_conn.ptnr1_auth_seq_id 
_struct_conn.ptnr2_auth_asym_id 
_struct_conn.ptnr2_auth_comp_id 
_struct_conn.ptnr2_auth_seq_id 
_struct_conn.ptnr2_symmetry 
_struct_conn.pdbx_ptnr3_label_atom_id 
_struct_conn.pdbx_ptnr3_label_seq_id 
_struct_conn.pdbx_ptnr3_label_comp_id 
_struct_conn.pdbx_ptnr3_label_asym_id 
_struct_conn.pdbx_ptnr3_label_alt_id 
_struct_conn.pdbx_ptnr3_PDB_ins_code 
_struct_conn.details 
_struct_conn.pdbx_dist_value 
_struct_conn.pdbx_value_order 
_struct_conn.pdbx_role 
covale1 covale both ? B ACE 1 C ? ? ? 1_555 B PTR 2 N ? ? B ACE 251 B PTR 252 1_555 ? ? ? ? ? ? ? 1.327 ? ? 
covale2 covale both ? B PTR 2 C ? ? ? 1_555 B GLU 3 N ? ? B PTR 252 B GLU 253 1_555 ? ? ? ? ? ? ? 1.325 ? ? 
# 
_struct_conn_type.id          covale 
_struct_conn_type.criteria    ? 
_struct_conn_type.reference   ? 
# 
loop_
_pdbx_modification_feature.ordinal 
_pdbx_modification_feature.label_comp_id 
_pdbx_modification_feature.label_asym_id 
_pdbx_modification_feature.label_seq_id 
_pdbx_modification_feature.label_alt_id 
_pdbx_modification_feature.modified_residue_label_comp_id 
_pdbx_modification_feature.modified_residue_label_asym_id 
_pdbx_modification_feature.modified_residue_label_seq_id 
_pdbx_modification_feature.modified_residue_label_alt_id 
_pdbx_modification_feature.auth_comp_id 
_pdbx_modification_feature.auth_asym_id 
_pdbx_modification_feature.auth_seq_id 
_pdbx_modification_feature.PDB_ins_code 
_pdbx_modification_feature.symmetry 
_pdbx_modification_feature.modified_residue_auth_comp_id 
_pdbx_modification_feature.modified_residue_auth_asym_id 
_pdbx_modification_feature.modified_residue_auth_seq_id 
_pdbx_modification_feature.modified_residue_PDB_ins_code 
_pdbx_modification_feature.modified_residue_symmetry 
_pdbx_modification_feature.comp_id_linking_atom 
_pdbx_modification_feature.modified_residue_id_linking_atom 
_pdbx_modification_feature.modified_residue_id 
_pdbx_modification_feature.ref_pcm_id 
_pdbx_modification_feature.ref_comp_id 
_pdbx_modification_feature.type 
_pdbx_modification_feature.category 
1 PTR B 2 ? .   . . . PTR B 252 ? 1_555 .   . .   . .     . . TYR 1  PTR Phosphorylation 'Named protein modification' 
2 ACE B 1 ? PTR B 2 ? ACE B 251 ? 1_555 PTR B 252 ? 1_555 . . PTR 42 ACE None            'Terminal acetylation'       
# 
_struct_sheet.id               A 
_struct_sheet.type             ? 
_struct_sheet.number_strands   3 
_struct_sheet.details          ? 
# 
loop_
_struct_sheet_order.sheet_id 
_struct_sheet_order.range_id_1 
_struct_sheet_order.range_id_2 
_struct_sheet_order.offset 
_struct_sheet_order.sense 
A 1 2 ? anti-parallel 
A 2 3 ? anti-parallel 
# 
loop_
_struct_sheet_range.sheet_id 
_struct_sheet_range.id 
_struct_sheet_range.beg_label_comp_id 
_struct_sheet_range.beg_label_asym_id 
_struct_sheet_range.beg_label_seq_id 
_struct_sheet_range.pdbx_beg_PDB_ins_code 
_struct_sheet_range.end_label_comp_id 
_struct_sheet_range.end_label_asym_id 
_struct_sheet_range.end_label_seq_id 
_struct_sheet_range.pdbx_end_PDB_ins_code 
_struct_sheet_range.beg_auth_comp_id 
_struct_sheet_range.beg_auth_asym_id 
_struct_sheet_range.beg_auth_seq_id 
_struct_sheet_range.end_auth_comp_id 
_struct_sheet_range.end_auth_asym_id 
_struct_sheet_range.end_auth_seq_id 
A 1 PHE A 29 ? GLU A 33 ? PHE A 151 GLU A 155 
A 2 PHE A 41 ? ASP A 49 ? PHE A 163 ASP A 171 
A 3 GLY A 53 ? ILE A 61 ? GLY A 175 ILE A 183 
# 
loop_
_pdbx_struct_sheet_hbond.sheet_id 
_pdbx_struct_sheet_hbond.range_id_1 
_pdbx_struct_sheet_hbond.range_id_2 
_pdbx_struct_sheet_hbond.range_1_label_atom_id 
_pdbx_struct_sheet_hbond.range_1_label_comp_id 
_pdbx_struct_sheet_hbond.range_1_label_asym_id 
_pdbx_struct_sheet_hbond.range_1_label_seq_id 
_pdbx_struct_sheet_hbond.range_1_PDB_ins_code 
_pdbx_struct_sheet_hbond.range_1_auth_atom_id 
_pdbx_struct_sheet_hbond.range_1_auth_comp_id 
_pdbx_struct_sheet_hbond.range_1_auth_asym_id 
_pdbx_struct_sheet_hbond.range_1_auth_seq_id 
_pdbx_struct_sheet_hbond.range_2_label_atom_id 
_pdbx_struct_sheet_hbond.range_2_label_comp_id 
_pdbx_struct_sheet_hbond.range_2_label_asym_id 
_pdbx_struct_sheet_hbond.range_2_label_seq_id 
_pdbx_struct_sheet_hbond.range_2_PDB_ins_code 
_pdbx_struct_sheet_hbond.range_2_auth_atom_id 
_pdbx_struct_sheet_hbond.range_2_auth_comp_id 
_pdbx_struct_sheet_hbond.range_2_auth_asym_id 
_pdbx_struct_sheet_hbond.range_2_auth_seq_id 
A 1 2 O LEU A 30 ? O LEU A 152 N SER A 44 ? N SER A 166 
A 2 3 O PHE A 41 ? O PHE A 163 N ILE A 61 ? N ILE A 183 
# 
_pdbx_entry_details.entry_id                   1LKL 
_pdbx_entry_details.compound_details           ? 
_pdbx_entry_details.source_details             ? 
_pdbx_entry_details.nonpolymer_details         ? 
_pdbx_entry_details.sequence_details           ? 
_pdbx_entry_details.has_ligand_of_interest     ? 
_pdbx_entry_details.has_protein_modification   Y 
# 
loop_
_pdbx_validate_torsion.id 
_pdbx_validate_torsion.PDB_model_num 
_pdbx_validate_torsion.auth_comp_id 
_pdbx_validate_torsion.auth_asym_id 
_pdbx_validate_torsion.auth_seq_id 
_pdbx_validate_torsion.PDB_ins_code 
_pdbx_validate_torsion.label_alt_id 
_pdbx_validate_torsion.phi 
_pdbx_validate_torsion.psi 
1 1 ASP A 214 ? ? 33.76   54.30  
2 1 SER A 221 ? ? -101.08 -91.40 
# 
_pdbx_struct_mod_residue.id               1 
_pdbx_struct_mod_residue.label_asym_id    B 
_pdbx_struct_mod_residue.label_comp_id    PTR 
_pdbx_struct_mod_residue.label_seq_id     2 
_pdbx_struct_mod_residue.auth_asym_id     B 
_pdbx_struct_mod_residue.auth_comp_id     PTR 
_pdbx_struct_mod_residue.auth_seq_id      252 
_pdbx_struct_mod_residue.PDB_ins_code     ? 
_pdbx_struct_mod_residue.parent_comp_id   TYR 
_pdbx_struct_mod_residue.details          O-PHOSPHOTYROSINE 
# 
loop_
_chem_comp_atom.comp_id 
_chem_comp_atom.atom_id 
_chem_comp_atom.type_symbol 
_chem_comp_atom.pdbx_aromatic_flag 
_chem_comp_atom.pdbx_stereo_config 
_chem_comp_atom.pdbx_ordinal 
ACE C    C N N 1   
ACE O    O N N 2   
ACE CH3  C N N 3   
ACE H    H N N 4   
ACE H1   H N N 5   
ACE H2   H N N 6   
ACE H3   H N N 7   
ALA N    N N N 8   
ALA CA   C N S 9   
ALA C    C N N 10  
ALA O    O N N 11  
ALA CB   C N N 12  
ALA OXT  O N N 13  
ALA H    H N N 14  
ALA H2   H N N 15  
ALA HA   H N N 16  
ALA HB1  H N N 17  
ALA HB2  H N N 18  
ALA HB3  H N N 19  
ALA HXT  H N N 20  
ARG N    N N N 21  
ARG CA   C N S 22  
ARG C    C N N 23  
ARG O    O N N 24  
ARG CB   C N N 25  
ARG CG   C N N 26  
ARG CD   C N N 27  
ARG NE   N N N 28  
ARG CZ   C N N 29  
ARG NH1  N N N 30  
ARG NH2  N N N 31  
ARG OXT  O N N 32  
ARG H    H N N 33  
ARG H2   H N N 34  
ARG HA   H N N 35  
ARG HB2  H N N 36  
ARG HB3  H N N 37  
ARG HG2  H N N 38  
ARG HG3  H N N 39  
ARG HD2  H N N 40  
ARG HD3  H N N 41  
ARG HE   H N N 42  
ARG HH11 H N N 43  
ARG HH12 H N N 44  
ARG HH21 H N N 45  
ARG HH22 H N N 46  
ARG HXT  H N N 47  
ASN N    N N N 48  
ASN CA   C N S 49  
ASN C    C N N 50  
ASN O    O N N 51  
ASN CB   C N N 52  
ASN CG   C N N 53  
ASN OD1  O N N 54  
ASN ND2  N N N 55  
ASN OXT  O N N 56  
ASN H    H N N 57  
ASN H2   H N N 58  
ASN HA   H N N 59  
ASN HB2  H N N 60  
ASN HB3  H N N 61  
ASN HD21 H N N 62  
ASN HD22 H N N 63  
ASN HXT  H N N 64  
ASP N    N N N 65  
ASP CA   C N S 66  
ASP C    C N N 67  
ASP O    O N N 68  
ASP CB   C N N 69  
ASP CG   C N N 70  
ASP OD1  O N N 71  
ASP OD2  O N N 72  
ASP OXT  O N N 73  
ASP H    H N N 74  
ASP H2   H N N 75  
ASP HA   H N N 76  
ASP HB2  H N N 77  
ASP HB3  H N N 78  
ASP HD2  H N N 79  
ASP HXT  H N N 80  
CYS N    N N N 81  
CYS CA   C N R 82  
CYS C    C N N 83  
CYS O    O N N 84  
CYS CB   C N N 85  
CYS SG   S N N 86  
CYS OXT  O N N 87  
CYS H    H N N 88  
CYS H2   H N N 89  
CYS HA   H N N 90  
CYS HB2  H N N 91  
CYS HB3  H N N 92  
CYS HG   H N N 93  
CYS HXT  H N N 94  
GLN N    N N N 95  
GLN CA   C N S 96  
GLN C    C N N 97  
GLN O    O N N 98  
GLN CB   C N N 99  
GLN CG   C N N 100 
GLN CD   C N N 101 
GLN OE1  O N N 102 
GLN NE2  N N N 103 
GLN OXT  O N N 104 
GLN H    H N N 105 
GLN H2   H N N 106 
GLN HA   H N N 107 
GLN HB2  H N N 108 
GLN HB3  H N N 109 
GLN HG2  H N N 110 
GLN HG3  H N N 111 
GLN HE21 H N N 112 
GLN HE22 H N N 113 
GLN HXT  H N N 114 
GLU N    N N N 115 
GLU CA   C N S 116 
GLU C    C N N 117 
GLU O    O N N 118 
GLU CB   C N N 119 
GLU CG   C N N 120 
GLU CD   C N N 121 
GLU OE1  O N N 122 
GLU OE2  O N N 123 
GLU OXT  O N N 124 
GLU H    H N N 125 
GLU H2   H N N 126 
GLU HA   H N N 127 
GLU HB2  H N N 128 
GLU HB3  H N N 129 
GLU HG2  H N N 130 
GLU HG3  H N N 131 
GLU HE2  H N N 132 
GLU HXT  H N N 133 
GLY N    N N N 134 
GLY CA   C N N 135 
GLY C    C N N 136 
GLY O    O N N 137 
GLY OXT  O N N 138 
GLY H    H N N 139 
GLY H2   H N N 140 
GLY HA2  H N N 141 
GLY HA3  H N N 142 
GLY HXT  H N N 143 
HIS N    N N N 144 
HIS CA   C N S 145 
HIS C    C N N 146 
HIS O    O N N 147 
HIS CB   C N N 148 
HIS CG   C Y N 149 
HIS ND1  N Y N 150 
HIS CD2  C Y N 151 
HIS CE1  C Y N 152 
HIS NE2  N Y N 153 
HIS OXT  O N N 154 
HIS H    H N N 155 
HIS H2   H N N 156 
HIS HA   H N N 157 
HIS HB2  H N N 158 
HIS HB3  H N N 159 
HIS HD1  H N N 160 
HIS HD2  H N N 161 
HIS HE1  H N N 162 
HIS HE2  H N N 163 
HIS HXT  H N N 164 
HOH O    O N N 165 
HOH H1   H N N 166 
HOH H2   H N N 167 
ILE N    N N N 168 
ILE CA   C N S 169 
ILE C    C N N 170 
ILE O    O N N 171 
ILE CB   C N S 172 
ILE CG1  C N N 173 
ILE CG2  C N N 174 
ILE CD1  C N N 175 
ILE OXT  O N N 176 
ILE H    H N N 177 
ILE H2   H N N 178 
ILE HA   H N N 179 
ILE HB   H N N 180 
ILE HG12 H N N 181 
ILE HG13 H N N 182 
ILE HG21 H N N 183 
ILE HG22 H N N 184 
ILE HG23 H N N 185 
ILE HD11 H N N 186 
ILE HD12 H N N 187 
ILE HD13 H N N 188 
ILE HXT  H N N 189 
LEU N    N N N 190 
LEU CA   C N S 191 
LEU C    C N N 192 
LEU O    O N N 193 
LEU CB   C N N 194 
LEU CG   C N N 195 
LEU CD1  C N N 196 
LEU CD2  C N N 197 
LEU OXT  O N N 198 
LEU H    H N N 199 
LEU H2   H N N 200 
LEU HA   H N N 201 
LEU HB2  H N N 202 
LEU HB3  H N N 203 
LEU HG   H N N 204 
LEU HD11 H N N 205 
LEU HD12 H N N 206 
LEU HD13 H N N 207 
LEU HD21 H N N 208 
LEU HD22 H N N 209 
LEU HD23 H N N 210 
LEU HXT  H N N 211 
LYS N    N N N 212 
LYS CA   C N S 213 
LYS C    C N N 214 
LYS O    O N N 215 
LYS CB   C N N 216 
LYS CG   C N N 217 
LYS CD   C N N 218 
LYS CE   C N N 219 
LYS NZ   N N N 220 
LYS OXT  O N N 221 
LYS H    H N N 222 
LYS H2   H N N 223 
LYS HA   H N N 224 
LYS HB2  H N N 225 
LYS HB3  H N N 226 
LYS HG2  H N N 227 
LYS HG3  H N N 228 
LYS HD2  H N N 229 
LYS HD3  H N N 230 
LYS HE2  H N N 231 
LYS HE3  H N N 232 
LYS HZ1  H N N 233 
LYS HZ2  H N N 234 
LYS HZ3  H N N 235 
LYS HXT  H N N 236 
PHE N    N N N 237 
PHE CA   C N S 238 
PHE C    C N N 239 
PHE O    O N N 240 
PHE CB   C N N 241 
PHE CG   C Y N 242 
PHE CD1  C Y N 243 
PHE CD2  C Y N 244 
PHE CE1  C Y N 245 
PHE CE2  C Y N 246 
PHE CZ   C Y N 247 
PHE OXT  O N N 248 
PHE H    H N N 249 
PHE H2   H N N 250 
PHE HA   H N N 251 
PHE HB2  H N N 252 
PHE HB3  H N N 253 
PHE HD1  H N N 254 
PHE HD2  H N N 255 
PHE HE1  H N N 256 
PHE HE2  H N N 257 
PHE HZ   H N N 258 
PHE HXT  H N N 259 
PRO N    N N N 260 
PRO CA   C N S 261 
PRO C    C N N 262 
PRO O    O N N 263 
PRO CB   C N N 264 
PRO CG   C N N 265 
PRO CD   C N N 266 
PRO OXT  O N N 267 
PRO H    H N N 268 
PRO HA   H N N 269 
PRO HB2  H N N 270 
PRO HB3  H N N 271 
PRO HG2  H N N 272 
PRO HG3  H N N 273 
PRO HD2  H N N 274 
PRO HD3  H N N 275 
PRO HXT  H N N 276 
PTR N    N N N 277 
PTR CA   C N S 278 
PTR C    C N N 279 
PTR O    O N N 280 
PTR OXT  O N N 281 
PTR CB   C N N 282 
PTR CG   C Y N 283 
PTR CD1  C Y N 284 
PTR CD2  C Y N 285 
PTR CE1  C Y N 286 
PTR CE2  C Y N 287 
PTR CZ   C Y N 288 
PTR OH   O N N 289 
PTR P    P N N 290 
PTR O1P  O N N 291 
PTR O2P  O N N 292 
PTR O3P  O N N 293 
PTR H    H N N 294 
PTR H2   H N N 295 
PTR HA   H N N 296 
PTR HXT  H N N 297 
PTR HB2  H N N 298 
PTR HB3  H N N 299 
PTR HD1  H N N 300 
PTR HD2  H N N 301 
PTR HE1  H N N 302 
PTR HE2  H N N 303 
PTR HO2P H N N 304 
PTR HO3P H N N 305 
SER N    N N N 306 
SER CA   C N S 307 
SER C    C N N 308 
SER O    O N N 309 
SER CB   C N N 310 
SER OG   O N N 311 
SER OXT  O N N 312 
SER H    H N N 313 
SER H2   H N N 314 
SER HA   H N N 315 
SER HB2  H N N 316 
SER HB3  H N N 317 
SER HG   H N N 318 
SER HXT  H N N 319 
THR N    N N N 320 
THR CA   C N S 321 
THR C    C N N 322 
THR O    O N N 323 
THR CB   C N R 324 
THR OG1  O N N 325 
THR CG2  C N N 326 
THR OXT  O N N 327 
THR H    H N N 328 
THR H2   H N N 329 
THR HA   H N N 330 
THR HB   H N N 331 
THR HG1  H N N 332 
THR HG21 H N N 333 
THR HG22 H N N 334 
THR HG23 H N N 335 
THR HXT  H N N 336 
TRP N    N N N 337 
TRP CA   C N S 338 
TRP C    C N N 339 
TRP O    O N N 340 
TRP CB   C N N 341 
TRP CG   C Y N 342 
TRP CD1  C Y N 343 
TRP CD2  C Y N 344 
TRP NE1  N Y N 345 
TRP CE2  C Y N 346 
TRP CE3  C Y N 347 
TRP CZ2  C Y N 348 
TRP CZ3  C Y N 349 
TRP CH2  C Y N 350 
TRP OXT  O N N 351 
TRP H    H N N 352 
TRP H2   H N N 353 
TRP HA   H N N 354 
TRP HB2  H N N 355 
TRP HB3  H N N 356 
TRP HD1  H N N 357 
TRP HE1  H N N 358 
TRP HE3  H N N 359 
TRP HZ2  H N N 360 
TRP HZ3  H N N 361 
TRP HH2  H N N 362 
TRP HXT  H N N 363 
TYR N    N N N 364 
TYR CA   C N S 365 
TYR C    C N N 366 
TYR O    O N N 367 
TYR CB   C N N 368 
TYR CG   C Y N 369 
TYR CD1  C Y N 370 
TYR CD2  C Y N 371 
TYR CE1  C Y N 372 
TYR CE2  C Y N 373 
TYR CZ   C Y N 374 
TYR OH   O N N 375 
TYR OXT  O N N 376 
TYR H    H N N 377 
TYR H2   H N N 378 
TYR HA   H N N 379 
TYR HB2  H N N 380 
TYR HB3  H N N 381 
TYR HD1  H N N 382 
TYR HD2  H N N 383 
TYR HE1  H N N 384 
TYR HE2  H N N 385 
TYR HH   H N N 386 
TYR HXT  H N N 387 
VAL N    N N N 388 
VAL CA   C N S 389 
VAL C    C N N 390 
VAL O    O N N 391 
VAL CB   C N N 392 
VAL CG1  C N N 393 
VAL CG2  C N N 394 
VAL OXT  O N N 395 
VAL H    H N N 396 
VAL H2   H N N 397 
VAL HA   H N N 398 
VAL HB   H N N 399 
VAL HG11 H N N 400 
VAL HG12 H N N 401 
VAL HG13 H N N 402 
VAL HG21 H N N 403 
VAL HG22 H N N 404 
VAL HG23 H N N 405 
VAL HXT  H N N 406 
# 
loop_
_chem_comp_bond.comp_id 
_chem_comp_bond.atom_id_1 
_chem_comp_bond.atom_id_2 
_chem_comp_bond.value_order 
_chem_comp_bond.pdbx_aromatic_flag 
_chem_comp_bond.pdbx_stereo_config 
_chem_comp_bond.pdbx_ordinal 
ACE C   O    doub N N 1   
ACE C   CH3  sing N N 2   
ACE C   H    sing N N 3   
ACE CH3 H1   sing N N 4   
ACE CH3 H2   sing N N 5   
ACE CH3 H3   sing N N 6   
ALA N   CA   sing N N 7   
ALA N   H    sing N N 8   
ALA N   H2   sing N N 9   
ALA CA  C    sing N N 10  
ALA CA  CB   sing N N 11  
ALA CA  HA   sing N N 12  
ALA C   O    doub N N 13  
ALA C   OXT  sing N N 14  
ALA CB  HB1  sing N N 15  
ALA CB  HB2  sing N N 16  
ALA CB  HB3  sing N N 17  
ALA OXT HXT  sing N N 18  
ARG N   CA   sing N N 19  
ARG N   H    sing N N 20  
ARG N   H2   sing N N 21  
ARG CA  C    sing N N 22  
ARG CA  CB   sing N N 23  
ARG CA  HA   sing N N 24  
ARG C   O    doub N N 25  
ARG C   OXT  sing N N 26  
ARG CB  CG   sing N N 27  
ARG CB  HB2  sing N N 28  
ARG CB  HB3  sing N N 29  
ARG CG  CD   sing N N 30  
ARG CG  HG2  sing N N 31  
ARG CG  HG3  sing N N 32  
ARG CD  NE   sing N N 33  
ARG CD  HD2  sing N N 34  
ARG CD  HD3  sing N N 35  
ARG NE  CZ   sing N N 36  
ARG NE  HE   sing N N 37  
ARG CZ  NH1  sing N N 38  
ARG CZ  NH2  doub N N 39  
ARG NH1 HH11 sing N N 40  
ARG NH1 HH12 sing N N 41  
ARG NH2 HH21 sing N N 42  
ARG NH2 HH22 sing N N 43  
ARG OXT HXT  sing N N 44  
ASN N   CA   sing N N 45  
ASN N   H    sing N N 46  
ASN N   H2   sing N N 47  
ASN CA  C    sing N N 48  
ASN CA  CB   sing N N 49  
ASN CA  HA   sing N N 50  
ASN C   O    doub N N 51  
ASN C   OXT  sing N N 52  
ASN CB  CG   sing N N 53  
ASN CB  HB2  sing N N 54  
ASN CB  HB3  sing N N 55  
ASN CG  OD1  doub N N 56  
ASN CG  ND2  sing N N 57  
ASN ND2 HD21 sing N N 58  
ASN ND2 HD22 sing N N 59  
ASN OXT HXT  sing N N 60  
ASP N   CA   sing N N 61  
ASP N   H    sing N N 62  
ASP N   H2   sing N N 63  
ASP CA  C    sing N N 64  
ASP CA  CB   sing N N 65  
ASP CA  HA   sing N N 66  
ASP C   O    doub N N 67  
ASP C   OXT  sing N N 68  
ASP CB  CG   sing N N 69  
ASP CB  HB2  sing N N 70  
ASP CB  HB3  sing N N 71  
ASP CG  OD1  doub N N 72  
ASP CG  OD2  sing N N 73  
ASP OD2 HD2  sing N N 74  
ASP OXT HXT  sing N N 75  
CYS N   CA   sing N N 76  
CYS N   H    sing N N 77  
CYS N   H2   sing N N 78  
CYS CA  C    sing N N 79  
CYS CA  CB   sing N N 80  
CYS CA  HA   sing N N 81  
CYS C   O    doub N N 82  
CYS C   OXT  sing N N 83  
CYS CB  SG   sing N N 84  
CYS CB  HB2  sing N N 85  
CYS CB  HB3  sing N N 86  
CYS SG  HG   sing N N 87  
CYS OXT HXT  sing N N 88  
GLN N   CA   sing N N 89  
GLN N   H    sing N N 90  
GLN N   H2   sing N N 91  
GLN CA  C    sing N N 92  
GLN CA  CB   sing N N 93  
GLN CA  HA   sing N N 94  
GLN C   O    doub N N 95  
GLN C   OXT  sing N N 96  
GLN CB  CG   sing N N 97  
GLN CB  HB2  sing N N 98  
GLN CB  HB3  sing N N 99  
GLN CG  CD   sing N N 100 
GLN CG  HG2  sing N N 101 
GLN CG  HG3  sing N N 102 
GLN CD  OE1  doub N N 103 
GLN CD  NE2  sing N N 104 
GLN NE2 HE21 sing N N 105 
GLN NE2 HE22 sing N N 106 
GLN OXT HXT  sing N N 107 
GLU N   CA   sing N N 108 
GLU N   H    sing N N 109 
GLU N   H2   sing N N 110 
GLU CA  C    sing N N 111 
GLU CA  CB   sing N N 112 
GLU CA  HA   sing N N 113 
GLU C   O    doub N N 114 
GLU C   OXT  sing N N 115 
GLU CB  CG   sing N N 116 
GLU CB  HB2  sing N N 117 
GLU CB  HB3  sing N N 118 
GLU CG  CD   sing N N 119 
GLU CG  HG2  sing N N 120 
GLU CG  HG3  sing N N 121 
GLU CD  OE1  doub N N 122 
GLU CD  OE2  sing N N 123 
GLU OE2 HE2  sing N N 124 
GLU OXT HXT  sing N N 125 
GLY N   CA   sing N N 126 
GLY N   H    sing N N 127 
GLY N   H2   sing N N 128 
GLY CA  C    sing N N 129 
GLY CA  HA2  sing N N 130 
GLY CA  HA3  sing N N 131 
GLY C   O    doub N N 132 
GLY C   OXT  sing N N 133 
GLY OXT HXT  sing N N 134 
HIS N   CA   sing N N 135 
HIS N   H    sing N N 136 
HIS N   H2   sing N N 137 
HIS CA  C    sing N N 138 
HIS CA  CB   sing N N 139 
HIS CA  HA   sing N N 140 
HIS C   O    doub N N 141 
HIS C   OXT  sing N N 142 
HIS CB  CG   sing N N 143 
HIS CB  HB2  sing N N 144 
HIS CB  HB3  sing N N 145 
HIS CG  ND1  sing Y N 146 
HIS CG  CD2  doub Y N 147 
HIS ND1 CE1  doub Y N 148 
HIS ND1 HD1  sing N N 149 
HIS CD2 NE2  sing Y N 150 
HIS CD2 HD2  sing N N 151 
HIS CE1 NE2  sing Y N 152 
HIS CE1 HE1  sing N N 153 
HIS NE2 HE2  sing N N 154 
HIS OXT HXT  sing N N 155 
HOH O   H1   sing N N 156 
HOH O   H2   sing N N 157 
ILE N   CA   sing N N 158 
ILE N   H    sing N N 159 
ILE N   H2   sing N N 160 
ILE CA  C    sing N N 161 
ILE CA  CB   sing N N 162 
ILE CA  HA   sing N N 163 
ILE C   O    doub N N 164 
ILE C   OXT  sing N N 165 
ILE CB  CG1  sing N N 166 
ILE CB  CG2  sing N N 167 
ILE CB  HB   sing N N 168 
ILE CG1 CD1  sing N N 169 
ILE CG1 HG12 sing N N 170 
ILE CG1 HG13 sing N N 171 
ILE CG2 HG21 sing N N 172 
ILE CG2 HG22 sing N N 173 
ILE CG2 HG23 sing N N 174 
ILE CD1 HD11 sing N N 175 
ILE CD1 HD12 sing N N 176 
ILE CD1 HD13 sing N N 177 
ILE OXT HXT  sing N N 178 
LEU N   CA   sing N N 179 
LEU N   H    sing N N 180 
LEU N   H2   sing N N 181 
LEU CA  C    sing N N 182 
LEU CA  CB   sing N N 183 
LEU CA  HA   sing N N 184 
LEU C   O    doub N N 185 
LEU C   OXT  sing N N 186 
LEU CB  CG   sing N N 187 
LEU CB  HB2  sing N N 188 
LEU CB  HB3  sing N N 189 
LEU CG  CD1  sing N N 190 
LEU CG  CD2  sing N N 191 
LEU CG  HG   sing N N 192 
LEU CD1 HD11 sing N N 193 
LEU CD1 HD12 sing N N 194 
LEU CD1 HD13 sing N N 195 
LEU CD2 HD21 sing N N 196 
LEU CD2 HD22 sing N N 197 
LEU CD2 HD23 sing N N 198 
LEU OXT HXT  sing N N 199 
LYS N   CA   sing N N 200 
LYS N   H    sing N N 201 
LYS N   H2   sing N N 202 
LYS CA  C    sing N N 203 
LYS CA  CB   sing N N 204 
LYS CA  HA   sing N N 205 
LYS C   O    doub N N 206 
LYS C   OXT  sing N N 207 
LYS CB  CG   sing N N 208 
LYS CB  HB2  sing N N 209 
LYS CB  HB3  sing N N 210 
LYS CG  CD   sing N N 211 
LYS CG  HG2  sing N N 212 
LYS CG  HG3  sing N N 213 
LYS CD  CE   sing N N 214 
LYS CD  HD2  sing N N 215 
LYS CD  HD3  sing N N 216 
LYS CE  NZ   sing N N 217 
LYS CE  HE2  sing N N 218 
LYS CE  HE3  sing N N 219 
LYS NZ  HZ1  sing N N 220 
LYS NZ  HZ2  sing N N 221 
LYS NZ  HZ3  sing N N 222 
LYS OXT HXT  sing N N 223 
PHE N   CA   sing N N 224 
PHE N   H    sing N N 225 
PHE N   H2   sing N N 226 
PHE CA  C    sing N N 227 
PHE CA  CB   sing N N 228 
PHE CA  HA   sing N N 229 
PHE C   O    doub N N 230 
PHE C   OXT  sing N N 231 
PHE CB  CG   sing N N 232 
PHE CB  HB2  sing N N 233 
PHE CB  HB3  sing N N 234 
PHE CG  CD1  doub Y N 235 
PHE CG  CD2  sing Y N 236 
PHE CD1 CE1  sing Y N 237 
PHE CD1 HD1  sing N N 238 
PHE CD2 CE2  doub Y N 239 
PHE CD2 HD2  sing N N 240 
PHE CE1 CZ   doub Y N 241 
PHE CE1 HE1  sing N N 242 
PHE CE2 CZ   sing Y N 243 
PHE CE2 HE2  sing N N 244 
PHE CZ  HZ   sing N N 245 
PHE OXT HXT  sing N N 246 
PRO N   CA   sing N N 247 
PRO N   CD   sing N N 248 
PRO N   H    sing N N 249 
PRO CA  C    sing N N 250 
PRO CA  CB   sing N N 251 
PRO CA  HA   sing N N 252 
PRO C   O    doub N N 253 
PRO C   OXT  sing N N 254 
PRO CB  CG   sing N N 255 
PRO CB  HB2  sing N N 256 
PRO CB  HB3  sing N N 257 
PRO CG  CD   sing N N 258 
PRO CG  HG2  sing N N 259 
PRO CG  HG3  sing N N 260 
PRO CD  HD2  sing N N 261 
PRO CD  HD3  sing N N 262 
PRO OXT HXT  sing N N 263 
PTR N   CA   sing N N 264 
PTR N   H    sing N N 265 
PTR N   H2   sing N N 266 
PTR CA  C    sing N N 267 
PTR CA  CB   sing N N 268 
PTR CA  HA   sing N N 269 
PTR C   O    doub N N 270 
PTR C   OXT  sing N N 271 
PTR OXT HXT  sing N N 272 
PTR CB  CG   sing N N 273 
PTR CB  HB2  sing N N 274 
PTR CB  HB3  sing N N 275 
PTR CG  CD1  doub Y N 276 
PTR CG  CD2  sing Y N 277 
PTR CD1 CE1  sing Y N 278 
PTR CD1 HD1  sing N N 279 
PTR CD2 CE2  doub Y N 280 
PTR CD2 HD2  sing N N 281 
PTR CE1 CZ   doub Y N 282 
PTR CE1 HE1  sing N N 283 
PTR CE2 CZ   sing Y N 284 
PTR CE2 HE2  sing N N 285 
PTR CZ  OH   sing N N 286 
PTR OH  P    sing N N 287 
PTR P   O1P  doub N N 288 
PTR P   O2P  sing N N 289 
PTR P   O3P  sing N N 290 
PTR O2P HO2P sing N N 291 
PTR O3P HO3P sing N N 292 
SER N   CA   sing N N 293 
SER N   H    sing N N 294 
SER N   H2   sing N N 295 
SER CA  C    sing N N 296 
SER CA  CB   sing N N 297 
SER CA  HA   sing N N 298 
SER C   O    doub N N 299 
SER C   OXT  sing N N 300 
SER CB  OG   sing N N 301 
SER CB  HB2  sing N N 302 
SER CB  HB3  sing N N 303 
SER OG  HG   sing N N 304 
SER OXT HXT  sing N N 305 
THR N   CA   sing N N 306 
THR N   H    sing N N 307 
THR N   H2   sing N N 308 
THR CA  C    sing N N 309 
THR CA  CB   sing N N 310 
THR CA  HA   sing N N 311 
THR C   O    doub N N 312 
THR C   OXT  sing N N 313 
THR CB  OG1  sing N N 314 
THR CB  CG2  sing N N 315 
THR CB  HB   sing N N 316 
THR OG1 HG1  sing N N 317 
THR CG2 HG21 sing N N 318 
THR CG2 HG22 sing N N 319 
THR CG2 HG23 sing N N 320 
THR OXT HXT  sing N N 321 
TRP N   CA   sing N N 322 
TRP N   H    sing N N 323 
TRP N   H2   sing N N 324 
TRP CA  C    sing N N 325 
TRP CA  CB   sing N N 326 
TRP CA  HA   sing N N 327 
TRP C   O    doub N N 328 
TRP C   OXT  sing N N 329 
TRP CB  CG   sing N N 330 
TRP CB  HB2  sing N N 331 
TRP CB  HB3  sing N N 332 
TRP CG  CD1  doub Y N 333 
TRP CG  CD2  sing Y N 334 
TRP CD1 NE1  sing Y N 335 
TRP CD1 HD1  sing N N 336 
TRP CD2 CE2  doub Y N 337 
TRP CD2 CE3  sing Y N 338 
TRP NE1 CE2  sing Y N 339 
TRP NE1 HE1  sing N N 340 
TRP CE2 CZ2  sing Y N 341 
TRP CE3 CZ3  doub Y N 342 
TRP CE3 HE3  sing N N 343 
TRP CZ2 CH2  doub Y N 344 
TRP CZ2 HZ2  sing N N 345 
TRP CZ3 CH2  sing Y N 346 
TRP CZ3 HZ3  sing N N 347 
TRP CH2 HH2  sing N N 348 
TRP OXT HXT  sing N N 349 
TYR N   CA   sing N N 350 
TYR N   H    sing N N 351 
TYR N   H2   sing N N 352 
TYR CA  C    sing N N 353 
TYR CA  CB   sing N N 354 
TYR CA  HA   sing N N 355 
TYR C   O    doub N N 356 
TYR C   OXT  sing N N 357 
TYR CB  CG   sing N N 358 
TYR CB  HB2  sing N N 359 
TYR CB  HB3  sing N N 360 
TYR CG  CD1  doub Y N 361 
TYR CG  CD2  sing Y N 362 
TYR CD1 CE1  sing Y N 363 
TYR CD1 HD1  sing N N 364 
TYR CD2 CE2  doub Y N 365 
TYR CD2 HD2  sing N N 366 
TYR CE1 CZ   doub Y N 367 
TYR CE1 HE1  sing N N 368 
TYR CE2 CZ   sing Y N 369 
TYR CE2 HE2  sing N N 370 
TYR CZ  OH   sing N N 371 
TYR OH  HH   sing N N 372 
TYR OXT HXT  sing N N 373 
VAL N   CA   sing N N 374 
VAL N   H    sing N N 375 
VAL N   H2   sing N N 376 
VAL CA  C    sing N N 377 
VAL CA  CB   sing N N 378 
VAL CA  HA   sing N N 379 
VAL C   O    doub N N 380 
VAL C   OXT  sing N N 381 
VAL CB  CG1  sing N N 382 
VAL CB  CG2  sing N N 383 
VAL CB  HB   sing N N 384 
VAL CG1 HG11 sing N N 385 
VAL CG1 HG12 sing N N 386 
VAL CG1 HG13 sing N N 387 
VAL CG2 HG21 sing N N 388 
VAL CG2 HG22 sing N N 389 
VAL CG2 HG23 sing N N 390 
VAL OXT HXT  sing N N 391 
# 
_atom_sites.entry_id                    1LKL 
_atom_sites.fract_transf_matrix[1][1]   0.00706255 
_atom_sites.fract_transf_matrix[1][2]   -0.00801692 
_atom_sites.fract_transf_matrix[1][3]   0.00592490 
_atom_sites.fract_transf_matrix[2][1]   0.01169216 
_atom_sites.fract_transf_matrix[2][2]   -0.00337577 
_atom_sites.fract_transf_matrix[2][3]   -0.01850490 
_atom_sites.fract_transf_matrix[3][1]   0.02331159 
_atom_sites.fract_transf_matrix[3][2]   0.02768901 
_atom_sites.fract_transf_matrix[3][3]   0.00967803 
_atom_sites.fract_transf_vector[1]      0.392075 
_atom_sites.fract_transf_vector[2]      0.013738 
_atom_sites.fract_transf_vector[3]      0.310455 
# 
loop_
_atom_type.symbol 
C 
N 
O 
P 
S 
# 
loop_
_atom_site.group_PDB 
_atom_site.id 
_atom_site.type_symbol 
_atom_site.label_atom_id 
_atom_site.label_alt_id 
_atom_site.label_comp_id 
_atom_site.label_asym_id 
_atom_site.label_entity_id 
_atom_site.label_seq_id 
_atom_site.pdbx_PDB_ins_code 
_atom_site.Cartn_x 
_atom_site.Cartn_y 
_atom_site.Cartn_z 
_atom_site.occupancy 
_atom_site.B_iso_or_equiv 
_atom_site.pdbx_formal_charge 
_atom_site.auth_seq_id 
_atom_site.auth_comp_id 
_atom_site.auth_asym_id 
_atom_site.auth_atom_id 
_atom_site.pdbx_PDB_model_num 
ATOM   1    N N   . GLU A 1 1   ? 17.130  -7.328  4.885   1.00 13.40 ? 123 GLU A N   1 
ATOM   2    C CA  . GLU A 1 1   ? 17.089  -5.857  5.058   1.00 14.16 ? 123 GLU A CA  1 
ATOM   3    C C   . GLU A 1 1   ? 15.858  -5.300  4.303   1.00 12.51 ? 123 GLU A C   1 
ATOM   4    O O   . GLU A 1 1   ? 15.977  -4.662  3.265   1.00 12.38 ? 123 GLU A O   1 
ATOM   5    C CB  . GLU A 1 1   ? 18.374  -5.217  4.527   1.00 16.88 ? 123 GLU A CB  1 
ATOM   6    C CG  . GLU A 1 1   ? 18.554  -3.769  4.999   1.00 21.75 ? 123 GLU A CG  1 
ATOM   7    C CD  . GLU A 1 1   ? 19.753  -3.053  4.386   1.00 24.22 ? 123 GLU A CD  1 
ATOM   8    O OE1 . GLU A 1 1   ? 20.278  -3.514  3.346   1.00 26.01 ? 123 GLU A OE1 1 
ATOM   9    O OE2 . GLU A 1 1   ? 20.168  -2.016  4.948   1.00 22.10 ? 123 GLU A OE2 1 
ATOM   10   N N   . PRO A 1 2   ? 14.670  -5.631  4.796   1.00 12.43 ? 124 PRO A N   1 
ATOM   11   C CA  . PRO A 1 2   ? 13.469  -5.134  4.134   1.00 12.45 ? 124 PRO A CA  1 
ATOM   12   C C   . PRO A 1 2   ? 13.373  -3.627  4.243   1.00 11.03 ? 124 PRO A C   1 
ATOM   13   O O   . PRO A 1 2   ? 13.854  -3.040  5.209   1.00 10.90 ? 124 PRO A O   1 
ATOM   14   C CB  . PRO A 1 2   ? 12.339  -5.827  4.910   1.00 12.63 ? 124 PRO A CB  1 
ATOM   15   C CG  . PRO A 1 2   ? 12.941  -6.022  6.278   1.00 11.85 ? 124 PRO A CG  1 
ATOM   16   C CD  . PRO A 1 2   ? 14.331  -6.485  5.947   1.00 12.96 ? 124 PRO A CD  1 
ATOM   17   N N   . GLU A 1 3   ? 12.749  -3.008  3.245   1.00 10.19 ? 125 GLU A N   1 
ATOM   18   C CA  . GLU A 1 3   ? 12.551  -1.568  3.231   1.00 9.98  ? 125 GLU A CA  1 
ATOM   19   C C   . GLU A 1 3   ? 11.662  -1.271  4.417   1.00 9.03  ? 125 GLU A C   1 
ATOM   20   O O   . GLU A 1 3   ? 10.916  -2.139  4.867   1.00 10.08 ? 125 GLU A O   1 
ATOM   21   C CB  . GLU A 1 3   ? 11.892  -1.115  1.926   1.00 8.72  ? 125 GLU A CB  1 
ATOM   22   C CG  . GLU A 1 3   ? 12.732  -1.368  0.682   1.00 8.85  ? 125 GLU A CG  1 
ATOM   23   C CD  . GLU A 1 3   ? 12.483  -2.726  0.031   1.00 9.10  ? 125 GLU A CD  1 
ATOM   24   O OE1 . GLU A 1 3   ? 11.821  -3.601  0.627   1.00 12.50 ? 125 GLU A OE1 1 
ATOM   25   O OE2 . GLU A 1 3   ? 12.953  -2.946  -1.098  1.00 12.04 ? 125 GLU A OE2 1 
ATOM   26   N N   . PRO A 1 4   ? 11.701  -0.033  4.928   1.00 9.97  ? 126 PRO A N   1 
ATOM   27   C CA  . PRO A 1 4   ? 10.867  0.293   6.089   1.00 9.60  ? 126 PRO A CA  1 
ATOM   28   C C   . PRO A 1 4   ? 9.367   0.046   5.882   1.00 9.38  ? 126 PRO A C   1 
ATOM   29   O O   . PRO A 1 4   ? 8.642   -0.246  6.845   1.00 8.06  ? 126 PRO A O   1 
ATOM   30   C CB  . PRO A 1 4   ? 11.230  1.756   6.373   1.00 10.28 ? 126 PRO A CB  1 
ATOM   31   C CG  . PRO A 1 4   ? 11.642  2.287   5.027   1.00 11.36 ? 126 PRO A CG  1 
ATOM   32   C CD  . PRO A 1 4   ? 12.418  1.155   4.430   1.00 10.67 ? 126 PRO A CD  1 
ATOM   33   N N   . TRP A 1 5   ? 8.933   0.093   4.623   1.00 10.70 ? 127 TRP A N   1 
ATOM   34   C CA  . TRP A 1 5   ? 7.526   -0.117  4.266   1.00 8.87  ? 127 TRP A CA  1 
ATOM   35   C C   . TRP A 1 5   ? 7.133   -1.559  3.968   1.00 9.50  ? 127 TRP A C   1 
ATOM   36   O O   . TRP A 1 5   ? 5.945   -1.851  3.840   1.00 7.06  ? 127 TRP A O   1 
ATOM   37   C CB  . TRP A 1 5   ? 7.138   0.769   3.077   1.00 7.65  ? 127 TRP A CB  1 
ATOM   38   C CG  . TRP A 1 5   ? 8.101   0.762   1.918   1.00 7.87  ? 127 TRP A CG  1 
ATOM   39   C CD1 . TRP A 1 5   ? 8.936   1.772   1.560   1.00 6.45  ? 127 TRP A CD1 1 
ATOM   40   C CD2 . TRP A 1 5   ? 8.293   -0.286  0.949   1.00 8.94  ? 127 TRP A CD2 1 
ATOM   41   N NE1 . TRP A 1 5   ? 9.639   1.433   0.439   1.00 7.49  ? 127 TRP A NE1 1 
ATOM   42   C CE2 . TRP A 1 5   ? 9.276   0.178   0.033   1.00 9.07  ? 127 TRP A CE2 1 
ATOM   43   C CE3 . TRP A 1 5   ? 7.750   -1.562  0.756   1.00 6.86  ? 127 TRP A CE3 1 
ATOM   44   C CZ2 . TRP A 1 5   ? 9.722   -0.592  -1.051  1.00 8.63  ? 127 TRP A CZ2 1 
ATOM   45   C CZ3 . TRP A 1 5   ? 8.188   -2.327  -0.318  1.00 9.50  ? 127 TRP A CZ3 1 
ATOM   46   C CH2 . TRP A 1 5   ? 9.171   -1.838  -1.211  1.00 8.20  ? 127 TRP A CH2 1 
ATOM   47   N N   . PHE A 1 6   ? 8.119   -2.458  3.872   1.00 9.33  ? 128 PHE A N   1 
ATOM   48   C CA  . PHE A 1 6   ? 7.862   -3.871  3.550   1.00 10.85 ? 128 PHE A CA  1 
ATOM   49   C C   . PHE A 1 6   ? 7.676   -4.809  4.760   1.00 11.10 ? 128 PHE A C   1 
ATOM   50   O O   . PHE A 1 6   ? 8.612   -5.064  5.538   1.00 9.78  ? 128 PHE A O   1 
ATOM   51   C CB  . PHE A 1 6   ? 8.946   -4.420  2.610   1.00 11.84 ? 128 PHE A CB  1 
ATOM   52   C CG  . PHE A 1 6   ? 8.616   -5.776  2.042   1.00 13.02 ? 128 PHE A CG  1 
ATOM   53   C CD1 . PHE A 1 6   ? 7.422   -5.981  1.353   1.00 13.29 ? 128 PHE A CD1 1 
ATOM   54   C CD2 . PHE A 1 6   ? 9.449   -6.867  2.270   1.00 10.70 ? 128 PHE A CD2 1 
ATOM   55   C CE1 . PHE A 1 6   ? 7.060   -7.260  0.911   1.00 13.43 ? 128 PHE A CE1 1 
ATOM   56   C CE2 . PHE A 1 6   ? 9.094   -8.147  1.831   1.00 10.44 ? 128 PHE A CE2 1 
ATOM   57   C CZ  . PHE A 1 6   ? 7.900   -8.345  1.156   1.00 10.83 ? 128 PHE A CZ  1 
ATOM   58   N N   . PHE A 1 7   ? 6.462   -5.343  4.882   1.00 10.45 ? 129 PHE A N   1 
ATOM   59   C CA  . PHE A 1 7   ? 6.082   -6.256  5.959   1.00 7.94  ? 129 PHE A CA  1 
ATOM   60   C C   . PHE A 1 7   ? 5.603   -7.538  5.289   1.00 9.11  ? 129 PHE A C   1 
ATOM   61   O O   . PHE A 1 7   ? 4.397   -7.804  5.199   1.00 11.12 ? 129 PHE A O   1 
ATOM   62   C CB  . PHE A 1 7   ? 4.938   -5.653  6.787   1.00 5.71  ? 129 PHE A CB  1 
ATOM   63   C CG  . PHE A 1 7   ? 5.345   -4.491  7.639   1.00 7.03  ? 129 PHE A CG  1 
ATOM   64   C CD1 . PHE A 1 7   ? 5.747   -3.281  7.066   1.00 7.03  ? 129 PHE A CD1 1 
ATOM   65   C CD2 . PHE A 1 7   ? 5.333   -4.606  9.035   1.00 6.97  ? 129 PHE A CD2 1 
ATOM   66   C CE1 . PHE A 1 7   ? 6.136   -2.195  7.879   1.00 7.69  ? 129 PHE A CE1 1 
ATOM   67   C CE2 . PHE A 1 7   ? 5.719   -3.539  9.850   1.00 5.84  ? 129 PHE A CE2 1 
ATOM   68   C CZ  . PHE A 1 7   ? 6.122   -2.325  9.276   1.00 7.59  ? 129 PHE A CZ  1 
ATOM   69   N N   . LYS A 1 8   ? 6.570   -8.344  4.871   1.00 8.98  ? 130 LYS A N   1 
ATOM   70   C CA  . LYS A 1 8   ? 6.351   -9.593  4.163   1.00 8.33  ? 130 LYS A CA  1 
ATOM   71   C C   . LYS A 1 8   ? 5.203   -10.462 4.612   1.00 8.35  ? 130 LYS A C   1 
ATOM   72   O O   . LYS A 1 8   ? 4.324   -10.768 3.824   1.00 9.56  ? 130 LYS A O   1 
ATOM   73   C CB  . LYS A 1 8   ? 7.633   -10.418 4.152   1.00 9.23  ? 130 LYS A CB  1 
ATOM   74   C CG  . LYS A 1 8   ? 7.574   -11.640 3.247   1.00 9.21  ? 130 LYS A CG  1 
ATOM   75   C CD  . LYS A 1 8   ? 8.825   -12.487 3.420   1.00 12.21 ? 130 LYS A CD  1 
ATOM   76   C CE  . LYS A 1 8   ? 8.927   -13.584 2.373   1.00 11.26 ? 130 LYS A CE  1 
ATOM   77   N NZ  . LYS A 1 8   ? 7.893   -14.644 2.565   1.00 10.61 ? 130 LYS A NZ  1 
ATOM   78   N N   . ASN A 1 9   ? 5.226   -10.868 5.877   1.00 9.49  ? 131 ASN A N   1 
ATOM   79   C CA  . ASN A 1 9   ? 4.215   -11.766 6.423   1.00 10.47 ? 131 ASN A CA  1 
ATOM   80   C C   . ASN A 1 9   ? 3.094   -11.168 7.259   1.00 9.83  ? 131 ASN A C   1 
ATOM   81   O O   . ASN A 1 9   ? 2.405   -11.908 7.957   1.00 10.72 ? 131 ASN A O   1 
ATOM   82   C CB  . ASN A 1 9   ? 4.903   -12.861 7.235   1.00 12.75 ? 131 ASN A CB  1 
ATOM   83   C CG  . ASN A 1 9   ? 5.812   -13.704 6.393   1.00 16.47 ? 131 ASN A CG  1 
ATOM   84   O OD1 . ASN A 1 9   ? 5.358   -14.369 5.458   1.00 18.43 ? 131 ASN A OD1 1 
ATOM   85   N ND2 . ASN A 1 9   ? 7.112   -13.636 6.667   1.00 16.74 ? 131 ASN A ND2 1 
ATOM   86   N N   . LEU A 1 10  ? 2.906   -9.852  7.215   1.00 7.18  ? 132 LEU A N   1 
ATOM   87   C CA  . LEU A 1 10  ? 1.857   -9.252  8.017   1.00 7.59  ? 132 LEU A CA  1 
ATOM   88   C C   . LEU A 1 10  ? 0.507   -9.432  7.316   1.00 8.05  ? 132 LEU A C   1 
ATOM   89   O O   . LEU A 1 10  ? 0.391   -9.209  6.121   1.00 9.32  ? 132 LEU A O   1 
ATOM   90   C CB  . LEU A 1 10  ? 2.146   -7.759  8.268   1.00 8.39  ? 132 LEU A CB  1 
ATOM   91   C CG  . LEU A 1 10  ? 1.486   -7.075  9.488   1.00 9.99  ? 132 LEU A CG  1 
ATOM   92   C CD1 . LEU A 1 10  ? 2.068   -7.620  10.812  1.00 9.83  ? 132 LEU A CD1 1 
ATOM   93   C CD2 . LEU A 1 10  ? 1.705   -5.568  9.438   1.00 9.29  ? 132 LEU A CD2 1 
ATOM   94   N N   . SER A 1 11  ? -0.487  -9.901  8.055   1.00 8.11  ? 133 SER A N   1 
ATOM   95   C CA  . SER A 1 11  ? -1.830  -10.106 7.523   1.00 7.38  ? 133 SER A CA  1 
ATOM   96   C C   . SER A 1 11  ? -2.530  -8.759  7.255   1.00 8.51  ? 133 SER A C   1 
ATOM   97   O O   . SER A 1 11  ? -2.151  -7.720  7.817   1.00 8.06  ? 133 SER A O   1 
ATOM   98   C CB  . SER A 1 11  ? -2.674  -10.882 8.541   1.00 6.86  ? 133 SER A CB  1 
ATOM   99   O OG  . SER A 1 11  ? -3.004  -10.089 9.674   1.00 5.82  ? 133 SER A OG  1 
ATOM   100  N N   . ARG A 1 12  ? -3.591  -8.792  6.453   1.00 8.47  ? 134 ARG A N   1 
ATOM   101  C CA  . ARG A 1 12  ? -4.376  -7.588  6.173   1.00 9.47  ? 134 ARG A CA  1 
ATOM   102  C C   . ARG A 1 12  ? -4.889  -6.990  7.489   1.00 9.14  ? 134 ARG A C   1 
ATOM   103  O O   . ARG A 1 12  ? -4.807  -5.771  7.686   1.00 8.67  ? 134 ARG A O   1 
ATOM   104  C CB  . ARG A 1 12  ? -5.578  -7.908  5.264   1.00 8.51  ? 134 ARG A CB  1 
ATOM   105  C CG  . ARG A 1 12  ? -6.712  -6.873  5.364   1.00 10.12 ? 134 ARG A CG  1 
ATOM   106  C CD  . ARG A 1 12  ? -7.999  -7.247  4.598   1.00 11.95 ? 134 ARG A CD  1 
ATOM   107  N NE  . ARG A 1 12  ? -7.840  -7.011  3.169   1.00 15.25 ? 134 ARG A NE  1 
ATOM   108  C CZ  . ARG A 1 12  ? -8.690  -6.348  2.390   1.00 10.59 ? 134 ARG A CZ  1 
ATOM   109  N NH1 . ARG A 1 12  ? -9.823  -5.815  2.875   1.00 10.12 ? 134 ARG A NH1 1 
ATOM   110  N NH2 . ARG A 1 12  ? -8.391  -6.224  1.112   1.00 11.60 ? 134 ARG A NH2 1 
ATOM   111  N N   . LYS A 1 13  ? -5.408  -7.833  8.389   1.00 7.66  ? 135 LYS A N   1 
ATOM   112  C CA  . LYS A 1 13  ? -5.946  -7.346  9.647   1.00 7.66  ? 135 LYS A CA  1 
ATOM   113  C C   . LYS A 1 13  ? -4.887  -6.770  10.566  1.00 9.50  ? 135 LYS A C   1 
ATOM   114  O O   . LYS A 1 13  ? -5.158  -5.829  11.293  1.00 8.87  ? 135 LYS A O   1 
ATOM   115  C CB  . LYS A 1 13  ? -6.769  -8.411  10.382  1.00 8.20  ? 135 LYS A CB  1 
ATOM   116  C CG  . LYS A 1 13  ? -8.064  -8.789  9.661   1.00 10.64 ? 135 LYS A CG  1 
ATOM   117  C CD  . LYS A 1 13  ? -8.927  -9.766  10.461  1.00 9.98  ? 135 LYS A CD  1 
ATOM   118  C CE  . LYS A 1 13  ? -9.719  -9.046  11.543  1.00 11.08 ? 135 LYS A CE  1 
ATOM   119  N NZ  . LYS A 1 13  ? -10.693 -8.055  10.985  1.00 11.01 ? 135 LYS A NZ  1 
ATOM   120  N N   . ASP A 1 14  ? -3.700  -7.361  10.598  1.00 11.04 ? 136 ASP A N   1 
ATOM   121  C CA  . ASP A 1 14  ? -2.657  -6.814  11.455  1.00 9.55  ? 136 ASP A CA  1 
ATOM   122  C C   . ASP A 1 14  ? -2.119  -5.519  10.846  1.00 10.23 ? 136 ASP A C   1 
ATOM   123  O O   . ASP A 1 14  ? -1.671  -4.630  11.574  1.00 8.81  ? 136 ASP A O   1 
ATOM   124  C CB  . ASP A 1 14  ? -1.538  -7.827  11.712  1.00 8.46  ? 136 ASP A CB  1 
ATOM   125  C CG  . ASP A 1 14  ? -1.911  -8.876  12.771  1.00 8.48  ? 136 ASP A CG  1 
ATOM   126  O OD1 . ASP A 1 14  ? -2.790  -8.651  13.635  1.00 9.56  ? 136 ASP A OD1 1 
ATOM   127  O OD2 . ASP A 1 14  ? -1.283  -9.943  12.775  1.00 11.36 ? 136 ASP A OD2 1 
ATOM   128  N N   . ALA A 1 15  ? -2.152  -5.410  9.516   1.00 10.09 ? 137 ALA A N   1 
ATOM   129  C CA  . ALA A 1 15  ? -1.696  -4.182  8.854   1.00 8.53  ? 137 ALA A CA  1 
ATOM   130  C C   . ALA A 1 15  ? -2.669  -3.072  9.252   1.00 8.13  ? 137 ALA A C   1 
ATOM   131  O O   . ALA A 1 15  ? -2.259  -1.967  9.591   1.00 9.14  ? 137 ALA A O   1 
ATOM   132  C CB  . ALA A 1 15  ? -1.664  -4.350  7.317   1.00 9.13  ? 137 ALA A CB  1 
ATOM   133  N N   . GLU A 1 16  ? -3.964  -3.372  9.223   1.00 7.73  ? 138 GLU A N   1 
ATOM   134  C CA  . GLU A 1 16  ? -4.978  -2.401  9.618   1.00 8.61  ? 138 GLU A CA  1 
ATOM   135  C C   . GLU A 1 16  ? -4.748  -1.975  11.054  1.00 6.46  ? 138 GLU A C   1 
ATOM   136  O O   . GLU A 1 16  ? -4.671  -0.788  11.372  1.00 6.92  ? 138 GLU A O   1 
ATOM   137  C CB  . GLU A 1 16  ? -6.376  -2.993  9.481   1.00 8.22  ? 138 GLU A CB  1 
ATOM   138  C CG  . GLU A 1 16  ? -6.807  -3.171  8.047   1.00 9.07  ? 138 GLU A CG  1 
ATOM   139  C CD  . GLU A 1 16  ? -8.174  -3.826  7.909   1.00 12.87 ? 138 GLU A CD  1 
ATOM   140  O OE1 . GLU A 1 16  ? -8.729  -4.327  8.919   1.00 15.22 ? 138 GLU A OE1 1 
ATOM   141  O OE2 . GLU A 1 16  ? -8.683  -3.875  6.776   1.00 11.30 ? 138 GLU A OE2 1 
ATOM   142  N N   . ARG A 1 17  ? -4.584  -2.969  11.912  1.00 7.54  ? 139 ARG A N   1 
ATOM   143  C CA  . ARG A 1 17  ? -4.362  -2.769  13.330  1.00 7.33  ? 139 ARG A CA  1 
ATOM   144  C C   . ARG A 1 17  ? -3.183  -1.838  13.611  1.00 6.10  ? 139 ARG A C   1 
ATOM   145  O O   . ARG A 1 17  ? -3.283  -0.912  14.424  1.00 7.78  ? 139 ARG A O   1 
ATOM   146  C CB  . ARG A 1 17  ? -4.142  -4.132  13.997  1.00 5.83  ? 139 ARG A CB  1 
ATOM   147  C CG  . ARG A 1 17  ? -4.790  -4.273  15.350  1.00 8.62  ? 139 ARG A CG  1 
ATOM   148  C CD  . ARG A 1 17  ? -4.411  -5.588  16.010  1.00 8.72  ? 139 ARG A CD  1 
ATOM   149  N NE  . ARG A 1 17  ? -4.525  -6.719  15.094  1.00 8.30  ? 139 ARG A NE  1 
ATOM   150  C CZ  . ARG A 1 17  ? -5.623  -7.458  14.953  1.00 9.64  ? 139 ARG A CZ  1 
ATOM   151  N NH1 . ARG A 1 17  ? -6.707  -7.172  15.660  1.00 10.26 ? 139 ARG A NH1 1 
ATOM   152  N NH2 . ARG A 1 17  ? -5.612  -8.524  14.166  1.00 9.24  ? 139 ARG A NH2 1 
ATOM   153  N N   . GLN A 1 18  ? -2.064  -2.074  12.947  1.00 5.13  ? 140 GLN A N   1 
ATOM   154  C CA  . GLN A 1 18  ? -0.884  -1.244  13.184  1.00 8.71  ? 140 GLN A CA  1 
ATOM   155  C C   . GLN A 1 18  ? -0.980  0.125   12.548  1.00 9.37  ? 140 GLN A C   1 
ATOM   156  O O   . GLN A 1 18  ? -0.619  1.127   13.176  1.00 8.20  ? 140 GLN A O   1 
ATOM   157  C CB  . GLN A 1 18  ? 0.392   -1.984  12.788  1.00 7.45  ? 140 GLN A CB  1 
ATOM   158  C CG  . GLN A 1 18  ? 0.626   -3.193  13.713  1.00 8.86  ? 140 GLN A CG  1 
ATOM   159  C CD  . GLN A 1 18  ? 1.940   -3.887  13.503  1.00 9.00  ? 140 GLN A CD  1 
ATOM   160  O OE1 . GLN A 1 18  ? 1.967   -5.031  13.081  1.00 8.69  ? 140 GLN A OE1 1 
ATOM   161  N NE2 . GLN A 1 18  ? 3.038   -3.220  13.846  1.00 9.00  ? 140 GLN A NE2 1 
ATOM   162  N N   . LEU A 1 19  ? -1.530  0.179   11.337  1.00 10.03 ? 141 LEU A N   1 
ATOM   163  C CA  . LEU A 1 19  ? -1.684  1.450   10.642  1.00 8.86  ? 141 LEU A CA  1 
ATOM   164  C C   . LEU A 1 19  ? -2.622  2.373   11.395  1.00 7.47  ? 141 LEU A C   1 
ATOM   165  O O   . LEU A 1 19  ? -2.427  3.581   11.391  1.00 10.62 ? 141 LEU A O   1 
ATOM   166  C CB  . LEU A 1 19  ? -2.163  1.258   9.193   1.00 7.41  ? 141 LEU A CB  1 
ATOM   167  C CG  . LEU A 1 19  ? -1.099  0.796   8.191   1.00 7.58  ? 141 LEU A CG  1 
ATOM   168  C CD1 . LEU A 1 19  ? -1.723  0.377   6.873   1.00 8.10  ? 141 LEU A CD1 1 
ATOM   169  C CD2 . LEU A 1 19  ? -0.084  1.893   7.980   1.00 8.35  ? 141 LEU A CD2 1 
ATOM   170  N N   . LEU A 1 20  ? -3.609  1.817   12.085  1.00 7.52  ? 142 LEU A N   1 
ATOM   171  C CA  . LEU A 1 20  ? -4.565  2.654   12.805  1.00 8.22  ? 142 LEU A CA  1 
ATOM   172  C C   . LEU A 1 20  ? -4.132  2.951   14.237  1.00 9.38  ? 142 LEU A C   1 
ATOM   173  O O   . LEU A 1 20  ? -4.825  3.668   14.969  1.00 8.20  ? 142 LEU A O   1 
ATOM   174  C CB  . LEU A 1 20  ? -5.955  2.003   12.790  1.00 8.51  ? 142 LEU A CB  1 
ATOM   175  C CG  . LEU A 1 20  ? -6.639  1.968   11.414  1.00 11.12 ? 142 LEU A CG  1 
ATOM   176  C CD1 . LEU A 1 20  ? -7.793  0.962   11.394  1.00 10.57 ? 142 LEU A CD1 1 
ATOM   177  C CD2 . LEU A 1 20  ? -7.129  3.379   11.055  1.00 11.10 ? 142 LEU A CD2 1 
ATOM   178  N N   . ALA A 1 21  ? -2.985  2.394   14.625  1.00 9.08  ? 143 ALA A N   1 
ATOM   179  C CA  . ALA A 1 21  ? -2.454  2.586   15.971  1.00 9.07  ? 143 ALA A CA  1 
ATOM   180  C C   . ALA A 1 21  ? -1.637  3.884   16.090  1.00 10.21 ? 143 ALA A C   1 
ATOM   181  O O   . ALA A 1 21  ? -1.186  4.429   15.084  1.00 10.26 ? 143 ALA A O   1 
ATOM   182  C CB  . ALA A 1 21  ? -1.592  1.392   16.363  1.00 8.63  ? 143 ALA A CB  1 
ATOM   183  N N   . PRO A 1 22  ? -1.454  4.397   17.324  1.00 11.16 ? 144 PRO A N   1 
ATOM   184  C CA  . PRO A 1 22  ? -0.687  5.621   17.564  1.00 12.34 ? 144 PRO A CA  1 
ATOM   185  C C   . PRO A 1 22  ? 0.692   5.535   16.918  1.00 11.64 ? 144 PRO A C   1 
ATOM   186  O O   . PRO A 1 22  ? 1.255   4.450   16.818  1.00 9.61  ? 144 PRO A O   1 
ATOM   187  C CB  . PRO A 1 22  ? -0.601  5.656   19.097  1.00 13.58 ? 144 PRO A CB  1 
ATOM   188  C CG  . PRO A 1 22  ? -1.954  5.177   19.480  1.00 12.95 ? 144 PRO A CG  1 
ATOM   189  C CD  . PRO A 1 22  ? -2.127  3.963   18.565  1.00 13.30 ? 144 PRO A CD  1 
ATOM   190  N N   . GLY A 1 23  ? 1.210   6.675   16.467  1.00 10.02 ? 145 GLY A N   1 
ATOM   191  C CA  . GLY A 1 23  ? 2.505   6.717   15.813  1.00 10.80 ? 145 GLY A CA  1 
ATOM   192  C C   . GLY A 1 23  ? 2.330   6.790   14.306  1.00 10.90 ? 145 GLY A C   1 
ATOM   193  O O   . GLY A 1 23  ? 3.267   7.103   13.573  1.00 11.20 ? 145 GLY A O   1 
ATOM   194  N N   . ASN A 1 24  ? 1.117   6.497   13.844  1.00 10.03 ? 146 ASN A N   1 
ATOM   195  C CA  . ASN A 1 24  ? 0.802   6.542   12.424  1.00 10.26 ? 146 ASN A CA  1 
ATOM   196  C C   . ASN A 1 24  ? -0.255  7.596   12.141  1.00 11.50 ? 146 ASN A C   1 
ATOM   197  O O   . ASN A 1 24  ? -0.932  8.071   13.046  1.00 11.01 ? 146 ASN A O   1 
ATOM   198  C CB  . ASN A 1 24  ? 0.326   5.180   11.955  1.00 9.16  ? 146 ASN A CB  1 
ATOM   199  C CG  . ASN A 1 24  ? 1.416   4.165   12.017  1.00 8.78  ? 146 ASN A CG  1 
ATOM   200  O OD1 . ASN A 1 24  ? 2.481   4.361   11.425  1.00 9.37  ? 146 ASN A OD1 1 
ATOM   201  N ND2 . ASN A 1 24  ? 1.187   3.098   12.749  1.00 9.17  ? 146 ASN A ND2 1 
ATOM   202  N N   . THR A 1 25  ? -0.376  7.967   10.875  1.00 13.20 ? 147 THR A N   1 
ATOM   203  C CA  . THR A 1 25  ? -1.342  8.981   10.484  1.00 15.34 ? 147 THR A CA  1 
ATOM   204  C C   . THR A 1 25  ? -1.762  8.811   9.030   1.00 14.09 ? 147 THR A C   1 
ATOM   205  O O   . THR A 1 25  ? -1.444  7.821   8.379   1.00 11.16 ? 147 THR A O   1 
ATOM   206  C CB  . THR A 1 25  ? -0.744  10.404  10.722  1.00 17.72 ? 147 THR A CB  1 
ATOM   207  O OG1 . THR A 1 25  ? -1.766  11.399  10.570  1.00 21.12 ? 147 THR A OG1 1 
ATOM   208  C CG2 . THR A 1 25  ? 0.414   10.673  9.768   1.00 14.47 ? 147 THR A CG2 1 
ATOM   209  N N   . HIS A 1 26  ? -2.492  9.791   8.524   1.00 14.38 ? 148 HIS A N   1 
ATOM   210  C CA  . HIS A 1 26  ? -2.967  9.782   7.145   1.00 14.71 ? 148 HIS A CA  1 
ATOM   211  C C   . HIS A 1 26  ? -1.752  9.618   6.216   1.00 12.82 ? 148 HIS A C   1 
ATOM   212  O O   . HIS A 1 26  ? -0.720  10.268  6.406   1.00 11.72 ? 148 HIS A O   1 
ATOM   213  C CB  . HIS A 1 26  ? -3.704  11.115  6.878   1.00 19.82 ? 148 HIS A CB  1 
ATOM   214  C CG  . HIS A 1 26  ? -4.308  11.726  8.119   1.00 24.93 ? 148 HIS A CG  1 
ATOM   215  N ND1 . HIS A 1 26  ? -5.269  11.093  8.864   1.00 27.63 ? 148 HIS A ND1 1 
ATOM   216  C CD2 . HIS A 1 26  ? -4.022  12.871  8.782   1.00 25.00 ? 148 HIS A CD2 1 
ATOM   217  C CE1 . HIS A 1 26  ? -5.550  11.805  9.944   1.00 25.66 ? 148 HIS A CE1 1 
ATOM   218  N NE2 . HIS A 1 26  ? -4.802  12.897  9.911   1.00 25.54 ? 148 HIS A NE2 1 
ATOM   219  N N   . GLY A 1 27  ? -1.849  8.708   5.248   1.00 9.21  ? 149 GLY A N   1 
ATOM   220  C CA  . GLY A 1 27  ? -0.748  8.497   4.325   1.00 8.26  ? 149 GLY A CA  1 
ATOM   221  C C   . GLY A 1 27  ? 0.181   7.371   4.751   1.00 8.82  ? 149 GLY A C   1 
ATOM   222  O O   . GLY A 1 27  ? 1.001   6.933   3.941   1.00 9.40  ? 149 GLY A O   1 
ATOM   223  N N   . SER A 1 28  ? 0.091   6.937   6.011   1.00 9.76  ? 150 SER A N   1 
ATOM   224  C CA  . SER A 1 28  ? 0.926   5.840   6.517   1.00 9.79  ? 150 SER A CA  1 
ATOM   225  C C   . SER A 1 28  ? 0.606   4.583   5.717   1.00 8.59  ? 150 SER A C   1 
ATOM   226  O O   . SER A 1 28  ? -0.573  4.251   5.510   1.00 8.95  ? 150 SER A O   1 
ATOM   227  C CB  . SER A 1 28  ? 0.678   5.601   8.010   1.00 8.26  ? 150 SER A CB  1 
ATOM   228  O OG  . SER A 1 28  ? 1.281   6.626   8.803   1.00 10.43 ? 150 SER A OG  1 
ATOM   229  N N   . PHE A 1 29  ? 1.639   3.858   5.304   1.00 9.68  ? 151 PHE A N   1 
ATOM   230  C CA  . PHE A 1 29  ? 1.404   2.672   4.486   1.00 9.63  ? 151 PHE A CA  1 
ATOM   231  C C   . PHE A 1 29  ? 2.420   1.566   4.698   1.00 10.48 ? 151 PHE A C   1 
ATOM   232  O O   . PHE A 1 29  ? 3.439   1.739   5.387   1.00 9.81  ? 151 PHE A O   1 
ATOM   233  C CB  . PHE A 1 29  ? 1.478   3.063   3.009   1.00 7.67  ? 151 PHE A CB  1 
ATOM   234  C CG  . PHE A 1 29  ? 2.885   3.379   2.542   1.00 8.62  ? 151 PHE A CG  1 
ATOM   235  C CD1 . PHE A 1 29  ? 3.542   4.521   2.978   1.00 6.12  ? 151 PHE A CD1 1 
ATOM   236  C CD2 . PHE A 1 29  ? 3.554   2.508   1.681   1.00 8.73  ? 151 PHE A CD2 1 
ATOM   237  C CE1 . PHE A 1 29  ? 4.837   4.804   2.576   1.00 7.31  ? 151 PHE A CE1 1 
ATOM   238  C CE2 . PHE A 1 29  ? 4.867   2.787   1.266   1.00 8.87  ? 151 PHE A CE2 1 
ATOM   239  C CZ  . PHE A 1 29  ? 5.503   3.940   1.717   1.00 7.63  ? 151 PHE A CZ  1 
ATOM   240  N N   . LEU A 1 30  ? 2.145   0.450   4.034   1.00 9.40  ? 152 LEU A N   1 
ATOM   241  C CA  . LEU A 1 30  ? 3.011   -0.716  4.044   1.00 10.89 ? 152 LEU A CA  1 
ATOM   242  C C   . LEU A 1 30  ? 2.609   -1.592  2.875   1.00 10.19 ? 152 LEU A C   1 
ATOM   243  O O   . LEU A 1 30  ? 1.510   -1.457  2.335   1.00 10.15 ? 152 LEU A O   1 
ATOM   244  C CB  . LEU A 1 30  ? 2.918   -1.500  5.374   1.00 9.02  ? 152 LEU A CB  1 
ATOM   245  C CG  . LEU A 1 30  ? 1.626   -2.152  5.865   1.00 6.95  ? 152 LEU A CG  1 
ATOM   246  C CD1 . LEU A 1 30  ? 1.404   -3.478  5.146   1.00 8.05  ? 152 LEU A CD1 1 
ATOM   247  C CD2 . LEU A 1 30  ? 1.726   -2.359  7.371   1.00 7.52  ? 152 LEU A CD2 1 
ATOM   248  N N   . ILE A 1 31  ? 3.537   -2.440  2.456   1.00 9.09  ? 153 ILE A N   1 
ATOM   249  C CA  . ILE A 1 31  ? 3.311   -3.391  1.385   1.00 8.59  ? 153 ILE A CA  1 
ATOM   250  C C   . ILE A 1 31  ? 3.590   -4.745  2.039   1.00 10.65 ? 153 ILE A C   1 
ATOM   251  O O   . ILE A 1 31  ? 4.556   -4.884  2.797   1.00 9.56  ? 153 ILE A O   1 
ATOM   252  C CB  . ILE A 1 31  ? 4.241   -3.130  0.189   1.00 8.91  ? 153 ILE A CB  1 
ATOM   253  C CG1 . ILE A 1 31  ? 3.853   -1.784  -0.465  1.00 8.78  ? 153 ILE A CG1 1 
ATOM   254  C CG2 . ILE A 1 31  ? 4.187   -4.308  -0.812  1.00 8.83  ? 153 ILE A CG2 1 
ATOM   255  C CD1 . ILE A 1 31  ? 4.676   -1.399  -1.680  1.00 8.63  ? 153 ILE A CD1 1 
ATOM   256  N N   . ARG A 1 32  ? 2.707   -5.707  1.797   1.00 10.37 ? 154 ARG A N   1 
ATOM   257  C CA  . ARG A 1 32  ? 2.803   -7.053  2.367   1.00 10.55 ? 154 ARG A CA  1 
ATOM   258  C C   . ARG A 1 32  ? 2.434   -8.084  1.310   1.00 10.70 ? 154 ARG A C   1 
ATOM   259  O O   . ARG A 1 32  ? 1.920   -7.741  0.244   1.00 9.09  ? 154 ARG A O   1 
ATOM   260  C CB  . ARG A 1 32  ? 1.796   -7.180  3.522   1.00 9.79  ? 154 ARG A CB  1 
ATOM   261  C CG  . ARG A 1 32  ? 0.356   -6.812  3.098   1.00 8.07  ? 154 ARG A CG  1 
ATOM   262  C CD  . ARG A 1 32  ? -0.609  -6.638  4.288   1.00 9.94  ? 154 ARG A CD  1 
ATOM   263  N NE  . ARG A 1 32  ? -1.878  -6.066  3.837   1.00 10.32 ? 154 ARG A NE  1 
ATOM   264  C CZ  . ARG A 1 32  ? -2.825  -6.755  3.212   1.00 9.66  ? 154 ARG A CZ  1 
ATOM   265  N NH1 . ARG A 1 32  ? -2.667  -8.054  2.992   1.00 7.87  ? 154 ARG A NH1 1 
ATOM   266  N NH2 . ARG A 1 32  ? -3.870  -6.124  2.688   1.00 9.65  ? 154 ARG A NH2 1 
ATOM   267  N N   . GLU A 1 33  ? 2.664   -9.355  1.606   1.00 9.73  ? 155 GLU A N   1 
ATOM   268  C CA  . GLU A 1 33  ? 2.284   -10.380 0.659   1.00 8.73  ? 155 GLU A CA  1 
ATOM   269  C C   . GLU A 1 33  ? 0.746   -10.425 0.677   1.00 8.10  ? 155 GLU A C   1 
ATOM   270  O O   . GLU A 1 33  ? 0.113   -10.238 1.717   1.00 8.58  ? 155 GLU A O   1 
ATOM   271  C CB  . GLU A 1 33  ? 2.902   -11.734 1.042   1.00 8.53  ? 155 GLU A CB  1 
ATOM   272  C CG  . GLU A 1 33  ? 4.395   -11.830 0.744   1.00 8.41  ? 155 GLU A CG  1 
ATOM   273  C CD  . GLU A 1 33  ? 5.019   -13.156 1.190   1.00 9.89  ? 155 GLU A CD  1 
ATOM   274  O OE1 . GLU A 1 33  ? 4.367   -13.923 1.923   1.00 9.60  ? 155 GLU A OE1 1 
ATOM   275  O OE2 . GLU A 1 33  ? 6.164   -13.429 0.807   1.00 11.26 ? 155 GLU A OE2 1 
ATOM   276  N N   . SER A 1 34  ? 0.158   -10.572 -0.500  1.00 9.07  ? 156 SER A N   1 
ATOM   277  C CA  . SER A 1 34  ? -1.286  -10.635 -0.626  1.00 8.98  ? 156 SER A CA  1 
ATOM   278  C C   . SER A 1 34  ? -1.837  -11.917 -0.006  1.00 9.96  ? 156 SER A C   1 
ATOM   279  O O   . SER A 1 34  ? -1.242  -12.983 -0.160  1.00 9.82  ? 156 SER A O   1 
ATOM   280  C CB  . SER A 1 34  ? -1.672  -10.601 -2.102  1.00 10.13 ? 156 SER A CB  1 
ATOM   281  O OG  . SER A 1 34  ? -3.074  -10.761 -2.280  1.00 9.65  ? 156 SER A OG  1 
ATOM   282  N N   . GLU A 1 35  ? -2.943  -11.791 0.724   1.00 7.58  ? 157 GLU A N   1 
ATOM   283  C CA  . GLU A 1 35  ? -3.613  -12.948 1.299   1.00 10.46 ? 157 GLU A CA  1 
ATOM   284  C C   . GLU A 1 35  ? -4.661  -13.456 0.303   1.00 9.75  ? 157 GLU A C   1 
ATOM   285  O O   . GLU A 1 35  ? -5.291  -14.495 0.506   1.00 12.92 ? 157 GLU A O   1 
ATOM   286  C CB  . GLU A 1 35  ? -4.296  -12.589 2.614   1.00 10.51 ? 157 GLU A CB  1 
ATOM   287  C CG  . GLU A 1 35  ? -3.332  -12.358 3.771   1.00 12.27 ? 157 GLU A CG  1 
ATOM   288  C CD  . GLU A 1 35  ? -4.040  -12.153 5.101   1.00 13.24 ? 157 GLU A CD  1 
ATOM   289  O OE1 . GLU A 1 35  ? -4.906  -11.264 5.214   1.00 13.76 ? 157 GLU A OE1 1 
ATOM   290  O OE2 . GLU A 1 35  ? -3.734  -12.889 6.048   1.00 13.71 ? 157 GLU A OE2 1 
ATOM   291  N N   . SER A 1 36  ? -4.820  -12.732 -0.800  1.00 11.85 ? 158 SER A N   1 
ATOM   292  C CA  . SER A 1 36  ? -5.807  -13.082 -1.827  1.00 11.32 ? 158 SER A CA  1 
ATOM   293  C C   . SER A 1 36  ? -5.240  -13.686 -3.091  1.00 10.74 ? 158 SER A C   1 
ATOM   294  O O   . SER A 1 36  ? -5.875  -14.546 -3.699  1.00 9.95  ? 158 SER A O   1 
ATOM   295  C CB  . SER A 1 36  ? -6.644  -11.850 -2.208  1.00 8.96  ? 158 SER A CB  1 
ATOM   296  O OG  . SER A 1 36  ? -7.486  -11.451 -1.147  1.00 11.66 ? 158 SER A OG  1 
ATOM   297  N N   . THR A 1 37  ? -4.058  -13.220 -3.489  1.00 10.91 ? 159 THR A N   1 
ATOM   298  C CA  . THR A 1 37  ? -3.404  -13.668 -4.718  1.00 9.98  ? 159 THR A CA  1 
ATOM   299  C C   . THR A 1 37  ? -1.954  -14.102 -4.466  1.00 11.41 ? 159 THR A C   1 
ATOM   300  O O   . THR A 1 37  ? -1.055  -13.262 -4.324  1.00 11.05 ? 159 THR A O   1 
ATOM   301  C CB  . THR A 1 37  ? -3.449  -12.536 -5.778  1.00 9.12  ? 159 THR A CB  1 
ATOM   302  O OG1 . THR A 1 37  ? -4.794  -12.060 -5.883  1.00 12.72 ? 159 THR A OG1 1 
ATOM   303  C CG2 . THR A 1 37  ? -3.002  -13.032 -7.143  1.00 9.11  ? 159 THR A CG2 1 
ATOM   304  N N   . ALA A 1 38  ? -1.761  -15.421 -4.376  1.00 11.02 ? 160 ALA A N   1 
ATOM   305  C CA  . ALA A 1 38  ? -0.460  -16.037 -4.135  1.00 10.87 ? 160 ALA A CA  1 
ATOM   306  C C   . ALA A 1 38  ? 0.599   -15.549 -5.112  1.00 11.32 ? 160 ALA A C   1 
ATOM   307  O O   . ALA A 1 38  ? 0.392   -15.591 -6.325  1.00 13.07 ? 160 ALA A O   1 
ATOM   308  C CB  . ALA A 1 38  ? -0.585  -17.558 -4.237  1.00 10.09 ? 160 ALA A CB  1 
ATOM   309  N N   . GLY A 1 39  ? 1.729   -15.089 -4.575  1.00 10.18 ? 161 GLY A N   1 
ATOM   310  C CA  . GLY A 1 39  ? 2.814   -14.613 -5.418  1.00 9.92  ? 161 GLY A CA  1 
ATOM   311  C C   . GLY A 1 39  ? 2.802   -13.112 -5.667  1.00 10.29 ? 161 GLY A C   1 
ATOM   312  O O   . GLY A 1 39  ? 3.749   -12.568 -6.244  1.00 9.89  ? 161 GLY A O   1 
ATOM   313  N N   . SER A 1 40  ? 1.715   -12.458 -5.273  1.00 10.81 ? 162 SER A N   1 
ATOM   314  C CA  . SER A 1 40  ? 1.562   -11.014 -5.433  1.00 10.42 ? 162 SER A CA  1 
ATOM   315  C C   . SER A 1 40  ? 1.589   -10.286 -4.083  1.00 8.27  ? 162 SER A C   1 
ATOM   316  O O   . SER A 1 40  ? 1.592   -10.914 -3.024  1.00 8.55  ? 162 SER A O   1 
ATOM   317  C CB  . SER A 1 40  ? 0.254   -10.704 -6.189  1.00 10.43 ? 162 SER A CB  1 
ATOM   318  O OG  . SER A 1 40  ? 0.341   -11.198 -7.508  1.00 14.04 ? 162 SER A OG  1 
ATOM   319  N N   . PHE A 1 41  ? 1.564   -8.960  -4.131  1.00 7.28  ? 163 PHE A N   1 
ATOM   320  C CA  . PHE A 1 41  ? 1.613   -8.140  -2.935  1.00 7.45  ? 163 PHE A CA  1 
ATOM   321  C C   . PHE A 1 41  ? 0.398   -7.221  -2.829  1.00 8.78  ? 163 PHE A C   1 
ATOM   322  O O   . PHE A 1 41  ? -0.318  -7.014  -3.821  1.00 9.76  ? 163 PHE A O   1 
ATOM   323  C CB  . PHE A 1 41  ? 2.892   -7.295  -2.947  1.00 8.48  ? 163 PHE A CB  1 
ATOM   324  C CG  . PHE A 1 41  ? 4.143   -8.114  -3.131  1.00 8.66  ? 163 PHE A CG  1 
ATOM   325  C CD1 . PHE A 1 41  ? 4.747   -8.744  -2.041  1.00 8.02  ? 163 PHE A CD1 1 
ATOM   326  C CD2 . PHE A 1 41  ? 4.681   -8.317  -4.399  1.00 8.76  ? 163 PHE A CD2 1 
ATOM   327  C CE1 . PHE A 1 41  ? 5.859   -9.561  -2.220  1.00 6.94  ? 163 PHE A CE1 1 
ATOM   328  C CE2 . PHE A 1 41  ? 5.793   -9.132  -4.581  1.00 9.77  ? 163 PHE A CE2 1 
ATOM   329  C CZ  . PHE A 1 41  ? 6.378   -9.754  -3.488  1.00 8.00  ? 163 PHE A CZ  1 
ATOM   330  N N   . SER A 1 42  ? 0.153   -6.707  -1.625  1.00 7.15  ? 164 SER A N   1 
ATOM   331  C CA  . SER A 1 42  ? -0.944  -5.790  -1.362  1.00 8.36  ? 164 SER A CA  1 
ATOM   332  C C   . SER A 1 42  ? -0.390  -4.543  -0.694  1.00 9.09  ? 164 SER A C   1 
ATOM   333  O O   . SER A 1 42  ? 0.569   -4.617  0.092   1.00 8.63  ? 164 SER A O   1 
ATOM   334  C CB  . SER A 1 42  ? -1.997  -6.407  -0.434  1.00 8.38  ? 164 SER A CB  1 
ATOM   335  O OG  . SER A 1 42  ? -2.588  -7.542  -1.014  1.00 7.79  ? 164 SER A OG  1 
ATOM   336  N N   . LEU A 1 43  ? -0.991  -3.402  -1.016  1.00 8.52  ? 165 LEU A N   1 
ATOM   337  C CA  . LEU A 1 43  ? -0.605  -2.109  -0.457  1.00 8.40  ? 165 LEU A CA  1 
ATOM   338  C C   . LEU A 1 43  ? -1.700  -1.715  0.528   1.00 9.00  ? 165 LEU A C   1 
ATOM   339  O O   . LEU A 1 43  ? -2.886  -1.743  0.173   1.00 10.61 ? 165 LEU A O   1 
ATOM   340  C CB  . LEU A 1 43  ? -0.539  -1.051  -1.580  1.00 10.01 ? 165 LEU A CB  1 
ATOM   341  C CG  . LEU A 1 43  ? -0.453  0.435   -1.169  1.00 11.04 ? 165 LEU A CG  1 
ATOM   342  C CD1 . LEU A 1 43  ? 0.870   0.678   -0.463  1.00 11.31 ? 165 LEU A CD1 1 
ATOM   343  C CD2 . LEU A 1 43  ? -0.544  1.353   -2.383  1.00 11.42 ? 165 LEU A CD2 1 
ATOM   344  N N   . SER A 1 44  ? -1.330  -1.383  1.758   1.00 7.08  ? 166 SER A N   1 
ATOM   345  C CA  . SER A 1 44  ? -2.311  -0.957  2.758   1.00 9.88  ? 166 SER A CA  1 
ATOM   346  C C   . SER A 1 44  ? -1.965  0.487   3.132   1.00 10.37 ? 166 SER A C   1 
ATOM   347  O O   . SER A 1 44  ? -0.796  0.779   3.391   1.00 11.38 ? 166 SER A O   1 
ATOM   348  C CB  . SER A 1 44  ? -2.264  -1.863  3.993   1.00 7.42  ? 166 SER A CB  1 
ATOM   349  O OG  . SER A 1 44  ? -2.581  -3.207  3.647   1.00 9.36  ? 166 SER A OG  1 
ATOM   350  N N   . VAL A 1 45  ? -2.955  1.385   3.139   1.00 8.90  ? 167 VAL A N   1 
ATOM   351  C CA  . VAL A 1 45  ? -2.692  2.788   3.450   1.00 9.82  ? 167 VAL A CA  1 
ATOM   352  C C   . VAL A 1 45  ? -3.779  3.435   4.297   1.00 9.04  ? 167 VAL A C   1 
ATOM   353  O O   . VAL A 1 45  ? -4.963  3.152   4.125   1.00 9.86  ? 167 VAL A O   1 
ATOM   354  C CB  . VAL A 1 45  ? -2.417  3.599   2.145   1.00 9.05  ? 167 VAL A CB  1 
ATOM   355  C CG1 . VAL A 1 45  ? -3.499  3.360   1.119   1.00 9.77  ? 167 VAL A CG1 1 
ATOM   356  C CG2 . VAL A 1 45  ? -2.261  5.074   2.459   1.00 9.56  ? 167 VAL A CG2 1 
ATOM   357  N N   . ARG A 1 46  ? -3.353  4.227   5.272   1.00 7.53  ? 168 ARG A N   1 
ATOM   358  C CA  . ARG A 1 46  ? -4.259  4.913   6.181   1.00 9.74  ? 168 ARG A CA  1 
ATOM   359  C C   . ARG A 1 46  ? -4.740  6.223   5.528   1.00 11.57 ? 168 ARG A C   1 
ATOM   360  O O   . ARG A 1 46  ? -3.968  6.920   4.853   1.00 9.83  ? 168 ARG A O   1 
ATOM   361  C CB  . ARG A 1 46  ? -3.543  5.193   7.498   1.00 9.32  ? 168 ARG A CB  1 
ATOM   362  C CG  . ARG A 1 46  ? -4.395  5.870   8.534   1.00 11.75 ? 168 ARG A CG  1 
ATOM   363  C CD  . ARG A 1 46  ? -3.655  5.949   9.850   1.00 12.46 ? 168 ARG A CD  1 
ATOM   364  N NE  . ARG A 1 46  ? -4.363  6.757   10.834  1.00 13.40 ? 168 ARG A NE  1 
ATOM   365  C CZ  . ARG A 1 46  ? -4.090  6.788   12.138  1.00 14.64 ? 168 ARG A CZ  1 
ATOM   366  N NH1 . ARG A 1 46  ? -3.116  6.035   12.649  1.00 11.51 ? 168 ARG A NH1 1 
ATOM   367  N NH2 . ARG A 1 46  ? -4.772  7.614   12.927  1.00 12.59 ? 168 ARG A NH2 1 
ATOM   368  N N   . ASP A 1 47  ? -6.014  6.534   5.710   1.00 14.38 ? 169 ASP A N   1 
ATOM   369  C CA  . ASP A 1 47  ? -6.597  7.730   5.124   1.00 16.28 ? 169 ASP A CA  1 
ATOM   370  C C   . ASP A 1 47  ? -7.638  8.288   6.098   1.00 18.95 ? 169 ASP A C   1 
ATOM   371  O O   . ASP A 1 47  ? -8.141  7.557   6.948   1.00 19.86 ? 169 ASP A O   1 
ATOM   372  C CB  . ASP A 1 47  ? -7.243  7.346   3.778   1.00 18.77 ? 169 ASP A CB  1 
ATOM   373  C CG  . ASP A 1 47  ? -7.675  8.554   2.943   1.00 21.34 ? 169 ASP A CG  1 
ATOM   374  O OD1 . ASP A 1 47  ? -7.079  9.640   3.084   1.00 22.73 ? 169 ASP A OD1 1 
ATOM   375  O OD2 . ASP A 1 47  ? -8.607  8.412   2.130   1.00 22.02 ? 169 ASP A OD2 1 
ATOM   376  N N   . PHE A 1 48  ? -7.886  9.598   6.036   1.00 21.51 ? 170 PHE A N   1 
ATOM   377  C CA  . PHE A 1 48  ? -8.890  10.239  6.900   1.00 23.04 ? 170 PHE A CA  1 
ATOM   378  C C   . PHE A 1 48  ? -10.060 10.625  6.012   1.00 22.96 ? 170 PHE A C   1 
ATOM   379  O O   . PHE A 1 48  ? -9.880  11.354  5.049   1.00 22.70 ? 170 PHE A O   1 
ATOM   380  C CB  . PHE A 1 48  ? -8.347  11.496  7.593   1.00 22.30 ? 170 PHE A CB  1 
ATOM   381  C CG  . PHE A 1 48  ? -9.321  12.119  8.579   1.00 24.07 ? 170 PHE A CG  1 
ATOM   382  C CD1 . PHE A 1 48  ? -9.346  11.708  9.912   1.00 24.53 ? 170 PHE A CD1 1 
ATOM   383  C CD2 . PHE A 1 48  ? -10.240 13.094  8.166   1.00 25.40 ? 170 PHE A CD2 1 
ATOM   384  C CE1 . PHE A 1 48  ? -10.274 12.252  10.821  1.00 24.95 ? 170 PHE A CE1 1 
ATOM   385  C CE2 . PHE A 1 48  ? -11.173 13.644  9.066   1.00 23.28 ? 170 PHE A CE2 1 
ATOM   386  C CZ  . PHE A 1 48  ? -11.187 13.216  10.396  1.00 23.19 ? 170 PHE A CZ  1 
ATOM   387  N N   . ASP A 1 49  ? -11.256 10.152  6.345   1.00 24.11 ? 171 ASP A N   1 
ATOM   388  C CA  . ASP A 1 49  ? -12.464 10.444  5.561   1.00 26.60 ? 171 ASP A CA  1 
ATOM   389  C C   . ASP A 1 49  ? -13.441 11.363  6.291   1.00 26.68 ? 171 ASP A C   1 
ATOM   390  O O   . ASP A 1 49  ? -13.544 11.341  7.522   1.00 25.12 ? 171 ASP A O   1 
ATOM   391  C CB  . ASP A 1 49  ? -13.205 9.149   5.214   1.00 29.82 ? 171 ASP A CB  1 
ATOM   392  C CG  . ASP A 1 49  ? -12.286 7.968   5.136   1.00 34.38 ? 171 ASP A CG  1 
ATOM   393  O OD1 . ASP A 1 49  ? -11.824 7.520   6.207   1.00 38.32 ? 171 ASP A OD1 1 
ATOM   394  O OD2 . ASP A 1 49  ? -11.993 7.512   4.012   1.00 37.11 ? 171 ASP A OD2 1 
ATOM   395  N N   . GLN A 1 50  ? -14.186 12.137  5.505   1.00 28.43 ? 172 GLN A N   1 
ATOM   396  C CA  . GLN A 1 50  ? -15.194 13.064  6.031   1.00 30.83 ? 172 GLN A CA  1 
ATOM   397  C C   . GLN A 1 50  ? -16.094 12.475  7.135   1.00 32.11 ? 172 GLN A C   1 
ATOM   398  O O   . GLN A 1 50  ? -16.344 13.114  8.152   1.00 34.27 ? 172 GLN A O   1 
ATOM   399  C CB  . GLN A 1 50  ? -16.055 13.640  4.890   1.00 30.85 ? 172 GLN A CB  1 
ATOM   400  C CG  . GLN A 1 50  ? -16.246 12.731  3.663   1.00 33.33 ? 172 GLN A CG  1 
ATOM   401  C CD  . GLN A 1 50  ? -15.129 12.881  2.620   1.00 35.34 ? 172 GLN A CD  1 
ATOM   402  O OE1 . GLN A 1 50  ? -15.133 13.822  1.816   1.00 37.66 ? 172 GLN A OE1 1 
ATOM   403  N NE2 . GLN A 1 50  ? -14.180 11.939  2.616   1.00 34.01 ? 172 GLN A NE2 1 
ATOM   404  N N   . ASN A 1 51  ? -16.544 11.242  6.955   1.00 31.96 ? 173 ASN A N   1 
ATOM   405  C CA  . ASN A 1 51  ? -17.415 10.621  7.940   1.00 31.77 ? 173 ASN A CA  1 
ATOM   406  C C   . ASN A 1 51  ? -16.782 9.436   8.658   1.00 32.89 ? 173 ASN A C   1 
ATOM   407  O O   . ASN A 1 51  ? -16.940 9.284   9.871   1.00 32.37 ? 173 ASN A O   1 
ATOM   408  C CB  . ASN A 1 51  ? -18.729 10.215  7.274   1.00 32.11 ? 173 ASN A CB  1 
ATOM   409  C CG  . ASN A 1 51  ? -19.468 11.407  6.675   1.00 34.13 ? 173 ASN A CG  1 
ATOM   410  O OD1 . ASN A 1 51  ? -19.660 11.485  5.457   1.00 34.81 ? 173 ASN A OD1 1 
ATOM   411  N ND2 . ASN A 1 51  ? -19.849 12.360  7.526   1.00 32.41 ? 173 ASN A ND2 1 
ATOM   412  N N   . GLN A 1 52  ? -16.058 8.601   7.916   1.00 31.35 ? 174 GLN A N   1 
ATOM   413  C CA  . GLN A 1 52  ? -15.431 7.430   8.516   1.00 30.76 ? 174 GLN A CA  1 
ATOM   414  C C   . GLN A 1 52  ? -14.374 7.773   9.567   1.00 30.35 ? 174 GLN A C   1 
ATOM   415  O O   . GLN A 1 52  ? -14.162 7.005   10.514  1.00 32.43 ? 174 GLN A O   1 
ATOM   416  C CB  . GLN A 1 52  ? -14.758 6.561   7.455   1.00 32.83 ? 174 GLN A CB  1 
ATOM   417  C CG  . GLN A 1 52  ? -15.569 6.298   6.198   1.00 35.97 ? 174 GLN A CG  1 
ATOM   418  C CD  . GLN A 1 52  ? -15.048 5.135   5.413   1.00 36.07 ? 174 GLN A CD  1 
ATOM   419  O OE1 . GLN A 1 52  ? -14.333 5.318   4.405   1.00 35.45 ? 174 GLN A OE1 1 
ATOM   420  N NE2 . GLN A 1 52  ? -15.329 3.916   5.903   1.00 37.58 ? 174 GLN A NE2 1 
ATOM   421  N N   . GLY A 1 53  ? -13.758 8.945   9.443   1.00 26.08 ? 175 GLY A N   1 
ATOM   422  C CA  . GLY A 1 53  ? -12.711 9.294   10.376  1.00 23.24 ? 175 GLY A CA  1 
ATOM   423  C C   . GLY A 1 53  ? -11.524 8.495   9.880   1.00 21.57 ? 175 GLY A C   1 
ATOM   424  O O   . GLY A 1 53  ? -11.354 8.371   8.675   1.00 21.90 ? 175 GLY A O   1 
ATOM   425  N N   . GLU A 1 54  ? -10.747 7.901   10.780  1.00 20.69 ? 176 GLU A N   1 
ATOM   426  C CA  . GLU A 1 54  ? -9.563  7.118   10.401  1.00 20.31 ? 176 GLU A CA  1 
ATOM   427  C C   . GLU A 1 54  ? -9.935  5.788   9.756   1.00 16.35 ? 176 GLU A C   1 
ATOM   428  O O   . GLU A 1 54  ? -10.704 5.016   10.321  1.00 15.42 ? 176 GLU A O   1 
ATOM   429  C CB  . GLU A 1 54  ? -8.621  6.901   11.608  1.00 21.88 ? 176 GLU A CB  1 
ATOM   430  C CG  . GLU A 1 54  ? -9.349  6.523   12.899  1.00 28.09 ? 176 GLU A CG  1 
ATOM   431  C CD  . GLU A 1 54  ? -8.603  5.472   13.754  1.00 29.92 ? 176 GLU A CD  1 
ATOM   432  O OE1 . GLU A 1 54  ? -7.377  5.623   13.996  1.00 31.95 ? 176 GLU A OE1 1 
ATOM   433  O OE2 . GLU A 1 54  ? -9.281  4.494   14.197  1.00 25.65 ? 176 GLU A OE2 1 
ATOM   434  N N   . VAL A 1 55  ? -9.339  5.510   8.600   1.00 13.55 ? 177 VAL A N   1 
ATOM   435  C CA  . VAL A 1 55  ? -9.651  4.300   7.861   1.00 12.11 ? 177 VAL A CA  1 
ATOM   436  C C   . VAL A 1 55  ? -8.425  3.743   7.114   1.00 11.67 ? 177 VAL A C   1 
ATOM   437  O O   . VAL A 1 55  ? -7.435  4.446   6.939   1.00 11.63 ? 177 VAL A O   1 
ATOM   438  C CB  . VAL A 1 55  ? -10.834 4.621   6.881   1.00 14.17 ? 177 VAL A CB  1 
ATOM   439  C CG1 . VAL A 1 55  ? -10.359 4.743   5.440   1.00 15.12 ? 177 VAL A CG1 1 
ATOM   440  C CG2 . VAL A 1 55  ? -11.964 3.650   7.054   1.00 17.55 ? 177 VAL A CG2 1 
ATOM   441  N N   . VAL A 1 56  ? -8.444  2.458   6.763   1.00 10.40 ? 178 VAL A N   1 
ATOM   442  C CA  . VAL A 1 56  ? -7.344  1.880   6.000   1.00 9.71  ? 178 VAL A CA  1 
ATOM   443  C C   . VAL A 1 56  ? -7.926  1.278   4.732   1.00 10.28 ? 178 VAL A C   1 
ATOM   444  O O   . VAL A 1 56  ? -8.978  0.630   4.778   1.00 12.97 ? 178 VAL A O   1 
ATOM   445  C CB  . VAL A 1 56  ? -6.577  0.805   6.789   1.00 10.19 ? 178 VAL A CB  1 
ATOM   446  C CG1 . VAL A 1 56  ? -5.607  0.065   5.879   1.00 9.10  ? 178 VAL A CG1 1 
ATOM   447  C CG2 . VAL A 1 56  ? -5.810  1.453   7.919   1.00 9.73  ? 178 VAL A CG2 1 
ATOM   448  N N   . LYS A 1 57  ? -7.296  1.575   3.598   1.00 10.54 ? 179 LYS A N   1 
ATOM   449  C CA  . LYS A 1 57  ? -7.714  1.048   2.300   1.00 10.55 ? 179 LYS A CA  1 
ATOM   450  C C   . LYS A 1 57  ? -6.610  0.146   1.758   1.00 10.12 ? 179 LYS A C   1 
ATOM   451  O O   . LYS A 1 57  ? -5.424  0.372   2.027   1.00 9.68  ? 179 LYS A O   1 
ATOM   452  C CB  . LYS A 1 57  ? -8.021  2.195   1.323   1.00 11.99 ? 179 LYS A CB  1 
ATOM   453  C CG  . LYS A 1 57  ? -9.342  2.905   1.659   1.00 14.87 ? 179 LYS A CG  1 
ATOM   454  C CD  . LYS A 1 57  ? -9.533  4.175   0.898   1.00 16.50 ? 179 LYS A CD  1 
ATOM   455  C CE  . LYS A 1 57  ? -10.860 4.812   1.289   1.00 18.74 ? 179 LYS A CE  1 
ATOM   456  N NZ  . LYS A 1 57  ? -10.938 6.236   0.860   1.00 22.15 ? 179 LYS A NZ  1 
ATOM   457  N N   . HIS A 1 58  ? -7.008  -0.900  1.037   1.00 8.77  ? 180 HIS A N   1 
ATOM   458  C CA  . HIS A 1 58  ? -6.075  -1.867  0.482   1.00 8.86  ? 180 HIS A CA  1 
ATOM   459  C C   . HIS A 1 58  ? -6.171  -1.851  -1.035  1.00 10.60 ? 180 HIS A C   1 
ATOM   460  O O   . HIS A 1 58  ? -7.264  -1.751  -1.589  1.00 10.50 ? 180 HIS A O   1 
ATOM   461  C CB  . HIS A 1 58  ? -6.396  -3.287  1.004   1.00 7.85  ? 180 HIS A CB  1 
ATOM   462  C CG  . HIS A 1 58  ? -6.498  -3.385  2.500   1.00 8.33  ? 180 HIS A CG  1 
ATOM   463  N ND1 . HIS A 1 58  ? -5.396  -3.468  3.324   1.00 7.67  ? 180 HIS A ND1 1 
ATOM   464  C CD2 . HIS A 1 58  ? -7.579  -3.364  3.322   1.00 7.89  ? 180 HIS A CD2 1 
ATOM   465  C CE1 . HIS A 1 58  ? -5.791  -3.487  4.586   1.00 7.32  ? 180 HIS A CE1 1 
ATOM   466  N NE2 . HIS A 1 58  ? -7.110  -3.423  4.614   1.00 7.31  ? 180 HIS A NE2 1 
ATOM   467  N N   . TYR A 1 59  ? -5.027  -1.973  -1.701  1.00 8.64  ? 181 TYR A N   1 
ATOM   468  C CA  . TYR A 1 59  ? -4.952  -2.006  -3.163  1.00 9.98  ? 181 TYR A CA  1 
ATOM   469  C C   . TYR A 1 59  ? -4.173  -3.244  -3.557  1.00 11.83 ? 181 TYR A C   1 
ATOM   470  O O   . TYR A 1 59  ? -3.168  -3.576  -2.917  1.00 11.37 ? 181 TYR A O   1 
ATOM   471  C CB  . TYR A 1 59  ? -4.190  -0.780  -3.703  1.00 10.16 ? 181 TYR A CB  1 
ATOM   472  C CG  . TYR A 1 59  ? -4.911  0.518   -3.443  1.00 11.53 ? 181 TYR A CG  1 
ATOM   473  C CD1 . TYR A 1 59  ? -4.722  1.231   -2.255  1.00 10.88 ? 181 TYR A CD1 1 
ATOM   474  C CD2 . TYR A 1 59  ? -5.835  1.007   -4.368  1.00 11.60 ? 181 TYR A CD2 1 
ATOM   475  C CE1 . TYR A 1 59  ? -5.453  2.381   -1.995  1.00 12.24 ? 181 TYR A CE1 1 
ATOM   476  C CE2 . TYR A 1 59  ? -6.569  2.169   -4.111  1.00 10.81 ? 181 TYR A CE2 1 
ATOM   477  C CZ  . TYR A 1 59  ? -6.369  2.839   -2.932  1.00 13.11 ? 181 TYR A CZ  1 
ATOM   478  O OH  . TYR A 1 59  ? -7.090  3.964   -2.660  1.00 15.45 ? 181 TYR A OH  1 
ATOM   479  N N   . LYS A 1 60  ? -4.645  -3.947  -4.578  1.00 10.14 ? 182 LYS A N   1 
ATOM   480  C CA  . LYS A 1 60  ? -3.933  -5.126  -5.061  1.00 10.68 ? 182 LYS A CA  1 
ATOM   481  C C   . LYS A 1 60  ? -2.804  -4.630  -5.952  1.00 11.18 ? 182 LYS A C   1 
ATOM   482  O O   . LYS A 1 60  ? -3.005  -3.729  -6.770  1.00 10.59 ? 182 LYS A O   1 
ATOM   483  C CB  . LYS A 1 60  ? -4.829  -6.029  -5.920  1.00 10.25 ? 182 LYS A CB  1 
ATOM   484  C CG  . LYS A 1 60  ? -6.084  -6.517  -5.264  1.00 8.59  ? 182 LYS A CG  1 
ATOM   485  C CD  . LYS A 1 60  ? -6.856  -7.432  -6.188  1.00 9.44  ? 182 LYS A CD  1 
ATOM   486  C CE  . LYS A 1 60  ? -6.168  -8.773  -6.376  1.00 10.29 ? 182 LYS A CE  1 
ATOM   487  N NZ  . LYS A 1 60  ? -6.104  -9.504  -5.096  1.00 10.27 ? 182 LYS A NZ  1 
ATOM   488  N N   . ILE A 1 61  ? -1.605  -5.164  -5.757  1.00 11.22 ? 183 ILE A N   1 
ATOM   489  C CA  . ILE A 1 61  ? -0.491  -4.815  -6.621  1.00 11.28 ? 183 ILE A CA  1 
ATOM   490  C C   . ILE A 1 61  ? -0.412  -6.017  -7.555  1.00 12.02 ? 183 ILE A C   1 
ATOM   491  O O   . ILE A 1 61  ? -0.207  -7.141  -7.103  1.00 11.97 ? 183 ILE A O   1 
ATOM   492  C CB  . ILE A 1 61  ? 0.832   -4.665  -5.838  1.00 11.38 ? 183 ILE A CB  1 
ATOM   493  C CG1 . ILE A 1 61  ? 0.764   -3.424  -4.935  1.00 11.26 ? 183 ILE A CG1 1 
ATOM   494  C CG2 . ILE A 1 61  ? 2.024   -4.644  -6.812  1.00 11.94 ? 183 ILE A CG2 1 
ATOM   495  C CD1 . ILE A 1 61  ? 2.054   -3.110  -4.168  1.00 8.68  ? 183 ILE A CD1 1 
ATOM   496  N N   . ARG A 1 62  ? -0.662  -5.793  -8.839  1.00 11.76 ? 184 ARG A N   1 
ATOM   497  C CA  . ARG A 1 62  ? -0.622  -6.880  -9.804  1.00 12.23 ? 184 ARG A CA  1 
ATOM   498  C C   . ARG A 1 62  ? 0.773   -7.056  -10.407 1.00 11.48 ? 184 ARG A C   1 
ATOM   499  O O   . ARG A 1 62  ? 1.483   -6.080  -10.632 1.00 9.93  ? 184 ARG A O   1 
ATOM   500  C CB  . ARG A 1 62  ? -1.676  -6.660  -10.914 1.00 17.38 ? 184 ARG A CB  1 
ATOM   501  C CG  . ARG A 1 62  ? -3.123  -6.414  -10.419 1.00 23.14 ? 184 ARG A CG  1 
ATOM   502  C CD  . ARG A 1 62  ? -3.333  -4.930  -10.008 1.00 29.41 ? 184 ARG A CD  1 
ATOM   503  N NE  . ARG A 1 62  ? -4.693  -4.600  -9.576  1.00 33.53 ? 184 ARG A NE  1 
ATOM   504  C CZ  . ARG A 1 62  ? -5.728  -4.459  -10.402 1.00 36.79 ? 184 ARG A CZ  1 
ATOM   505  N NH1 . ARG A 1 62  ? -5.566  -4.611  -11.717 1.00 37.17 ? 184 ARG A NH1 1 
ATOM   506  N NH2 . ARG A 1 62  ? -6.925  -4.148  -9.917  1.00 36.79 ? 184 ARG A NH2 1 
ATOM   507  N N   . ASN A 1 63  ? 1.140   -8.298  -10.700 1.00 11.10 ? 185 ASN A N   1 
ATOM   508  C CA  . ASN A 1 63  ? 2.439   -8.635  -11.290 1.00 12.08 ? 185 ASN A CA  1 
ATOM   509  C C   . ASN A 1 63  ? 2.347   -8.707  -12.819 1.00 13.75 ? 185 ASN A C   1 
ATOM   510  O O   . ASN A 1 63  ? 1.340   -9.187  -13.359 1.00 16.91 ? 185 ASN A O   1 
ATOM   511  C CB  . ASN A 1 63  ? 2.914   -10.014 -10.794 1.00 12.89 ? 185 ASN A CB  1 
ATOM   512  C CG  . ASN A 1 63  ? 3.355   -10.015 -9.339  1.00 12.96 ? 185 ASN A CG  1 
ATOM   513  O OD1 . ASN A 1 63  ? 3.730   -8.983  -8.778  1.00 12.92 ? 185 ASN A OD1 1 
ATOM   514  N ND2 . ASN A 1 63  ? 3.334   -11.192 -8.723  1.00 11.57 ? 185 ASN A ND2 1 
ATOM   515  N N   . LEU A 1 64  ? 3.363   -8.190  -13.507 1.00 11.76 ? 186 LEU A N   1 
ATOM   516  C CA  . LEU A 1 64  ? 3.439   -8.262  -14.963 1.00 11.77 ? 186 LEU A CA  1 
ATOM   517  C C   . LEU A 1 64  ? 4.300   -9.480  -15.242 1.00 14.38 ? 186 LEU A C   1 
ATOM   518  O O   . LEU A 1 64  ? 5.297   -9.703  -14.525 1.00 13.60 ? 186 LEU A O   1 
ATOM   519  C CB  . LEU A 1 64  ? 4.186   -7.069  -15.562 1.00 12.30 ? 186 LEU A CB  1 
ATOM   520  C CG  . LEU A 1 64  ? 3.618   -5.649  -15.595 1.00 11.20 ? 186 LEU A CG  1 
ATOM   521  C CD1 . LEU A 1 64  ? 4.630   -4.735  -16.250 1.00 11.18 ? 186 LEU A CD1 1 
ATOM   522  C CD2 . LEU A 1 64  ? 2.314   -5.618  -16.352 1.00 14.43 ? 186 LEU A CD2 1 
ATOM   523  N N   . ASP A 1 65  ? 3.901   -10.291 -16.226 1.00 13.80 ? 187 ASP A N   1 
ATOM   524  C CA  . ASP A 1 65  ? 4.679   -11.463 -16.613 1.00 15.41 ? 187 ASP A CA  1 
ATOM   525  C C   . ASP A 1 65  ? 6.114   -11.003 -16.948 1.00 14.39 ? 187 ASP A C   1 
ATOM   526  O O   . ASP A 1 65  ? 6.313   -10.035 -17.695 1.00 13.00 ? 187 ASP A O   1 
ATOM   527  C CB  . ASP A 1 65  ? 4.091   -12.126 -17.862 1.00 15.72 ? 187 ASP A CB  1 
ATOM   528  C CG  . ASP A 1 65  ? 2.774   -12.856 -17.597 1.00 17.93 ? 187 ASP A CG  1 
ATOM   529  O OD1 . ASP A 1 65  ? 2.333   -12.969 -16.429 1.00 17.20 ? 187 ASP A OD1 1 
ATOM   530  O OD2 . ASP A 1 65  ? 2.184   -13.339 -18.586 1.00 17.69 ? 187 ASP A OD2 1 
ATOM   531  N N   . ASN A 1 66  ? 7.086   -11.656 -16.322 1.00 12.02 ? 188 ASN A N   1 
ATOM   532  C CA  . ASN A 1 66  ? 8.509   -11.393 -16.514 1.00 10.44 ? 188 ASN A CA  1 
ATOM   533  C C   . ASN A 1 66  ? 9.051   -10.112 -15.884 1.00 8.89  ? 188 ASN A C   1 
ATOM   534  O O   . ASN A 1 66  ? 10.119  -9.620  -16.266 1.00 8.12  ? 188 ASN A O   1 
ATOM   535  C CB  . ASN A 1 66  ? 8.901   -11.498 -17.997 1.00 9.59  ? 188 ASN A CB  1 
ATOM   536  C CG  . ASN A 1 66  ? 8.684   -12.903 -18.562 1.00 12.68 ? 188 ASN A CG  1 
ATOM   537  O OD1 . ASN A 1 66  ? 7.582   -13.248 -18.991 1.00 10.10 ? 188 ASN A OD1 1 
ATOM   538  N ND2 . ASN A 1 66  ? 9.748   -13.720 -18.568 1.00 10.00 ? 188 ASN A ND2 1 
ATOM   539  N N   . GLY A 1 67  ? 8.347   -9.615  -14.876 1.00 8.98  ? 189 GLY A N   1 
ATOM   540  C CA  . GLY A 1 67  ? 8.795   -8.424  -14.177 1.00 9.79  ? 189 GLY A CA  1 
ATOM   541  C C   . GLY A 1 67  ? 7.960   -7.179  -14.339 1.00 10.48 ? 189 GLY A C   1 
ATOM   542  O O   . GLY A 1 67  ? 7.667   -6.759  -15.460 1.00 11.22 ? 189 GLY A O   1 
ATOM   543  N N   . GLY A 1 68  ? 7.562   -6.593  -13.218 1.00 10.16 ? 190 GLY A N   1 
ATOM   544  C CA  . GLY A 1 68  ? 6.781   -5.377  -13.279 1.00 11.59 ? 190 GLY A CA  1 
ATOM   545  C C   . GLY A 1 68  ? 5.618   -5.396  -12.321 1.00 12.24 ? 190 GLY A C   1 
ATOM   546  O O   . GLY A 1 68  ? 5.116   -6.464  -11.954 1.00 11.89 ? 190 GLY A O   1 
ATOM   547  N N   . PHE A 1 69  ? 5.131   -4.204  -11.989 1.00 12.43 ? 191 PHE A N   1 
ATOM   548  C CA  . PHE A 1 69  ? 4.039   -4.045  -11.034 1.00 11.92 ? 191 PHE A CA  1 
ATOM   549  C C   . PHE A 1 69  ? 3.115   -2.884  -11.402 1.00 12.72 ? 191 PHE A C   1 
ATOM   550  O O   . PHE A 1 69  ? 3.560   -1.873  -11.959 1.00 12.30 ? 191 PHE A O   1 
ATOM   551  C CB  . PHE A 1 69  ? 4.602   -3.752  -9.634  1.00 10.50 ? 191 PHE A CB  1 
ATOM   552  C CG  . PHE A 1 69  ? 5.571   -4.785  -9.130  1.00 11.82 ? 191 PHE A CG  1 
ATOM   553  C CD1 . PHE A 1 69  ? 5.113   -5.986  -8.572  1.00 11.59 ? 191 PHE A CD1 1 
ATOM   554  C CD2 . PHE A 1 69  ? 6.935   -4.536  -9.153  1.00 11.52 ? 191 PHE A CD2 1 
ATOM   555  C CE1 . PHE A 1 69  ? 6.003   -6.907  -8.043  1.00 10.26 ? 191 PHE A CE1 1 
ATOM   556  C CE2 . PHE A 1 69  ? 7.833   -5.448  -8.632  1.00 11.57 ? 191 PHE A CE2 1 
ATOM   557  C CZ  . PHE A 1 69  ? 7.368   -6.637  -8.070  1.00 11.11 ? 191 PHE A CZ  1 
ATOM   558  N N   . TYR A 1 70  ? 1.840   -3.027  -11.045 1.00 13.87 ? 192 TYR A N   1 
ATOM   559  C CA  . TYR A 1 70  ? 0.843   -1.986  -11.279 1.00 12.53 ? 192 TYR A CA  1 
ATOM   560  C C   . TYR A 1 70  ? -0.373  -2.180  -10.398 1.00 12.54 ? 192 TYR A C   1 
ATOM   561  O O   . TYR A 1 70  ? -0.680  -3.295  -9.979  1.00 12.96 ? 192 TYR A O   1 
ATOM   562  C CB  . TYR A 1 70  ? 0.408   -1.924  -12.756 1.00 13.06 ? 192 TYR A CB  1 
ATOM   563  C CG  . TYR A 1 70  ? -0.504  -3.035  -13.227 1.00 13.81 ? 192 TYR A CG  1 
ATOM   564  C CD1 . TYR A 1 70  ? -1.871  -3.011  -12.951 1.00 14.14 ? 192 TYR A CD1 1 
ATOM   565  C CD2 . TYR A 1 70  ? -0.001  -4.107  -13.961 1.00 16.65 ? 192 TYR A CD2 1 
ATOM   566  C CE1 . TYR A 1 70  ? -2.717  -4.019  -13.402 1.00 17.46 ? 192 TYR A CE1 1 
ATOM   567  C CE2 . TYR A 1 70  ? -0.845  -5.133  -14.418 1.00 18.40 ? 192 TYR A CE2 1 
ATOM   568  C CZ  . TYR A 1 70  ? -2.198  -5.078  -14.127 1.00 17.11 ? 192 TYR A CZ  1 
ATOM   569  O OH  . TYR A 1 70  ? -3.020  -6.090  -14.545 1.00 19.37 ? 192 TYR A OH  1 
ATOM   570  N N   . ILE A 1 71  ? -0.994  -1.069  -10.033 1.00 11.28 ? 193 ILE A N   1 
ATOM   571  C CA  . ILE A 1 71  ? -2.207  -1.074  -9.238  1.00 11.72 ? 193 ILE A CA  1 
ATOM   572  C C   . ILE A 1 71  ? -3.326  -0.807  -10.251 1.00 14.17 ? 193 ILE A C   1 
ATOM   573  O O   . ILE A 1 71  ? -4.409  -1.397  -10.200 1.00 12.34 ? 193 ILE A O   1 
ATOM   574  C CB  . ILE A 1 71  ? -2.145  0.036   -8.155  1.00 11.36 ? 193 ILE A CB  1 
ATOM   575  C CG1 . ILE A 1 71  ? -1.135  -0.384  -7.080  1.00 8.86  ? 193 ILE A CG1 1 
ATOM   576  C CG2 . ILE A 1 71  ? -3.550  0.317   -7.557  1.00 10.89 ? 193 ILE A CG2 1 
ATOM   577  C CD1 . ILE A 1 71  ? -1.000  0.552   -5.920  1.00 9.95  ? 193 ILE A CD1 1 
ATOM   578  N N   . SER A 1 72  ? -3.014  0.055   -11.210 1.00 14.27 ? 194 SER A N   1 
ATOM   579  C CA  . SER A 1 72  ? -3.920  0.431   -12.276 1.00 16.36 ? 194 SER A CA  1 
ATOM   580  C C   . SER A 1 72  ? -3.202  0.068   -13.597 1.00 14.28 ? 194 SER A C   1 
ATOM   581  O O   . SER A 1 72  ? -2.067  0.514   -13.830 1.00 11.51 ? 194 SER A O   1 
ATOM   582  C CB  . SER A 1 72  ? -4.198  1.933   -12.155 1.00 17.28 ? 194 SER A CB  1 
ATOM   583  O OG  . SER A 1 72  ? -5.050  2.397   -13.181 1.00 24.28 ? 194 SER A OG  1 
ATOM   584  N N   . PRO A 1 73  ? -3.861  -0.715  -14.487 1.00 13.56 ? 195 PRO A N   1 
ATOM   585  C CA  . PRO A 1 73  ? -3.306  -1.154  -15.775 1.00 15.27 ? 195 PRO A CA  1 
ATOM   586  C C   . PRO A 1 73  ? -2.671  -0.063  -16.614 1.00 15.12 ? 195 PRO A C   1 
ATOM   587  O O   . PRO A 1 73  ? -1.732  -0.327  -17.350 1.00 17.15 ? 195 PRO A O   1 
ATOM   588  C CB  . PRO A 1 73  ? -4.523  -1.740  -16.497 1.00 14.21 ? 195 PRO A CB  1 
ATOM   589  C CG  . PRO A 1 73  ? -5.359  -2.236  -15.403 1.00 12.88 ? 195 PRO A CG  1 
ATOM   590  C CD  . PRO A 1 73  ? -5.267  -1.142  -14.368 1.00 13.36 ? 195 PRO A CD  1 
ATOM   591  N N   . ARG A 1 74  ? -3.197  1.150   -16.491 1.00 15.50 ? 196 ARG A N   1 
ATOM   592  C CA  . ARG A 1 74  ? -2.739  2.302   -17.255 1.00 17.20 ? 196 ARG A CA  1 
ATOM   593  C C   . ARG A 1 74  ? -1.342  2.810   -16.931 1.00 18.53 ? 196 ARG A C   1 
ATOM   594  O O   . ARG A 1 74  ? -0.797  3.629   -17.676 1.00 20.23 ? 196 ARG A O   1 
ATOM   595  C CB  . ARG A 1 74  ? -3.736  3.448   -17.118 1.00 17.90 ? 196 ARG A CB  1 
ATOM   596  C CG  . ARG A 1 74  ? -3.868  3.946   -15.715 1.00 16.15 ? 196 ARG A CG  1 
ATOM   597  C CD  . ARG A 1 74  ? -4.960  4.961   -15.586 1.00 16.26 ? 196 ARG A CD  1 
ATOM   598  N NE  . ARG A 1 74  ? -5.197  5.308   -14.194 1.00 14.96 ? 196 ARG A NE  1 
ATOM   599  C CZ  . ARG A 1 74  ? -4.428  6.125   -13.482 1.00 16.44 ? 196 ARG A CZ  1 
ATOM   600  N NH1 . ARG A 1 74  ? -3.362  6.687   -14.038 1.00 16.96 ? 196 ARG A NH1 1 
ATOM   601  N NH2 . ARG A 1 74  ? -4.727  6.370   -12.212 1.00 16.07 ? 196 ARG A NH2 1 
ATOM   602  N N   . ILE A 1 75  ? -0.760  2.360   -15.828 1.00 15.45 ? 197 ILE A N   1 
ATOM   603  C CA  . ILE A 1 75  ? 0.584   2.814   -15.508 1.00 13.91 ? 197 ILE A CA  1 
ATOM   604  C C   . ILE A 1 75  ? 1.324   1.725   -14.722 1.00 12.84 ? 197 ILE A C   1 
ATOM   605  O O   . ILE A 1 75  ? 0.882   1.310   -13.642 1.00 12.09 ? 197 ILE A O   1 
ATOM   606  C CB  . ILE A 1 75  ? 0.583   4.182   -14.788 1.00 14.19 ? 197 ILE A CB  1 
ATOM   607  C CG1 . ILE A 1 75  ? 2.011   4.569   -14.400 1.00 15.41 ? 197 ILE A CG1 1 
ATOM   608  C CG2 . ILE A 1 75  ? -0.380  4.172   -13.616 1.00 16.76 ? 197 ILE A CG2 1 
ATOM   609  C CD1 . ILE A 1 75  ? 2.161   5.969   -13.912 1.00 16.34 ? 197 ILE A CD1 1 
ATOM   610  N N   . THR A 1 76  ? 2.440   1.268   -15.281 1.00 10.16 ? 198 THR A N   1 
ATOM   611  C CA  . THR A 1 76  ? 3.206   0.196   -14.669 1.00 10.59 ? 198 THR A CA  1 
ATOM   612  C C   . THR A 1 76  ? 4.591   0.638   -14.248 1.00 10.96 ? 198 THR A C   1 
ATOM   613  O O   . THR A 1 76  ? 5.070   1.692   -14.664 1.00 12.24 ? 198 THR A O   1 
ATOM   614  C CB  . THR A 1 76  ? 3.341   -1.008  -15.610 1.00 9.66  ? 198 THR A CB  1 
ATOM   615  O OG1 . THR A 1 76  ? 4.121   -0.631  -16.750 1.00 10.43 ? 198 THR A OG1 1 
ATOM   616  C CG2 . THR A 1 76  ? 1.970   -1.480  -16.073 1.00 9.96  ? 198 THR A CG2 1 
ATOM   617  N N   . PHE A 1 77  ? 5.241   -0.197  -13.442 1.00 9.43  ? 199 PHE A N   1 
ATOM   618  C CA  . PHE A 1 77  ? 6.565   0.098   -12.926 1.00 10.42 ? 199 PHE A CA  1 
ATOM   619  C C   . PHE A 1 77  ? 7.447   -1.137  -13.006 1.00 10.86 ? 199 PHE A C   1 
ATOM   620  O O   . PHE A 1 77  ? 6.944   -2.256  -12.991 1.00 9.89  ? 199 PHE A O   1 
ATOM   621  C CB  . PHE A 1 77  ? 6.446   0.551   -11.468 1.00 9.34  ? 199 PHE A CB  1 
ATOM   622  C CG  . PHE A 1 77  ? 5.491   1.675   -11.281 1.00 12.00 ? 199 PHE A CG  1 
ATOM   623  C CD1 . PHE A 1 77  ? 5.831   2.968   -11.664 1.00 12.67 ? 199 PHE A CD1 1 
ATOM   624  C CD2 . PHE A 1 77  ? 4.226   1.445   -10.752 1.00 12.98 ? 199 PHE A CD2 1 
ATOM   625  C CE1 . PHE A 1 77  ? 4.922   4.013   -11.527 1.00 13.46 ? 199 PHE A CE1 1 
ATOM   626  C CE2 . PHE A 1 77  ? 3.311   2.487   -10.609 1.00 14.65 ? 199 PHE A CE2 1 
ATOM   627  C CZ  . PHE A 1 77  ? 3.664   3.767   -10.996 1.00 13.09 ? 199 PHE A CZ  1 
ATOM   628  N N   . PRO A 1 78  ? 8.763   -0.949  -13.199 1.00 11.45 ? 200 PRO A N   1 
ATOM   629  C CA  . PRO A 1 78  ? 9.683   -2.093  -13.278 1.00 12.71 ? 200 PRO A CA  1 
ATOM   630  C C   . PRO A 1 78  ? 9.944   -2.720  -11.895 1.00 11.91 ? 200 PRO A C   1 
ATOM   631  O O   . PRO A 1 78  ? 10.415  -3.849  -11.793 1.00 13.67 ? 200 PRO A O   1 
ATOM   632  C CB  . PRO A 1 78  ? 10.955  -1.462  -13.858 1.00 12.10 ? 200 PRO A CB  1 
ATOM   633  C CG  . PRO A 1 78  ? 10.919  -0.063  -13.288 1.00 11.85 ? 200 PRO A CG  1 
ATOM   634  C CD  . PRO A 1 78  ? 9.467   0.320   -13.473 1.00 10.74 ? 200 PRO A CD  1 
ATOM   635  N N   . GLY A 1 79  ? 9.614   -1.984  -10.838 1.00 10.81 ? 201 GLY A N   1 
ATOM   636  C CA  . GLY A 1 79  ? 9.820   -2.481  -9.487  1.00 10.81 ? 201 GLY A CA  1 
ATOM   637  C C   . GLY A 1 79  ? 9.005   -1.735  -8.452  1.00 9.27  ? 201 GLY A C   1 
ATOM   638  O O   . GLY A 1 79  ? 8.432   -0.683  -8.736  1.00 8.47  ? 201 GLY A O   1 
ATOM   639  N N   . LEU A 1 80  ? 8.969   -2.274  -7.236  1.00 8.31  ? 202 LEU A N   1 
ATOM   640  C CA  . LEU A 1 80  ? 8.234   -1.665  -6.131  1.00 7.33  ? 202 LEU A CA  1 
ATOM   641  C C   . LEU A 1 80  ? 8.824   -0.333  -5.690  1.00 9.36  ? 202 LEU A C   1 
ATOM   642  O O   . LEU A 1 80  ? 8.097   0.527   -5.182  1.00 8.50  ? 202 LEU A O   1 
ATOM   643  C CB  . LEU A 1 80  ? 8.134   -2.619  -4.938  1.00 8.83  ? 202 LEU A CB  1 
ATOM   644  C CG  . LEU A 1 80  ? 7.209   -3.831  -5.116  1.00 9.77  ? 202 LEU A CG  1 
ATOM   645  C CD1 . LEU A 1 80  ? 7.024   -4.519  -3.773  1.00 8.90  ? 202 LEU A CD1 1 
ATOM   646  C CD2 . LEU A 1 80  ? 5.837   -3.375  -5.671  1.00 11.80 ? 202 LEU A CD2 1 
ATOM   647  N N   . HIS A 1 81  ? 10.135  -0.159  -5.848  1.00 8.48  ? 203 HIS A N   1 
ATOM   648  C CA  . HIS A 1 81  ? 10.739  1.105   -5.465  1.00 10.67 ? 203 HIS A CA  1 
ATOM   649  C C   . HIS A 1 81  ? 10.155  2.215   -6.338  1.00 9.63  ? 203 HIS A C   1 
ATOM   650  O O   . HIS A 1 81  ? 9.757   3.265   -5.833  1.00 10.09 ? 203 HIS A O   1 
ATOM   651  C CB  . HIS A 1 81  ? 12.270  1.075   -5.574  1.00 10.51 ? 203 HIS A CB  1 
ATOM   652  C CG  . HIS A 1 81  ? 12.936  0.316   -4.457  1.00 12.57 ? 203 HIS A CG  1 
ATOM   653  N ND1 . HIS A 1 81  ? 14.254  0.506   -4.100  1.00 13.37 ? 203 HIS A ND1 1 
ATOM   654  C CD2 . HIS A 1 81  ? 12.444  -0.614  -3.613  1.00 12.67 ? 203 HIS A CD2 1 
ATOM   655  C CE1 . HIS A 1 81  ? 14.543  -0.275  -3.080  1.00 13.40 ? 203 HIS A CE1 1 
ATOM   656  N NE2 . HIS A 1 81  ? 13.467  -0.964  -2.759  1.00 13.47 ? 203 HIS A NE2 1 
ATOM   657  N N   . GLU A 1 82  ? 10.047  1.954   -7.632  1.00 8.97  ? 204 GLU A N   1 
ATOM   658  C CA  . GLU A 1 82  ? 9.493   2.927   -8.565  1.00 7.91  ? 204 GLU A CA  1 
ATOM   659  C C   . GLU A 1 82  ? 8.033   3.201   -8.240  1.00 7.98  ? 204 GLU A C   1 
ATOM   660  O O   . GLU A 1 82  ? 7.599   4.354   -8.255  1.00 8.41  ? 204 GLU A O   1 
ATOM   661  C CB  . GLU A 1 82  ? 9.619   2.429   -10.005 1.00 8.51  ? 204 GLU A CB  1 
ATOM   662  C CG  . GLU A 1 82  ? 10.984  2.575   -10.606 1.00 10.19 ? 204 GLU A CG  1 
ATOM   663  C CD  . GLU A 1 82  ? 11.947  1.457   -10.255 1.00 11.56 ? 204 GLU A CD  1 
ATOM   664  O OE1 . GLU A 1 82  ? 11.628  0.584   -9.439  1.00 13.15 ? 204 GLU A OE1 1 
ATOM   665  O OE2 . GLU A 1 82  ? 13.043  1.432   -10.826 1.00 16.06 ? 204 GLU A OE2 1 
ATOM   666  N N   . LEU A 1 83  ? 7.273   2.147   -7.949  1.00 8.92  ? 205 LEU A N   1 
ATOM   667  C CA  . LEU A 1 83  ? 5.863   2.287   -7.605  1.00 9.30  ? 205 LEU A CA  1 
ATOM   668  C C   . LEU A 1 83  ? 5.668   3.141   -6.352  1.00 10.49 ? 205 LEU A C   1 
ATOM   669  O O   . LEU A 1 83  ? 4.815   4.037   -6.335  1.00 12.20 ? 205 LEU A O   1 
ATOM   670  C CB  . LEU A 1 83  ? 5.203   0.918   -7.441  1.00 9.06  ? 205 LEU A CB  1 
ATOM   671  C CG  . LEU A 1 83  ? 3.696   0.817   -7.136  1.00 8.47  ? 205 LEU A CG  1 
ATOM   672  C CD1 . LEU A 1 83  ? 3.179   -0.531  -7.601  1.00 8.56  ? 205 LEU A CD1 1 
ATOM   673  C CD2 . LEU A 1 83  ? 3.392   1.020   -5.652  1.00 7.41  ? 205 LEU A CD2 1 
ATOM   674  N N   . VAL A 1 84  ? 6.455   2.885   -5.311  1.00 10.12 ? 206 VAL A N   1 
ATOM   675  C CA  . VAL A 1 84  ? 6.350   3.660   -4.088  1.00 9.46  ? 206 VAL A CA  1 
ATOM   676  C C   . VAL A 1 84  ? 6.744   5.116   -4.305  1.00 6.29  ? 206 VAL A C   1 
ATOM   677  O O   . VAL A 1 84  ? 6.094   6.022   -3.777  1.00 10.83 ? 206 VAL A O   1 
ATOM   678  C CB  . VAL A 1 84  ? 7.169   2.989   -2.901  1.00 8.39  ? 206 VAL A CB  1 
ATOM   679  C CG1 . VAL A 1 84  ? 7.194   3.891   -1.686  1.00 7.83  ? 206 VAL A CG1 1 
ATOM   680  C CG2 . VAL A 1 84  ? 6.520   1.679   -2.493  1.00 9.38  ? 206 VAL A CG2 1 
ATOM   681  N N   . ARG A 1 85  ? 7.772   5.338   -5.117  1.00 7.17  ? 207 ARG A N   1 
ATOM   682  C CA  . ARG A 1 85  ? 8.240   6.683   -5.418  1.00 9.03  ? 207 ARG A CA  1 
ATOM   683  C C   . ARG A 1 85  ? 7.127   7.440   -6.195  1.00 9.71  ? 207 ARG A C   1 
ATOM   684  O O   . ARG A 1 85  ? 6.788   8.586   -5.877  1.00 7.88  ? 207 ARG A O   1 
ATOM   685  C CB  . ARG A 1 85  ? 9.502   6.621   -6.268  1.00 11.74 ? 207 ARG A CB  1 
ATOM   686  C CG  . ARG A 1 85  ? 10.028  7.974   -6.757  1.00 20.94 ? 207 ARG A CG  1 
ATOM   687  C CD  . ARG A 1 85  ? 11.170  7.847   -7.791  1.00 27.76 ? 207 ARG A CD  1 
ATOM   688  N NE  . ARG A 1 85  ? 11.571  9.158   -8.289  1.00 32.74 ? 207 ARG A NE  1 
ATOM   689  C CZ  . ARG A 1 85  ? 12.417  9.974   -7.643  1.00 35.96 ? 207 ARG A CZ  1 
ATOM   690  N NH1 . ARG A 1 85  ? 13.010  9.606   -6.518  1.00 34.25 ? 207 ARG A NH1 1 
ATOM   691  N NH2 . ARG A 1 85  ? 12.714  11.154  -8.196  1.00 37.12 ? 207 ARG A NH2 1 
ATOM   692  N N   . HIS A 1 86  ? 6.502   6.740   -7.137  1.00 8.50  ? 208 HIS A N   1 
ATOM   693  C CA  . HIS A 1 86  ? 5.438   7.317   -7.936  1.00 11.80 ? 208 HIS A CA  1 
ATOM   694  C C   . HIS A 1 86  ? 4.252   7.774   -7.125  1.00 12.82 ? 208 HIS A C   1 
ATOM   695  O O   . HIS A 1 86  ? 3.767   8.897   -7.314  1.00 11.63 ? 208 HIS A O   1 
ATOM   696  C CB  . HIS A 1 86  ? 4.956   6.339   -9.000  1.00 13.88 ? 208 HIS A CB  1 
ATOM   697  C CG  . HIS A 1 86  ? 3.784   6.854   -9.783  1.00 16.01 ? 208 HIS A CG  1 
ATOM   698  N ND1 . HIS A 1 86  ? 3.933   7.569   -10.955 1.00 17.51 ? 208 HIS A ND1 1 
ATOM   699  C CD2 . HIS A 1 86  ? 2.462   6.825   -9.523  1.00 15.81 ? 208 HIS A CD2 1 
ATOM   700  C CE1 . HIS A 1 86  ? 2.751   7.967   -11.372 1.00 16.01 ? 208 HIS A CE1 1 
ATOM   701  N NE2 . HIS A 1 86  ? 1.835   7.524   -10.516 1.00 16.15 ? 208 HIS A NE2 1 
ATOM   702  N N   . TYR A 1 87  ? 3.764   6.887   -6.259  1.00 9.99  ? 209 TYR A N   1 
ATOM   703  C CA  . TYR A 1 87  ? 2.610   7.193   -5.434  1.00 9.19  ? 209 TYR A CA  1 
ATOM   704  C C   . TYR A 1 87  ? 2.950   8.078   -4.244  1.00 8.42  ? 209 TYR A C   1 
ATOM   705  O O   . TYR A 1 87  ? 2.061   8.589   -3.561  1.00 8.05  ? 209 TYR A O   1 
ATOM   706  C CB  . TYR A 1 87  ? 1.859   5.915   -5.048  1.00 10.00 ? 209 TYR A CB  1 
ATOM   707  C CG  . TYR A 1 87  ? 1.165   5.284   -6.230  1.00 11.33 ? 209 TYR A CG  1 
ATOM   708  C CD1 . TYR A 1 87  ? 0.035   5.886   -6.797  1.00 12.28 ? 209 TYR A CD1 1 
ATOM   709  C CD2 . TYR A 1 87  ? 1.649   4.108   -6.808  1.00 11.92 ? 209 TYR A CD2 1 
ATOM   710  C CE1 . TYR A 1 87  ? -0.603  5.331   -7.909  1.00 12.35 ? 209 TYR A CE1 1 
ATOM   711  C CE2 . TYR A 1 87  ? 1.024   3.541   -7.916  1.00 12.52 ? 209 TYR A CE2 1 
ATOM   712  C CZ  . TYR A 1 87  ? -0.101  4.161   -8.465  1.00 14.44 ? 209 TYR A CZ  1 
ATOM   713  O OH  . TYR A 1 87  ? -0.707  3.591   -9.566  1.00 14.19 ? 209 TYR A OH  1 
ATOM   714  N N   . THR A 1 88  ? 4.246   8.216   -3.965  1.00 8.99  ? 210 THR A N   1 
ATOM   715  C CA  . THR A 1 88  ? 4.686   9.123   -2.910  1.00 9.47  ? 210 THR A CA  1 
ATOM   716  C C   . THR A 1 88  ? 4.596   10.538  -3.535  1.00 9.82  ? 210 THR A C   1 
ATOM   717  O O   . THR A 1 88  ? 4.190   11.489  -2.889  1.00 9.55  ? 210 THR A O   1 
ATOM   718  C CB  . THR A 1 88  ? 6.131   8.822   -2.465  1.00 10.39 ? 210 THR A CB  1 
ATOM   719  O OG1 . THR A 1 88  ? 6.168   7.546   -1.790  1.00 9.91  ? 210 THR A OG1 1 
ATOM   720  C CG2 . THR A 1 88  ? 6.638   9.908   -1.521  1.00 9.44  ? 210 THR A CG2 1 
ATOM   721  N N   . ASN A 1 89  ? 4.939   10.636  -4.813  1.00 10.75 ? 211 ASN A N   1 
ATOM   722  C CA  . ASN A 1 89  ? 4.892   11.896  -5.552  1.00 14.12 ? 211 ASN A CA  1 
ATOM   723  C C   . ASN A 1 89  ? 3.487   12.353  -5.927  1.00 12.89 ? 211 ASN A C   1 
ATOM   724  O O   . ASN A 1 89  ? 3.185   13.543  -5.853  1.00 12.27 ? 211 ASN A O   1 
ATOM   725  C CB  . ASN A 1 89  ? 5.756   11.807  -6.820  1.00 17.14 ? 211 ASN A CB  1 
ATOM   726  C CG  . ASN A 1 89  ? 7.237   11.891  -6.517  1.00 21.95 ? 211 ASN A CG  1 
ATOM   727  O OD1 . ASN A 1 89  ? 7.657   12.614  -5.610  1.00 23.42 ? 211 ASN A OD1 1 
ATOM   728  N ND2 . ASN A 1 89  ? 8.037   11.133  -7.253  1.00 24.02 ? 211 ASN A ND2 1 
ATOM   729  N N   . ALA A 1 90  ? 2.637   11.415  -6.336  1.00 12.18 ? 212 ALA A N   1 
ATOM   730  C CA  . ALA A 1 90  ? 1.257   11.739  -6.728  1.00 11.75 ? 212 ALA A CA  1 
ATOM   731  C C   . ALA A 1 90  ? 0.303   10.662  -6.260  1.00 10.69 ? 212 ALA A C   1 
ATOM   732  O O   . ALA A 1 90  ? 0.659   9.490   -6.247  1.00 10.42 ? 212 ALA A O   1 
ATOM   733  C CB  . ALA A 1 90  ? 1.152   11.877  -8.264  1.00 8.06  ? 212 ALA A CB  1 
ATOM   734  N N   . SER A 1 91  ? -0.903  11.054  -5.860  1.00 10.23 ? 213 SER A N   1 
ATOM   735  C CA  . SER A 1 91  ? -1.895  10.069  -5.439  1.00 10.99 ? 213 SER A CA  1 
ATOM   736  C C   . SER A 1 91  ? -2.313  9.250   -6.680  1.00 12.29 ? 213 SER A C   1 
ATOM   737  O O   . SER A 1 91  ? -2.579  8.041   -6.576  1.00 11.60 ? 213 SER A O   1 
ATOM   738  C CB  . SER A 1 91  ? -3.091  10.750  -4.767  1.00 9.60  ? 213 SER A CB  1 
ATOM   739  O OG  . SER A 1 91  ? -3.684  11.738  -5.600  1.00 10.04 ? 213 SER A OG  1 
ATOM   740  N N   . ASP A 1 92  ? -2.409  9.929   -7.830  1.00 10.47 ? 214 ASP A N   1 
ATOM   741  C CA  . ASP A 1 92  ? -2.722  9.332   -9.129  1.00 11.05 ? 214 ASP A CA  1 
ATOM   742  C C   . ASP A 1 92  ? -3.678  8.143   -9.114  1.00 10.89 ? 214 ASP A C   1 
ATOM   743  O O   . ASP A 1 92  ? -3.368  7.066   -9.653  1.00 11.31 ? 214 ASP A O   1 
ATOM   744  C CB  . ASP A 1 92  ? -1.392  8.940   -9.799  1.00 10.65 ? 214 ASP A CB  1 
ATOM   745  C CG  . ASP A 1 92  ? -1.546  8.576   -11.254 1.00 15.67 ? 214 ASP A CG  1 
ATOM   746  O OD1 . ASP A 1 92  ? -2.602  8.859   -11.864 1.00 16.09 ? 214 ASP A OD1 1 
ATOM   747  O OD2 . ASP A 1 92  ? -0.601  7.975   -11.803 1.00 16.40 ? 214 ASP A OD2 1 
ATOM   748  N N   . GLY A 1 93  ? -4.848  8.340   -8.510  1.00 13.71 ? 215 GLY A N   1 
ATOM   749  C CA  . GLY A 1 93  ? -5.848  7.278   -8.418  1.00 13.36 ? 215 GLY A CA  1 
ATOM   750  C C   . GLY A 1 93  ? -6.091  6.820   -6.988  1.00 12.92 ? 215 GLY A C   1 
ATOM   751  O O   . GLY A 1 93  ? -7.224  6.550   -6.585  1.00 10.90 ? 215 GLY A O   1 
ATOM   752  N N   . LEU A 1 94  ? -5.023  6.729   -6.199  1.00 12.49 ? 216 LEU A N   1 
ATOM   753  C CA  . LEU A 1 94  ? -5.169  6.301   -4.820  1.00 10.56 ? 216 LEU A CA  1 
ATOM   754  C C   . LEU A 1 94  ? -5.956  7.299   -3.966  1.00 10.31 ? 216 LEU A C   1 
ATOM   755  O O   . LEU A 1 94  ? -6.121  8.467   -4.335  1.00 10.96 ? 216 LEU A O   1 
ATOM   756  C CB  . LEU A 1 94  ? -3.800  6.066   -4.182  1.00 10.61 ? 216 LEU A CB  1 
ATOM   757  C CG  . LEU A 1 94  ? -2.795  5.120   -4.835  1.00 10.81 ? 216 LEU A CG  1 
ATOM   758  C CD1 . LEU A 1 94  ? -1.656  4.939   -3.855  1.00 8.73  ? 216 LEU A CD1 1 
ATOM   759  C CD2 . LEU A 1 94  ? -3.449  3.777   -5.161  1.00 10.81 ? 216 LEU A CD2 1 
ATOM   760  N N   . CYS A 1 95  ? -6.407  6.835   -2.809  1.00 9.39  ? 217 CYS A N   1 
ATOM   761  C CA  . CYS A 1 95  ? -7.159  7.648   -1.865  1.00 11.75 ? 217 CYS A CA  1 
ATOM   762  C C   . CYS A 1 95  ? -6.325  8.771   -1.261  1.00 10.82 ? 217 CYS A C   1 
ATOM   763  O O   . CYS A 1 95  ? -6.877  9.746   -0.756  1.00 13.01 ? 217 CYS A O   1 
ATOM   764  C CB  . CYS A 1 95  ? -7.715  6.777   -0.740  1.00 13.92 ? 217 CYS A CB  1 
ATOM   765  S SG  . CYS A 1 95  ? -6.451  5.998   0.327   1.00 17.15 ? 217 CYS A SG  1 
ATOM   766  N N   . THR A 1 96  ? -5.002  8.635   -1.302  1.00 9.79  ? 218 THR A N   1 
ATOM   767  C CA  . THR A 1 96  ? -4.100  9.663   -0.779  1.00 11.84 ? 218 THR A CA  1 
ATOM   768  C C   . THR A 1 96  ? -2.671  9.323   -1.222  1.00 12.15 ? 218 THR A C   1 
ATOM   769  O O   . THR A 1 96  ? -2.433  8.232   -1.752  1.00 10.33 ? 218 THR A O   1 
ATOM   770  C CB  . THR A 1 96  ? -4.188  9.750   0.771   1.00 16.33 ? 218 THR A CB  1 
ATOM   771  O OG1 . THR A 1 96  ? -3.557  10.963  1.235   1.00 16.82 ? 218 THR A OG1 1 
ATOM   772  C CG2 . THR A 1 96  ? -3.506  8.528   1.434   1.00 15.99 ? 218 THR A CG2 1 
ATOM   773  N N   . ARG A 1 97  ? -1.749  10.280  -1.099  1.00 10.81 ? 219 ARG A N   1 
ATOM   774  C CA  . ARG A 1 97  ? -0.361  10.028  -1.472  1.00 11.31 ? 219 ARG A CA  1 
ATOM   775  C C   . ARG A 1 97  ? 0.279   9.191   -0.371  1.00 11.86 ? 219 ARG A C   1 
ATOM   776  O O   . ARG A 1 97  ? -0.123  9.270   0.795   1.00 10.95 ? 219 ARG A O   1 
ATOM   777  C CB  . ARG A 1 97  ? 0.433   11.332  -1.598  1.00 11.74 ? 219 ARG A CB  1 
ATOM   778  C CG  . ARG A 1 97  ? 0.001   12.264  -2.729  1.00 13.48 ? 219 ARG A CG  1 
ATOM   779  C CD  . ARG A 1 97  ? 0.607   13.657  -2.537  1.00 13.01 ? 219 ARG A CD  1 
ATOM   780  N NE  . ARG A 1 97  ? 2.029   13.684  -2.828  1.00 12.35 ? 219 ARG A NE  1 
ATOM   781  C CZ  . ARG A 1 97  ? 2.884   14.603  -2.383  1.00 13.43 ? 219 ARG A CZ  1 
ATOM   782  N NH1 . ARG A 1 97  ? 2.486   15.594  -1.602  1.00 15.04 ? 219 ARG A NH1 1 
ATOM   783  N NH2 . ARG A 1 97  ? 4.151   14.549  -2.763  1.00 13.49 ? 219 ARG A NH2 1 
ATOM   784  N N   . LEU A 1 98  ? 1.237   8.344   -0.744  1.00 12.38 ? 220 LEU A N   1 
ATOM   785  C CA  . LEU A 1 98  ? 1.939   7.549   0.243   1.00 11.50 ? 220 LEU A CA  1 
ATOM   786  C C   . LEU A 1 98  ? 2.842   8.525   1.013   1.00 10.54 ? 220 LEU A C   1 
ATOM   787  O O   . LEU A 1 98  ? 3.637   9.257   0.403   1.00 10.16 ? 220 LEU A O   1 
ATOM   788  C CB  . LEU A 1 98  ? 2.788   6.475   -0.440  1.00 11.02 ? 220 LEU A CB  1 
ATOM   789  C CG  . LEU A 1 98  ? 2.116   5.413   -1.316  1.00 12.11 ? 220 LEU A CG  1 
ATOM   790  C CD1 . LEU A 1 98  ? 3.162   4.394   -1.837  1.00 10.10 ? 220 LEU A CD1 1 
ATOM   791  C CD2 . LEU A 1 98  ? 1.013   4.709   -0.516  1.00 11.60 ? 220 LEU A CD2 1 
ATOM   792  N N   . SER A 1 99  ? 2.703   8.553   2.333   1.00 10.59 ? 221 SER A N   1 
ATOM   793  C CA  . SER A 1 99  ? 3.522   9.434   3.149   1.00 11.88 ? 221 SER A CA  1 
ATOM   794  C C   . SER A 1 99  ? 4.666   8.656   3.801   1.00 12.77 ? 221 SER A C   1 
ATOM   795  O O   . SER A 1 99  ? 5.706   8.496   3.189   1.00 17.60 ? 221 SER A O   1 
ATOM   796  C CB  . SER A 1 99  ? 2.682   10.150  4.197   1.00 9.74  ? 221 SER A CB  1 
ATOM   797  O OG  . SER A 1 99  ? 3.451   11.151  4.849   1.00 12.10 ? 221 SER A OG  1 
ATOM   798  N N   . ARG A 1 100 ? 4.463   8.137   5.008   1.00 10.83 ? 222 ARG A N   1 
ATOM   799  C CA  . ARG A 1 100 ? 5.526   7.396   5.691   1.00 10.96 ? 222 ARG A CA  1 
ATOM   800  C C   . ARG A 1 100 ? 5.148   5.950   5.953   1.00 9.27  ? 222 ARG A C   1 
ATOM   801  O O   . ARG A 1 100 ? 3.974   5.628   6.209   1.00 8.32  ? 222 ARG A O   1 
ATOM   802  C CB  . ARG A 1 100 ? 5.844   8.056   7.037   1.00 10.63 ? 222 ARG A CB  1 
ATOM   803  C CG  . ARG A 1 100 ? 6.131   9.555   6.968   1.00 11.43 ? 222 ARG A CG  1 
ATOM   804  C CD  . ARG A 1 100 ? 6.463   10.062  8.350   1.00 12.75 ? 222 ARG A CD  1 
ATOM   805  N NE  . ARG A 1 100 ? 7.748   9.543   8.808   1.00 11.68 ? 222 ARG A NE  1 
ATOM   806  C CZ  . ARG A 1 100 ? 7.992   9.078   10.026  1.00 10.39 ? 222 ARG A CZ  1 
ATOM   807  N NH1 . ARG A 1 100 ? 7.028   9.037   10.926  1.00 8.71  ? 222 ARG A NH1 1 
ATOM   808  N NH2 . ARG A 1 100 ? 9.229   8.742   10.367  1.00 11.20 ? 222 ARG A NH2 1 
ATOM   809  N N   . PRO A 1 101 ? 6.144   5.048   5.918   1.00 10.67 ? 223 PRO A N   1 
ATOM   810  C CA  . PRO A 1 101 ? 5.914   3.632   6.170   1.00 9.51  ? 223 PRO A CA  1 
ATOM   811  C C   . PRO A 1 101 ? 5.380   3.498   7.592   1.00 8.53  ? 223 PRO A C   1 
ATOM   812  O O   . PRO A 1 101 ? 5.605   4.369   8.450   1.00 9.51  ? 223 PRO A O   1 
ATOM   813  C CB  . PRO A 1 101 ? 7.321   3.039   6.082   1.00 12.89 ? 223 PRO A CB  1 
ATOM   814  C CG  . PRO A 1 101 ? 8.024   3.965   5.119   1.00 13.15 ? 223 PRO A CG  1 
ATOM   815  C CD  . PRO A 1 101 ? 7.557   5.310   5.598   1.00 11.32 ? 223 PRO A CD  1 
ATOM   816  N N   . CYS A 1 102 ? 4.651   2.430   7.833   1.00 9.21  ? 224 CYS A N   1 
ATOM   817  C CA  . CYS A 1 102 ? 4.069   2.157   9.133   1.00 8.73  ? 224 CYS A CA  1 
ATOM   818  C C   . CYS A 1 102 ? 5.158   2.196   10.219  1.00 8.20  ? 224 CYS A C   1 
ATOM   819  O O   . CYS A 1 102 ? 6.218   1.594   10.055  1.00 8.36  ? 224 CYS A O   1 
ATOM   820  C CB  . CYS A 1 102 ? 3.426   0.759   9.101   1.00 7.87  ? 224 CYS A CB  1 
ATOM   821  S SG  . CYS A 1 102 ? 2.534   0.281   10.596  1.00 10.35 ? 224 CYS A SG  1 
ATOM   822  N N   . GLN A 1 103 ? 4.885   2.909   11.310  1.00 7.25  ? 225 GLN A N   1 
ATOM   823  C CA  . GLN A 1 103 ? 5.810   3.004   12.450  1.00 10.19 ? 225 GLN A CA  1 
ATOM   824  C C   . GLN A 1 103 ? 5.411   1.902   13.448  1.00 9.66  ? 225 GLN A C   1 
ATOM   825  O O   . GLN A 1 103 ? 4.226   1.747   13.765  1.00 11.32 ? 225 GLN A O   1 
ATOM   826  C CB  . GLN A 1 103 ? 5.703   4.398   13.085  1.00 9.15  ? 225 GLN A CB  1 
ATOM   827  C CG  . GLN A 1 103 ? 6.120   5.503   12.113  1.00 12.64 ? 225 GLN A CG  1 
ATOM   828  C CD  . GLN A 1 103 ? 7.571   5.372   11.689  1.00 14.39 ? 225 GLN A CD  1 
ATOM   829  O OE1 . GLN A 1 103 ? 8.474   5.459   12.517  1.00 15.76 ? 225 GLN A OE1 1 
ATOM   830  N NE2 . GLN A 1 103 ? 7.801   5.157   10.396  1.00 13.61 ? 225 GLN A NE2 1 
ATOM   831  N N   . THR A 1 104 ? 6.384   1.163   13.970  1.00 9.60  ? 226 THR A N   1 
ATOM   832  C CA  . THR A 1 104 ? 6.074   0.052   14.861  1.00 12.93 ? 226 THR A CA  1 
ATOM   833  C C   . THR A 1 104 ? 6.743   0.120   16.248  1.00 14.34 ? 226 THR A C   1 
ATOM   834  O O   . THR A 1 104 ? 6.494   -0.768  17.095  1.00 12.69 ? 226 THR A O   1 
ATOM   835  C CB  . THR A 1 104 ? 6.485   -1.271  14.192  1.00 14.74 ? 226 THR A CB  1 
ATOM   836  O OG1 . THR A 1 104 ? 7.910   -1.293  14.020  1.00 13.80 ? 226 THR A OG1 1 
ATOM   837  C CG2 . THR A 1 104 ? 5.820   -1.397  12.811  1.00 15.00 ? 226 THR A CG2 1 
ATOM   838  O OXT . THR A 1 104 ? 7.560   1.034   16.456  1.00 15.49 ? 226 THR A OXT 1 
HETATM 839  C C   . ACE B 2 1   ? -11.038 -4.916  -0.446  1.00 9.15  ? 251 ACE B C   1 
HETATM 840  O O   . ACE B 2 1   ? -10.326 -4.356  0.395   1.00 10.00 ? 251 ACE B O   1 
HETATM 841  C CH3 . ACE B 2 1   ? -12.140 -5.847  0.032   1.00 10.54 ? 251 ACE B CH3 1 
HETATM 842  N N   . PTR B 2 2   ? -10.901 -4.722  -1.752  1.00 8.81  ? 252 PTR B N   1 
HETATM 843  C CA  . PTR B 2 2   ? -9.872  -3.867  -2.299  1.00 8.52  ? 252 PTR B CA  1 
HETATM 844  C C   . PTR B 2 2   ? -10.442 -2.649  -3.006  1.00 9.93  ? 252 PTR B C   1 
HETATM 845  O O   . PTR B 2 2   ? -11.546 -2.689  -3.561  1.00 10.46 ? 252 PTR B O   1 
HETATM 846  C CB  . PTR B 2 2   ? -8.992  -4.652  -3.278  1.00 7.52  ? 252 PTR B CB  1 
HETATM 847  C CG  . PTR B 2 2   ? -8.134  -5.708  -2.607  1.00 7.90  ? 252 PTR B CG  1 
HETATM 848  C CD1 . PTR B 2 2   ? -6.908  -5.369  -2.041  1.00 7.76  ? 252 PTR B CD1 1 
HETATM 849  C CD2 . PTR B 2 2   ? -8.530  -7.051  -2.577  1.00 8.31  ? 252 PTR B CD2 1 
HETATM 850  C CE1 . PTR B 2 2   ? -6.081  -6.332  -1.471  1.00 9.98  ? 252 PTR B CE1 1 
HETATM 851  C CE2 . PTR B 2 2   ? -7.708  -8.032  -2.001  1.00 10.30 ? 252 PTR B CE2 1 
HETATM 852  C CZ  . PTR B 2 2   ? -6.483  -7.660  -1.456  1.00 8.87  ? 252 PTR B CZ  1 
HETATM 853  O OH  . PTR B 2 2   ? -5.641  -8.614  -0.941  1.00 10.58 ? 252 PTR B OH  1 
HETATM 854  P P   . PTR B 2 2   ? -5.471  -8.925  0.629   1.00 8.19  ? 252 PTR B P   1 
HETATM 855  O O1P . PTR B 2 2   ? -6.259  -10.113 1.010   1.00 11.03 ? 252 PTR B O1P 1 
HETATM 856  O O2P . PTR B 2 2   ? -5.880  -7.775  1.433   1.00 8.36  ? 252 PTR B O2P 1 
HETATM 857  O O3P . PTR B 2 2   ? -4.008  -9.126  0.724   1.00 9.33  ? 252 PTR B O3P 1 
ATOM   858  N N   . GLU B 2 3   ? -9.693  -1.559  -2.923  1.00 10.27 ? 253 GLU B N   1 
ATOM   859  C CA  . GLU B 2 3   ? -10.034 -0.322  -3.576  1.00 8.72  ? 253 GLU B CA  1 
ATOM   860  C C   . GLU B 2 3   ? -9.334  -0.361  -4.920  1.00 9.90  ? 253 GLU B C   1 
ATOM   861  O O   . GLU B 2 3   ? -8.354  -1.079  -5.090  1.00 10.32 ? 253 GLU B O   1 
ATOM   862  C CB  . GLU B 2 3   ? -9.517  0.860   -2.756  1.00 7.92  ? 253 GLU B CB  1 
ATOM   863  C CG  . GLU B 2 3   ? -10.499 1.343   -1.732  1.00 10.42 ? 253 GLU B CG  1 
ATOM   864  C CD  . GLU B 2 3   ? -11.748 1.933   -2.376  1.00 11.63 ? 253 GLU B CD  1 
ATOM   865  O OE1 . GLU B 2 3   ? -11.624 2.948   -3.104  1.00 11.92 ? 253 GLU B OE1 1 
ATOM   866  O OE2 . GLU B 2 3   ? -12.845 1.381   -2.162  1.00 11.71 ? 253 GLU B OE2 1 
ATOM   867  N N   . GLU B 2 4   ? -9.866  0.380   -5.884  1.00 11.02 ? 254 GLU B N   1 
ATOM   868  C CA  . GLU B 2 4   ? -9.286  0.449   -7.217  1.00 12.16 ? 254 GLU B CA  1 
ATOM   869  C C   . GLU B 2 4   ? -8.608  1.808   -7.347  1.00 12.76 ? 254 GLU B C   1 
ATOM   870  O O   . GLU B 2 4   ? -9.142  2.815   -6.869  1.00 10.41 ? 254 GLU B O   1 
ATOM   871  C CB  . GLU B 2 4   ? -10.384 0.357   -8.280  1.00 15.16 ? 254 GLU B CB  1 
ATOM   872  C CG  . GLU B 2 4   ? -11.209 -0.917  -8.232  1.00 18.88 ? 254 GLU B CG  1 
ATOM   873  C CD  . GLU B 2 4   ? -10.455 -2.136  -8.745  1.00 24.04 ? 254 GLU B CD  1 
ATOM   874  O OE1 . GLU B 2 4   ? -9.651  -1.993  -9.698  1.00 26.67 ? 254 GLU B OE1 1 
ATOM   875  O OE2 . GLU B 2 4   ? -10.687 -3.250  -8.215  1.00 24.09 ? 254 GLU B OE2 1 
ATOM   876  N N   . GLY B 2 5   ? -7.454  1.830   -8.003  1.00 15.30 ? 255 GLY B N   1 
ATOM   877  C CA  . GLY B 2 5   ? -6.723  3.066   -8.215  1.00 18.18 ? 255 GLY B CA  1 
ATOM   878  C C   . GLY B 2 5   ? -6.850  3.478   -9.671  1.00 21.16 ? 255 GLY B C   1 
ATOM   879  O O   . GLY B 2 5   ? -7.947  3.269   -10.245 1.00 21.55 ? 255 GLY B O   1 
ATOM   880  O OXT . GLY B 2 5   ? -5.857  3.969   -10.251 1.00 21.23 ? 255 GLY B OXT 1 
HETATM 881  O O   . HOH C 3 .   ? -3.801  -8.623  -3.465  1.00 10.26 ? 301 HOH A O   1 
HETATM 882  O O   . HOH C 3 .   ? -5.194  -0.781  16.336  1.00 8.63  ? 302 HOH A O   1 
HETATM 883  O O   . HOH C 3 .   ? -6.223  -10.687 7.600   1.00 7.49  ? 303 HOH A O   1 
HETATM 884  O O   . HOH C 3 .   ? 2.604   -0.479  14.700  1.00 11.86 ? 304 HOH A O   1 
HETATM 885  O O   . HOH C 3 .   ? -0.327  1.463   -11.234 1.00 10.01 ? 305 HOH A O   1 
HETATM 886  O O   . HOH C 3 .   ? -4.872  -11.227 11.097  1.00 11.46 ? 306 HOH A O   1 
HETATM 887  O O   . HOH C 3 .   ? 4.025   -6.585  13.767  1.00 9.63  ? 307 HOH A O   1 
HETATM 888  O O   . HOH C 3 .   ? 0.234   -10.698 10.677  1.00 8.72  ? 308 HOH A O   1 
HETATM 889  O O   . HOH C 3 .   ? 9.534   -7.688  5.673   1.00 10.37 ? 309 HOH A O   1 
HETATM 890  O O   . HOH C 3 .   ? 7.730   -7.752  -17.945 1.00 12.28 ? 310 HOH A O   1 
HETATM 891  O O   . HOH C 3 .   ? 2.357   -7.915  -6.672  1.00 12.23 ? 311 HOH A O   1 
HETATM 892  O O   . HOH C 3 .   ? 3.857   6.139   9.620   1.00 12.02 ? 313 HOH A O   1 
HETATM 893  O O   . HOH C 3 .   ? -5.853  10.036  -6.531  1.00 10.93 ? 314 HOH A O   1 
HETATM 894  O O   . HOH C 3 .   ? -2.308  -8.425  -5.681  1.00 11.93 ? 315 HOH A O   1 
HETATM 895  O O   . HOH C 3 .   ? 5.827   -4.519  13.468  1.00 8.99  ? 317 HOH A O   1 
HETATM 896  O O   . HOH C 3 .   ? 3.569   3.587   15.882  1.00 16.93 ? 318 HOH A O   1 
HETATM 897  O O   . HOH C 3 .   ? 3.848   11.855  -0.114  1.00 9.97  ? 319 HOH A O   1 
HETATM 898  O O   . HOH C 3 .   ? 13.525  -1.289  -8.970  1.00 11.77 ? 320 HOH A O   1 
HETATM 899  O O   . HOH C 3 .   ? 8.934   -1.967  11.397  1.00 14.11 ? 321 HOH A O   1 
HETATM 900  O O   . HOH C 3 .   ? 10.473  3.826   9.490   1.00 14.69 ? 322 HOH A O   1 
HETATM 901  O O   . HOH C 3 .   ? -0.753  -10.250 -9.853  1.00 12.45 ? 324 HOH A O   1 
HETATM 902  O O   . HOH C 3 .   ? 7.774   8.691   13.623  1.00 17.80 ? 325 HOH A O   1 
HETATM 903  O O   . HOH C 3 .   ? 10.689  -5.612  -14.009 1.00 14.12 ? 326 HOH A O   1 
HETATM 904  O O   . HOH C 3 .   ? 12.157  -1.974  -6.736  1.00 14.09 ? 327 HOH A O   1 
HETATM 905  O O   . HOH C 3 .   ? 1.728   -14.703 2.064   1.00 16.44 ? 329 HOH A O   1 
HETATM 906  O O   . HOH C 3 .   ? 0.608   -14.828 -0.390  1.00 16.28 ? 330 HOH A O   1 
HETATM 907  O O   . HOH C 3 .   ? 6.572   4.069   16.844  1.00 26.61 ? 331 HOH A O   1 
HETATM 908  O O   . HOH C 3 .   ? -6.901  -0.500  -9.529  1.00 24.31 ? 332 HOH A O   1 
HETATM 909  O O   . HOH C 3 .   ? 2.393   -13.676 -2.333  1.00 15.61 ? 333 HOH A O   1 
HETATM 910  O O   . HOH C 3 .   ? -0.799  11.381  2.544   1.00 25.67 ? 334 HOH A O   1 
HETATM 911  O O   . HOH C 3 .   ? -8.739  -5.630  11.460  1.00 18.05 ? 335 HOH A O   1 
HETATM 912  O O   . HOH C 3 .   ? -0.404  8.391   -14.566 1.00 25.00 ? 336 HOH A O   1 
HETATM 913  O O   . HOH C 3 .   ? -3.221  -9.393  -8.182  1.00 23.97 ? 337 HOH A O   1 
HETATM 914  O O   . HOH C 3 .   ? -3.251  4.485   -9.508  1.00 18.58 ? 338 HOH A O   1 
HETATM 915  O O   . HOH C 3 .   ? 16.024  -0.396  -0.247  1.00 19.86 ? 339 HOH A O   1 
HETATM 916  O O   . HOH C 3 .   ? 6.074   -9.408  8.032   1.00 21.00 ? 340 HOH A O   1 
HETATM 917  O O   . HOH C 3 .   ? 0.165   -13.753 -8.220  1.00 20.47 ? 341 HOH A O   1 
HETATM 918  O O   . HOH C 3 .   ? 16.504  -1.612  -4.947  1.00 17.77 ? 342 HOH A O   1 
HETATM 919  O O   . HOH C 3 .   ? 2.411   9.066   7.245   1.00 15.86 ? 343 HOH A O   1 
HETATM 920  O O   . HOH C 3 .   ? 7.671   7.208   0.488   1.00 25.41 ? 345 HOH A O   1 
HETATM 921  O O   . HOH C 3 .   ? -0.896  -10.216 4.112   1.00 13.79 ? 346 HOH A O   1 
HETATM 922  O O   . HOH C 3 .   ? 15.715  -3.885  7.282   1.00 22.68 ? 347 HOH A O   1 
HETATM 923  O O   . HOH C 3 .   ? 12.586  2.554   1.436   1.00 16.63 ? 348 HOH A O   1 
HETATM 924  O O   . HOH C 3 .   ? 3.166   2.215   -18.020 1.00 26.51 ? 349 HOH A O   1 
HETATM 925  O O   . HOH C 3 .   ? -1.411  -14.122 6.167   1.00 20.74 ? 350 HOH A O   1 
HETATM 926  O O   . HOH C 3 .   ? 0.222   -13.482 8.936   1.00 20.03 ? 351 HOH A O   1 
HETATM 927  O O   . HOH C 3 .   ? 16.391  -7.822  2.583   1.00 23.20 ? 352 HOH A O   1 
HETATM 928  O O   . HOH C 3 .   ? 10.221  -8.059  -19.166 1.00 13.19 ? 353 HOH A O   1 
HETATM 929  O O   . HOH C 3 .   ? 6.175   -12.004 -21.064 1.00 22.61 ? 354 HOH A O   1 
HETATM 930  O O   . HOH C 3 .   ? 1.555   12.158  6.653   1.00 19.93 ? 355 HOH A O   1 
HETATM 931  O O   . HOH C 3 .   ? 1.524   -9.581  -17.567 1.00 22.61 ? 356 HOH A O   1 
HETATM 932  O O   . HOH C 3 .   ? -1.541  -17.355 -7.692  1.00 23.83 ? 357 HOH A O   1 
HETATM 933  O O   . HOH C 3 .   ? -0.085  5.859   22.871  1.00 23.49 ? 358 HOH A O   1 
HETATM 934  O O   . HOH C 3 .   ? -1.920  14.000  7.617   1.00 25.10 ? 359 HOH A O   1 
HETATM 935  O O   . HOH C 3 .   ? -4.411  6.359   22.144  1.00 24.84 ? 360 HOH A O   1 
HETATM 936  O O   . HOH C 3 .   ? 3.980   10.675  -9.450  1.00 15.96 ? 361 HOH A O   1 
HETATM 937  O O   . HOH C 3 .   ? -5.997  8.900   9.866   1.00 31.40 ? 362 HOH A O   1 
HETATM 938  O O   . HOH C 3 .   ? -8.504  15.047  12.047  1.00 39.39 ? 364 HOH A O   1 
HETATM 939  O O   . HOH C 3 .   ? 7.705   9.914   2.060   1.00 16.33 ? 365 HOH A O   1 
HETATM 940  O O   . HOH C 3 .   ? -10.938 -4.986  5.804   1.00 18.77 ? 366 HOH A O   1 
HETATM 941  O O   . HOH C 3 .   ? 7.041   13.433  -3.015  1.00 26.66 ? 367 HOH A O   1 
HETATM 942  O O   . HOH C 3 .   ? 9.110   -2.947  15.605  1.00 19.20 ? 368 HOH A O   1 
HETATM 943  O O   . HOH C 3 .   ? -7.819  -14.814 -5.528  1.00 29.56 ? 369 HOH A O   1 
HETATM 944  O O   . HOH C 3 .   ? 19.003  -3.823  0.863   1.00 23.25 ? 370 HOH A O   1 
HETATM 945  O O   . HOH C 3 .   ? 6.729   -1.722  -16.055 1.00 32.07 ? 371 HOH A O   1 
HETATM 946  O O   . HOH C 3 .   ? 9.307   11.389  -3.415  1.00 30.66 ? 372 HOH A O   1 
HETATM 947  O O   . HOH C 3 .   ? -10.848 -6.368  8.441   1.00 25.44 ? 373 HOH A O   1 
HETATM 948  O O   . HOH C 3 .   ? 8.187   2.593   18.868  1.00 34.62 ? 374 HOH A O   1 
HETATM 949  O O   . HOH C 3 .   ? 5.494   7.779   14.741  1.00 16.52 ? 375 HOH A O   1 
HETATM 950  O O   . HOH C 3 .   ? 9.182   1.395   13.017  1.00 23.14 ? 376 HOH A O   1 
HETATM 951  O O   . HOH C 3 .   ? -16.036 4.029   1.359   1.00 26.05 ? 377 HOH A O   1 
HETATM 952  O O   . HOH C 3 .   ? 17.452  -1.829  1.927   1.00 35.04 ? 378 HOH A O   1 
HETATM 953  O O   . HOH C 3 .   ? 8.975   1.661   10.377  1.00 28.19 ? 379 HOH A O   1 
HETATM 954  O O   . HOH C 3 .   ? 1.662   -11.069 4.202   1.00 30.85 ? 380 HOH A O   1 
HETATM 955  O O   . HOH C 3 .   ? 1.931   -5.848  -13.011 1.00 43.41 ? 382 HOH A O   1 
HETATM 956  O O   . HOH C 3 .   ? -10.243 -8.344  6.760   1.00 20.72 ? 383 HOH A O   1 
HETATM 957  O O   . HOH C 3 .   ? 4.043   8.687   10.799  1.00 20.20 ? 384 HOH A O   1 
HETATM 958  O O   . HOH C 3 .   ? -3.296  7.059   15.459  1.00 23.24 ? 385 HOH A O   1 
HETATM 959  O O   . HOH C 3 .   ? -8.293  11.325  -7.022  1.00 14.28 ? 386 HOH A O   1 
HETATM 960  O O   . HOH C 3 .   ? 6.874   -15.757 -18.779 1.00 24.99 ? 387 HOH A O   1 
HETATM 961  O O   . HOH C 3 .   ? 6.188   -5.903  -19.572 1.00 34.47 ? 389 HOH A O   1 
HETATM 962  O O   . HOH C 3 .   ? 8.779   3.560   -13.272 1.00 28.28 ? 390 HOH A O   1 
HETATM 963  O O   . HOH C 3 .   ? -11.257 2.471   10.352  1.00 24.43 ? 391 HOH A O   1 
HETATM 964  O O   . HOH C 3 .   ? -7.252  -1.282  14.766  1.00 28.11 ? 392 HOH A O   1 
HETATM 965  O O   . HOH C 3 .   ? 3.700   10.875  12.450  1.00 27.67 ? 393 HOH A O   1 
HETATM 966  O O   . HOH C 3 .   ? 13.363  -7.691  2.135   1.00 28.91 ? 394 HOH A O   1 
HETATM 967  O O   . HOH C 3 .   ? 11.438  -8.981  4.082   1.00 25.75 ? 395 HOH A O   1 
HETATM 968  O O   . HOH C 3 .   ? -5.599  -15.358 -7.252  1.00 26.63 ? 396 HOH A O   1 
HETATM 969  O O   . HOH C 3 .   ? 5.426   -16.236 2.807   1.00 32.21 ? 398 HOH A O   1 
HETATM 970  O O   . HOH C 3 .   ? 8.718   6.111   -10.065 1.00 22.62 ? 399 HOH A O   1 
HETATM 971  O O   . HOH C 3 .   ? -10.384 0.761   8.409   1.00 32.53 ? 400 HOH A O   1 
HETATM 972  O O   . HOH C 3 .   ? 6.707   6.652   16.795  1.00 32.04 ? 401 HOH A O   1 
HETATM 973  O O   . HOH C 3 .   ? -12.072 5.371   12.508  1.00 30.56 ? 402 HOH A O   1 
HETATM 974  O O   . HOH C 3 .   ? -6.484  -12.719 -8.060  1.00 35.25 ? 403 HOH A O   1 
HETATM 975  O O   . HOH C 3 .   ? 8.849   -3.861  -16.384 1.00 37.19 ? 404 HOH A O   1 
HETATM 976  O O   . HOH C 3 .   ? 15.521  1.999   -5.967  1.00 25.37 ? 405 HOH A O   1 
HETATM 977  O O   . HOH C 3 .   ? 15.902  -0.927  3.936   1.00 32.96 ? 406 HOH A O   1 
HETATM 978  O O   . HOH C 3 .   ? -4.268  -17.520 -8.498  1.00 33.16 ? 407 HOH A O   1 
HETATM 979  O O   . HOH C 3 .   ? 1.526   4.716   -18.475 1.00 33.83 ? 408 HOH A O   1 
HETATM 980  O O   . HOH C 3 .   ? 8.588   -15.793 5.360   1.00 33.85 ? 409 HOH A O   1 
HETATM 981  O O   . HOH C 3 .   ? 10.343  3.795   13.425  1.00 33.41 ? 410 HOH A O   1 
HETATM 982  O O   . HOH C 3 .   ? 18.516  -0.136  -4.134  1.00 32.50 ? 411 HOH A O   1 
HETATM 983  O O   . HOH C 3 .   ? 15.184  -10.187 3.643   1.00 33.28 ? 413 HOH A O   1 
HETATM 984  O O   . HOH C 3 .   ? -15.350 16.140  6.364   1.00 32.62 ? 414 HOH A O   1 
HETATM 985  O O   . HOH C 3 .   ? -1.365  5.954   25.438  1.00 30.71 ? 415 HOH A O   1 
HETATM 986  O O   . HOH C 3 .   ? 22.586  -2.594  5.941   1.00 31.73 ? 416 HOH A O   1 
HETATM 987  O O   . HOH C 3 .   ? -2.454  7.016   -16.586 1.00 32.03 ? 417 HOH A O   1 
HETATM 988  O O   . HOH C 3 .   ? 4.417   -8.782  -19.293 1.00 36.72 ? 418 HOH A O   1 
HETATM 989  O O   . HOH C 3 .   ? 6.544   7.632   -11.722 1.00 35.93 ? 419 HOH A O   1 
HETATM 990  O O   . HOH C 3 .   ? 13.312  5.958   -7.003  1.00 38.48 ? 420 HOH A O   1 
HETATM 991  O O   . HOH C 3 .   ? 1.237   -13.775 4.414   1.00 32.50 ? 421 HOH A O   1 
HETATM 992  O O   . HOH C 3 .   ? 6.878   3.893   -14.949 1.00 27.96 ? 422 HOH A O   1 
HETATM 993  O O   . HOH C 3 .   ? 3.796   -1.954  -19.051 1.00 30.18 ? 423 HOH A O   1 
HETATM 994  O O   . HOH C 3 .   ? 8.977   -1.592  18.215  1.00 33.56 ? 424 HOH A O   1 
HETATM 995  O O   . HOH C 3 .   ? 13.845  3.298   -12.809 1.00 36.99 ? 425 HOH A O   1 
HETATM 996  O O   . HOH C 3 .   ? 13.824  -0.819  7.023   1.00 27.97 ? 426 HOH A O   1 
HETATM 997  O O   . HOH C 3 .   ? 10.982  -0.843  -17.391 1.00 35.62 ? 427 HOH A O   1 
HETATM 998  O O   . HOH C 3 .   ? 13.074  3.418   -7.405  1.00 35.42 ? 428 HOH A O   1 
HETATM 999  O O   . HOH C 3 .   ? 7.431   0.216   -17.405 1.00 41.47 ? 429 HOH A O   1 
HETATM 1000 O O   . HOH C 3 .   ? -13.632 6.169   2.099   1.00 39.03 ? 430 HOH A O   1 
HETATM 1001 O O   . HOH C 3 .   ? 2.229   9.283   -14.472 1.00 35.58 ? 431 HOH A O   1 
HETATM 1002 O O   . HOH C 3 .   ? -0.858  6.641   0.752   1.00 41.75 ? 432 HOH A O   1 
HETATM 1003 O O   . HOH C 3 .   ? -2.210  8.312   21.182  1.00 37.88 ? 433 HOH A O   1 
HETATM 1004 O O   . HOH C 3 .   ? -4.761  -14.376 8.012   1.00 34.68 ? 434 HOH A O   1 
HETATM 1005 O O   . HOH C 3 .   ? -1.391  -14.999 3.496   1.00 44.25 ? 435 HOH A O   1 
HETATM 1006 O O   . HOH C 3 .   ? 9.362   -0.753  9.293   1.00 32.71 ? 436 HOH A O   1 
HETATM 1007 O O   . HOH C 3 .   ? -7.118  11.943  0.668   1.00 34.03 ? 437 HOH A O   1 
HETATM 1008 O O   . HOH C 3 .   ? 9.265   2.893   15.825  1.00 32.56 ? 438 HOH A O   1 
HETATM 1009 O O   . HOH D 3 .   ? -6.930  -3.162  -6.164  1.00 13.70 ? 312 HOH B O   1 
HETATM 1010 O O   . HOH D 3 .   ? -12.129 -6.436  -3.597  1.00 10.81 ? 316 HOH B O   1 
HETATM 1011 O O   . HOH D 3 .   ? -10.558 -7.206  -5.773  1.00 13.79 ? 323 HOH B O   1 
HETATM 1012 O O   . HOH D 3 .   ? -9.789  -1.714  1.000   1.00 11.87 ? 328 HOH B O   1 
HETATM 1013 O O   . HOH D 3 .   ? -8.949  -4.946  -6.843  1.00 20.56 ? 344 HOH B O   1 
HETATM 1014 O O   . HOH D 3 .   ? -9.271  3.972   -4.441  1.00 29.98 ? 363 HOH B O   1 
HETATM 1015 O O   . HOH D 3 .   ? -14.982 -4.471  -2.733  1.00 29.39 ? 381 HOH B O   1 
HETATM 1016 O O   . HOH D 3 .   ? -14.143 -5.821  -5.825  1.00 18.71 ? 388 HOH B O   1 
HETATM 1017 O O   . HOH D 3 .   ? -13.298 -1.246  -2.378  1.00 30.90 ? 397 HOH B O   1 
HETATM 1018 O O   . HOH D 3 .   ? -10.068 4.224   -9.086  1.00 25.41 ? 412 HOH B O   1 
# 
